data_2KVR
#
_entry.id   2KVR
#
_entity_poly.entity_id   1
_entity_poly.type   'polypeptide(L)'
_entity_poly.pdbx_seq_one_letter_code
;GSPQQLVERLQEEKRIEAQKRKERQEAHLYMQVQIVAEDQFCGHQGNDMYDEEKVKYTVFKVLKNSSLAEFVQSLSQTMG
FPQDQIRLWPMQARSNGTKRPAMLDNEADGNKTMIELSDNENPWTIFLET
;
_entity_poly.pdbx_strand_id   A
#
# COMPACT_ATOMS: atom_id res chain seq x y z
N PRO A 3 -23.20 4.31 0.11
CA PRO A 3 -23.28 3.19 1.09
C PRO A 3 -22.72 1.89 0.46
N GLN A 4 -23.37 1.46 -0.64
CA GLN A 4 -23.11 0.14 -1.25
C GLN A 4 -21.83 0.09 -2.11
N GLN A 5 -21.19 1.26 -2.34
CA GLN A 5 -19.96 1.33 -3.20
C GLN A 5 -18.80 0.52 -2.58
N LEU A 6 -18.73 0.53 -1.24
CA LEU A 6 -17.64 -0.12 -0.48
C LEU A 6 -17.61 -1.64 -0.72
N VAL A 7 -18.80 -2.26 -0.69
CA VAL A 7 -18.95 -3.73 -0.89
C VAL A 7 -18.91 -4.08 -2.40
N GLU A 8 -19.45 -3.17 -3.24
CA GLU A 8 -19.52 -3.35 -4.71
C GLU A 8 -18.11 -3.49 -5.31
N ARG A 9 -17.26 -2.48 -5.04
CA ARG A 9 -15.86 -2.43 -5.52
C ARG A 9 -15.06 -3.63 -5.00
N LEU A 10 -15.35 -4.00 -3.73
CA LEU A 10 -14.60 -5.04 -3.01
C LEU A 10 -14.79 -6.39 -3.71
N GLN A 11 -16.03 -6.66 -4.17
CA GLN A 11 -16.37 -7.90 -4.91
C GLN A 11 -15.68 -7.94 -6.28
N GLU A 12 -15.73 -6.79 -7.00
CA GLU A 12 -15.16 -6.64 -8.36
C GLU A 12 -13.66 -7.00 -8.40
N GLU A 13 -12.98 -6.71 -7.28
CA GLU A 13 -11.56 -7.02 -7.09
C GLU A 13 -11.36 -8.46 -6.58
N LYS A 14 -12.00 -8.77 -5.42
CA LYS A 14 -11.72 -9.98 -4.61
C LYS A 14 -12.09 -11.29 -5.32
N ARG A 15 -12.90 -11.22 -6.40
CA ARG A 15 -13.34 -12.39 -7.19
C ARG A 15 -12.17 -13.34 -7.60
N ILE A 16 -10.93 -12.79 -7.67
CA ILE A 16 -9.71 -13.56 -8.06
C ILE A 16 -9.25 -14.54 -6.96
N GLU A 17 -9.81 -14.39 -5.74
CA GLU A 17 -9.32 -15.05 -4.51
C GLU A 17 -9.39 -16.58 -4.57
N ALA A 18 -10.32 -17.09 -5.40
CA ALA A 18 -10.52 -18.54 -5.61
C ALA A 18 -9.25 -19.22 -6.19
N GLN A 19 -8.37 -18.41 -6.79
CA GLN A 19 -7.10 -18.87 -7.37
C GLN A 19 -5.90 -18.21 -6.64
N LYS A 20 -5.87 -16.87 -6.63
CA LYS A 20 -4.67 -16.07 -6.25
C LYS A 20 -4.52 -15.91 -4.72
N ARG A 21 -5.62 -16.05 -3.95
CA ARG A 21 -5.55 -15.92 -2.47
C ARG A 21 -5.13 -17.29 -1.83
N LYS A 22 -4.61 -18.23 -2.68
CA LYS A 22 -4.10 -19.55 -2.27
C LYS A 22 -3.25 -19.42 -0.98
N GLU A 23 -3.89 -19.74 0.16
CA GLU A 23 -3.31 -19.57 1.49
C GLU A 23 -2.15 -20.57 1.69
N ARG A 24 -0.94 -20.03 1.79
CA ARG A 24 0.29 -20.81 1.97
C ARG A 24 1.30 -19.98 2.78
N GLN A 25 2.49 -20.53 3.01
CA GLN A 25 3.56 -19.84 3.76
C GLN A 25 4.23 -18.74 2.91
N GLU A 26 5.24 -18.09 3.51
CA GLU A 26 6.06 -17.09 2.81
C GLU A 26 6.93 -17.76 1.72
N ALA A 27 6.82 -17.23 0.50
CA ALA A 27 7.45 -17.79 -0.70
C ALA A 27 7.63 -16.65 -1.73
N HIS A 28 7.63 -16.99 -3.06
CA HIS A 28 7.69 -15.99 -4.15
C HIS A 28 6.47 -15.03 -4.15
N LEU A 29 5.47 -15.32 -3.27
CA LEU A 29 4.30 -14.47 -3.05
C LEU A 29 4.67 -13.21 -2.22
N TYR A 30 5.96 -13.09 -1.88
CA TYR A 30 6.65 -11.92 -1.26
C TYR A 30 6.58 -10.59 -2.07
N MET A 31 5.50 -10.36 -2.85
CA MET A 31 5.30 -9.17 -3.71
C MET A 31 5.95 -7.89 -3.13
N GLN A 32 6.78 -7.26 -3.95
CA GLN A 32 7.52 -6.07 -3.58
C GLN A 32 6.64 -4.86 -3.83
N VAL A 33 6.69 -3.88 -2.91
CA VAL A 33 5.94 -2.63 -3.02
C VAL A 33 6.86 -1.45 -2.69
N GLN A 34 6.99 -0.53 -3.65
CA GLN A 34 7.83 0.67 -3.53
C GLN A 34 7.07 1.76 -2.79
N ILE A 35 7.53 2.09 -1.58
CA ILE A 35 6.90 3.11 -0.73
C ILE A 35 7.87 4.27 -0.53
N VAL A 36 7.34 5.50 -0.54
CA VAL A 36 8.06 6.70 -0.10
C VAL A 36 7.15 7.56 0.78
N ALA A 37 7.71 8.05 1.90
CA ALA A 37 7.06 9.04 2.76
C ALA A 37 7.59 10.44 2.43
N GLU A 38 6.95 11.46 3.00
CA GLU A 38 7.33 12.87 2.80
C GLU A 38 7.06 13.64 4.09
N ASP A 39 8.07 14.38 4.51
CA ASP A 39 8.09 15.18 5.73
C ASP A 39 7.44 16.56 5.52
N GLN A 40 7.45 17.04 4.25
CA GLN A 40 7.05 18.43 3.90
C GLN A 40 5.65 18.79 4.41
N PHE A 41 4.72 17.83 4.31
CA PHE A 41 3.32 18.02 4.74
C PHE A 41 3.14 17.92 6.28
N CYS A 42 4.24 17.95 7.07
CA CYS A 42 4.17 17.82 8.54
C CYS A 42 5.42 18.42 9.25
N GLY A 43 6.56 17.71 9.21
CA GLY A 43 7.71 17.99 10.09
C GLY A 43 8.54 19.24 9.76
N HIS A 44 8.60 19.59 8.45
CA HIS A 44 9.34 20.78 7.92
C HIS A 44 10.88 20.60 7.91
N GLN A 45 11.37 19.38 8.21
CA GLN A 45 12.76 18.96 7.98
C GLN A 45 12.97 18.70 6.47
N GLY A 46 13.40 19.75 5.74
CA GLY A 46 13.69 19.65 4.29
C GLY A 46 15.17 19.43 4.03
N ASN A 47 15.81 18.61 4.88
CA ASN A 47 17.26 18.36 4.83
C ASN A 47 17.61 17.33 3.75
N ASP A 48 18.92 17.22 3.47
CA ASP A 48 19.46 16.34 2.42
C ASP A 48 20.28 15.19 3.07
N MET A 49 20.19 15.07 4.40
CA MET A 49 20.92 14.05 5.19
C MET A 49 20.21 12.68 5.10
N TYR A 50 20.43 11.79 6.08
CA TYR A 50 19.66 10.55 6.23
C TYR A 50 18.27 10.89 6.84
N ASP A 51 17.39 11.45 6.00
CA ASP A 51 15.99 11.70 6.33
C ASP A 51 15.21 10.40 6.15
N GLU A 52 14.86 9.73 7.27
CA GLU A 52 14.04 8.48 7.26
C GLU A 52 12.64 8.72 6.64
N GLU A 53 12.30 10.00 6.49
CA GLU A 53 11.12 10.49 5.79
C GLU A 53 11.32 10.32 4.27
N LYS A 54 12.36 10.99 3.75
CA LYS A 54 12.67 11.04 2.29
C LYS A 54 13.86 10.12 1.94
N VAL A 55 13.89 8.93 2.57
CA VAL A 55 14.81 7.84 2.15
C VAL A 55 14.42 7.30 0.77
N LYS A 56 15.28 6.43 0.24
CA LYS A 56 15.05 5.74 -1.04
C LYS A 56 13.81 4.85 -0.96
N TYR A 57 13.29 4.47 -2.13
CA TYR A 57 12.08 3.63 -2.27
C TYR A 57 12.17 2.37 -1.40
N THR A 58 11.51 2.42 -0.25
CA THR A 58 11.51 1.35 0.73
C THR A 58 10.61 0.20 0.23
N VAL A 59 11.27 -0.88 -0.16
CA VAL A 59 10.65 -2.03 -0.80
C VAL A 59 10.26 -3.06 0.27
N PHE A 60 8.95 -3.16 0.54
CA PHE A 60 8.41 -4.14 1.48
C PHE A 60 7.93 -5.35 0.68
N LYS A 61 8.59 -6.47 0.89
CA LYS A 61 8.30 -7.73 0.19
C LYS A 61 7.41 -8.58 1.12
N VAL A 62 6.12 -8.65 0.78
CA VAL A 62 5.08 -9.24 1.63
C VAL A 62 4.08 -10.05 0.78
N LEU A 63 3.22 -10.82 1.47
CA LEU A 63 2.33 -11.80 0.85
C LEU A 63 1.14 -11.11 0.12
N LYS A 64 1.20 -11.14 -1.23
CA LYS A 64 0.14 -10.66 -2.13
C LYS A 64 -1.19 -11.39 -1.90
N ASN A 65 -1.06 -12.68 -1.57
CA ASN A 65 -2.19 -13.60 -1.31
C ASN A 65 -2.79 -13.38 0.09
N SER A 66 -2.11 -12.60 0.94
CA SER A 66 -2.60 -12.22 2.27
C SER A 66 -3.12 -10.77 2.24
N SER A 67 -3.76 -10.37 3.35
CA SER A 67 -4.42 -9.07 3.51
C SER A 67 -3.43 -7.88 3.50
N LEU A 68 -3.94 -6.73 3.04
CA LEU A 68 -3.27 -5.42 3.09
C LEU A 68 -3.07 -5.02 4.58
N ALA A 69 -3.92 -5.56 5.48
CA ALA A 69 -3.85 -5.36 6.95
C ALA A 69 -2.46 -5.63 7.54
N GLU A 70 -1.79 -6.69 7.03
CA GLU A 70 -0.43 -7.05 7.48
C GLU A 70 0.59 -6.01 7.00
N PHE A 71 0.36 -5.49 5.78
CA PHE A 71 1.20 -4.44 5.19
C PHE A 71 1.06 -3.12 6.00
N VAL A 72 -0.17 -2.79 6.42
CA VAL A 72 -0.48 -1.57 7.18
C VAL A 72 0.27 -1.55 8.51
N GLN A 73 0.15 -2.65 9.29
CA GLN A 73 0.75 -2.77 10.63
C GLN A 73 2.30 -2.75 10.54
N SER A 74 2.86 -3.31 9.44
CA SER A 74 4.31 -3.31 9.17
C SER A 74 4.82 -1.88 8.90
N LEU A 75 4.05 -1.15 8.06
CA LEU A 75 4.37 0.22 7.65
C LEU A 75 4.21 1.19 8.84
N SER A 76 3.27 0.84 9.74
CA SER A 76 2.98 1.59 10.97
C SER A 76 4.20 1.65 11.88
N GLN A 77 4.83 0.49 12.09
CA GLN A 77 5.96 0.34 13.00
C GLN A 77 7.26 0.95 12.43
N THR A 78 7.47 0.78 11.11
CA THR A 78 8.77 1.15 10.47
C THR A 78 8.94 2.68 10.31
N MET A 79 7.82 3.43 10.12
CA MET A 79 7.86 4.90 9.91
C MET A 79 7.30 5.65 11.14
N GLY A 80 6.46 4.96 11.92
CA GLY A 80 5.81 5.57 13.09
C GLY A 80 4.46 6.20 12.79
N PHE A 81 3.88 5.86 11.62
CA PHE A 81 2.55 6.34 11.20
C PHE A 81 1.47 5.49 11.89
N PRO A 82 0.37 6.12 12.42
CA PRO A 82 -0.79 5.37 12.95
C PRO A 82 -1.44 4.52 11.85
N GLN A 83 -1.57 3.20 12.12
CA GLN A 83 -2.08 2.22 11.14
C GLN A 83 -3.53 2.52 10.72
N ASP A 84 -4.30 3.12 11.65
CA ASP A 84 -5.69 3.53 11.41
C ASP A 84 -5.75 4.69 10.37
N GLN A 85 -4.64 5.45 10.27
CA GLN A 85 -4.51 6.60 9.36
C GLN A 85 -3.55 6.33 8.17
N ILE A 86 -3.10 5.08 7.99
CA ILE A 86 -2.25 4.74 6.82
C ILE A 86 -3.11 4.69 5.55
N ARG A 87 -3.10 5.80 4.79
CA ARG A 87 -3.70 5.85 3.44
C ARG A 87 -2.60 5.62 2.40
N LEU A 88 -2.86 4.64 1.53
CA LEU A 88 -2.00 4.31 0.39
C LEU A 88 -2.48 5.13 -0.80
N TRP A 89 -1.55 5.71 -1.55
CA TRP A 89 -1.85 6.50 -2.75
C TRP A 89 -1.10 5.87 -3.93
N PRO A 90 -1.81 5.28 -4.95
CA PRO A 90 -1.13 4.56 -6.06
C PRO A 90 -0.48 5.55 -7.04
N MET A 91 0.55 5.10 -7.75
CA MET A 91 1.18 5.92 -8.80
C MET A 91 0.25 5.97 -10.03
N GLN A 92 0.35 7.07 -10.78
CA GLN A 92 -0.38 7.28 -12.04
C GLN A 92 0.56 7.96 -13.04
N ALA A 93 0.01 8.36 -14.20
CA ALA A 93 0.73 9.20 -15.18
C ALA A 93 0.75 10.66 -14.66
N ARG A 94 1.48 10.87 -13.54
CA ARG A 94 1.45 12.13 -12.79
C ARG A 94 2.50 13.08 -13.39
N SER A 95 2.02 13.91 -14.32
CA SER A 95 2.84 14.89 -15.04
C SER A 95 1.94 16.06 -15.49
N ASN A 96 2.49 16.96 -16.33
CA ASN A 96 1.69 17.98 -17.03
C ASN A 96 0.75 17.29 -18.03
N GLY A 97 -0.56 17.34 -17.76
CA GLY A 97 -1.58 16.72 -18.61
C GLY A 97 -2.55 15.85 -17.81
N THR A 98 -2.03 15.21 -16.76
CA THR A 98 -2.81 14.34 -15.85
C THR A 98 -2.14 14.32 -14.46
N LYS A 99 -2.90 14.74 -13.44
CA LYS A 99 -2.53 14.55 -12.03
C LYS A 99 -3.81 14.21 -11.27
N ARG A 100 -4.10 12.91 -11.12
CA ARG A 100 -5.24 12.44 -10.30
C ARG A 100 -4.72 11.67 -9.08
N PRO A 101 -4.43 12.40 -7.94
CA PRO A 101 -4.02 11.76 -6.69
C PRO A 101 -5.25 11.46 -5.78
N ALA A 102 -5.37 10.20 -5.36
CA ALA A 102 -6.44 9.76 -4.43
C ALA A 102 -5.95 8.58 -3.60
N MET A 103 -6.53 8.44 -2.41
CA MET A 103 -6.22 7.35 -1.49
C MET A 103 -7.06 6.12 -1.83
N LEU A 104 -6.57 4.96 -1.39
CA LEU A 104 -7.32 3.70 -1.43
C LEU A 104 -8.42 3.73 -0.33
N ASP A 105 -9.54 3.04 -0.61
CA ASP A 105 -10.65 2.91 0.34
C ASP A 105 -10.18 2.14 1.58
N ASN A 106 -9.92 2.88 2.68
CA ASN A 106 -9.37 2.30 3.93
C ASN A 106 -10.26 1.16 4.50
N GLU A 107 -11.57 1.19 4.15
CA GLU A 107 -12.54 0.13 4.47
C GLU A 107 -12.16 -1.21 3.78
N ALA A 108 -12.13 -1.20 2.44
CA ALA A 108 -11.89 -2.40 1.63
C ALA A 108 -10.42 -2.82 1.70
N ASP A 109 -9.58 -1.82 1.52
CA ASP A 109 -8.13 -1.95 1.25
C ASP A 109 -7.33 -1.92 2.57
N GLY A 110 -7.95 -2.48 3.62
CA GLY A 110 -7.27 -2.86 4.85
C GLY A 110 -7.82 -4.17 5.39
N ASN A 111 -8.71 -4.82 4.60
CA ASN A 111 -9.39 -6.07 4.98
C ASN A 111 -9.10 -7.21 3.99
N LYS A 112 -9.00 -6.89 2.68
CA LYS A 112 -8.80 -7.92 1.62
C LYS A 112 -7.32 -7.96 1.20
N THR A 113 -6.99 -8.76 0.16
CA THR A 113 -5.59 -9.00 -0.25
C THR A 113 -5.03 -7.83 -1.09
N MET A 114 -3.70 -7.64 -1.05
CA MET A 114 -3.05 -6.48 -1.71
C MET A 114 -2.83 -6.71 -3.23
N ILE A 115 -3.10 -7.94 -3.69
CA ILE A 115 -2.92 -8.32 -5.11
C ILE A 115 -3.97 -7.63 -6.00
N GLU A 116 -5.13 -7.39 -5.39
CA GLU A 116 -6.31 -6.81 -6.05
C GLU A 116 -6.05 -5.33 -6.44
N LEU A 117 -5.19 -4.70 -5.63
CA LEU A 117 -4.84 -3.29 -5.74
C LEU A 117 -3.64 -3.10 -6.68
N SER A 118 -2.66 -4.01 -6.57
CA SER A 118 -1.41 -3.95 -7.35
C SER A 118 -1.66 -4.22 -8.84
N ASP A 119 -2.64 -5.10 -9.11
CA ASP A 119 -2.89 -5.67 -10.45
C ASP A 119 -1.68 -6.55 -10.84
N ASN A 120 -1.22 -7.34 -9.85
CA ASN A 120 -0.22 -8.42 -10.01
C ASN A 120 1.18 -7.90 -10.41
N GLU A 121 1.48 -6.62 -10.13
CA GLU A 121 2.80 -6.03 -10.43
C GLU A 121 3.67 -5.92 -9.16
N ASN A 122 5.00 -5.90 -9.37
CA ASN A 122 6.00 -5.70 -8.30
C ASN A 122 7.32 -5.18 -8.93
N PRO A 123 7.98 -4.12 -8.36
CA PRO A 123 7.53 -3.39 -7.16
C PRO A 123 6.45 -2.31 -7.49
N TRP A 124 5.31 -2.38 -6.77
CA TRP A 124 4.17 -1.48 -6.97
C TRP A 124 4.43 -0.13 -6.26
N THR A 125 4.52 0.96 -7.04
CA THR A 125 4.89 2.29 -6.51
C THR A 125 3.68 2.96 -5.81
N ILE A 126 3.92 3.51 -4.62
CA ILE A 126 2.90 4.08 -3.73
C ILE A 126 3.51 5.18 -2.84
N PHE A 127 2.65 6.13 -2.43
CA PHE A 127 2.97 7.23 -1.51
C PHE A 127 2.20 7.01 -0.19
N LEU A 128 2.81 7.33 0.94
CA LEU A 128 2.18 7.15 2.27
C LEU A 128 1.57 8.50 2.72
N GLU A 129 0.36 8.43 3.30
CA GLU A 129 -0.36 9.58 3.88
C GLU A 129 -0.78 9.26 5.33
N THR A 130 -0.82 10.30 6.19
CA THR A 130 -1.28 10.16 7.59
C THR A 130 -2.75 10.70 7.70
N PRO A 3 -23.34 3.56 1.38
CA PRO A 3 -23.06 2.20 1.91
C PRO A 3 -22.62 1.24 0.79
N GLN A 4 -23.26 1.36 -0.39
CA GLN A 4 -23.08 0.42 -1.51
C GLN A 4 -21.66 0.51 -2.07
N GLN A 5 -21.11 1.74 -2.19
CA GLN A 5 -19.83 1.98 -2.88
C GLN A 5 -18.68 1.09 -2.35
N LEU A 6 -18.64 0.87 -1.01
CA LEU A 6 -17.60 0.05 -0.35
C LEU A 6 -17.75 -1.44 -0.73
N VAL A 7 -18.98 -1.99 -0.61
CA VAL A 7 -19.21 -3.43 -0.82
C VAL A 7 -19.14 -3.80 -2.31
N GLU A 8 -19.69 -2.93 -3.18
CA GLU A 8 -19.77 -3.16 -4.64
C GLU A 8 -18.36 -3.25 -5.25
N ARG A 9 -17.48 -2.30 -4.89
CA ARG A 9 -16.08 -2.30 -5.34
C ARG A 9 -15.31 -3.49 -4.72
N LEU A 10 -15.67 -3.86 -3.46
CA LEU A 10 -14.96 -4.90 -2.70
C LEU A 10 -15.20 -6.28 -3.35
N GLN A 11 -16.41 -6.48 -3.90
CA GLN A 11 -16.79 -7.72 -4.64
C GLN A 11 -15.94 -7.85 -5.92
N GLU A 12 -15.83 -6.73 -6.64
CA GLU A 12 -15.04 -6.61 -7.90
C GLU A 12 -13.52 -6.75 -7.63
N GLU A 13 -13.10 -6.39 -6.42
CA GLU A 13 -11.69 -6.50 -5.98
C GLU A 13 -11.35 -7.95 -5.60
N LYS A 14 -12.13 -8.49 -4.65
CA LYS A 14 -11.82 -9.76 -3.95
C LYS A 14 -12.08 -10.99 -4.80
N ARG A 15 -12.85 -10.83 -5.90
CA ARG A 15 -13.20 -11.93 -6.84
C ARG A 15 -11.97 -12.78 -7.30
N ILE A 16 -10.75 -12.18 -7.25
CA ILE A 16 -9.50 -12.84 -7.70
C ILE A 16 -9.10 -14.03 -6.79
N GLU A 17 -9.70 -14.09 -5.57
CA GLU A 17 -9.46 -15.14 -4.56
C GLU A 17 -9.76 -16.54 -5.12
N ALA A 18 -10.62 -16.60 -6.15
CA ALA A 18 -10.97 -17.86 -6.86
C ALA A 18 -9.72 -18.64 -7.32
N GLN A 19 -8.63 -17.90 -7.60
CA GLN A 19 -7.31 -18.48 -7.95
C GLN A 19 -6.35 -18.39 -6.74
N LYS A 20 -6.25 -17.18 -6.14
CA LYS A 20 -5.18 -16.84 -5.15
C LYS A 20 -5.49 -17.39 -3.71
N ARG A 21 -6.59 -18.14 -3.57
CA ARG A 21 -6.96 -18.84 -2.30
C ARG A 21 -5.97 -19.96 -1.93
N LYS A 22 -5.25 -20.48 -2.94
CA LYS A 22 -4.43 -21.71 -2.83
C LYS A 22 -3.21 -21.52 -1.87
N GLU A 23 -3.42 -21.85 -0.58
CA GLU A 23 -2.39 -21.84 0.49
C GLU A 23 -1.73 -20.45 0.66
N ARG A 24 -2.35 -19.60 1.51
CA ARG A 24 -1.80 -18.30 1.88
C ARG A 24 -0.76 -18.48 3.01
N GLN A 25 0.49 -18.78 2.61
CA GLN A 25 1.63 -18.98 3.53
C GLN A 25 2.88 -18.27 2.98
N GLU A 26 4.01 -18.44 3.69
CA GLU A 26 5.32 -17.95 3.26
C GLU A 26 5.78 -18.72 2.00
N ALA A 27 5.77 -18.01 0.87
CA ALA A 27 6.07 -18.58 -0.45
C ALA A 27 6.65 -17.50 -1.36
N HIS A 28 6.73 -17.78 -2.67
CA HIS A 28 7.26 -16.84 -3.70
C HIS A 28 6.38 -15.57 -3.87
N LEU A 29 5.26 -15.50 -3.12
CA LEU A 29 4.28 -14.42 -3.21
C LEU A 29 4.75 -13.13 -2.46
N TYR A 30 6.06 -13.02 -2.15
CA TYR A 30 6.74 -11.87 -1.47
C TYR A 30 6.70 -10.51 -2.24
N MET A 31 5.66 -10.28 -3.07
CA MET A 31 5.44 -9.08 -3.93
C MET A 31 6.03 -7.80 -3.33
N GLN A 32 6.94 -7.18 -4.10
CA GLN A 32 7.70 -6.03 -3.67
C GLN A 32 6.90 -4.76 -3.94
N VAL A 33 6.96 -3.82 -3.00
CA VAL A 33 6.21 -2.57 -3.06
C VAL A 33 7.17 -1.40 -2.72
N GLN A 34 7.27 -0.46 -3.66
CA GLN A 34 8.10 0.75 -3.52
C GLN A 34 7.30 1.81 -2.76
N ILE A 35 7.67 2.04 -1.50
CA ILE A 35 7.01 3.02 -0.64
C ILE A 35 7.89 4.27 -0.51
N VAL A 36 7.28 5.45 -0.52
CA VAL A 36 7.93 6.70 -0.13
C VAL A 36 7.01 7.52 0.78
N ALA A 37 7.53 7.88 1.94
CA ALA A 37 7.05 9.00 2.75
C ALA A 37 7.95 10.21 2.48
N GLU A 38 7.64 11.35 3.10
CA GLU A 38 8.45 12.56 2.97
C GLU A 38 8.46 13.30 4.32
N ASP A 39 9.68 13.64 4.79
CA ASP A 39 9.91 14.35 6.06
C ASP A 39 9.05 15.63 6.19
N GLN A 40 8.82 16.32 5.05
CA GLN A 40 8.05 17.59 4.98
C GLN A 40 6.69 17.50 5.74
N PHE A 41 5.88 16.45 5.45
CA PHE A 41 4.57 16.26 6.12
C PHE A 41 4.70 15.33 7.34
N CYS A 42 5.74 14.47 7.34
CA CYS A 42 5.91 13.39 8.34
C CYS A 42 6.30 13.94 9.72
N GLY A 43 7.20 14.96 9.74
CA GLY A 43 7.70 15.53 10.99
C GLY A 43 8.45 16.84 10.79
N HIS A 44 9.22 16.92 9.68
CA HIS A 44 9.93 18.14 9.23
C HIS A 44 11.18 18.42 10.10
N GLN A 45 11.87 17.33 10.50
CA GLN A 45 13.13 17.41 11.26
C GLN A 45 14.29 17.74 10.30
N GLY A 46 14.51 16.85 9.29
CA GLY A 46 15.57 17.01 8.28
C GLY A 46 16.96 17.27 8.87
N ASN A 47 17.37 16.38 9.78
CA ASN A 47 18.56 16.57 10.63
C ASN A 47 19.86 16.09 9.95
N ASP A 48 19.74 15.52 8.72
CA ASP A 48 20.86 14.97 7.92
C ASP A 48 21.48 13.70 8.57
N MET A 49 20.79 13.16 9.60
CA MET A 49 21.28 12.04 10.41
C MET A 49 20.43 10.78 10.12
N TYR A 50 20.53 10.33 8.85
CA TYR A 50 19.74 9.20 8.31
C TYR A 50 18.23 9.45 8.53
N ASP A 51 17.71 10.43 7.77
CA ASP A 51 16.29 10.82 7.86
C ASP A 51 15.45 9.77 7.14
N GLU A 52 14.98 8.77 7.91
CA GLU A 52 14.17 7.64 7.40
C GLU A 52 12.78 8.09 6.91
N GLU A 53 12.44 9.34 7.21
CA GLU A 53 11.20 9.98 6.75
C GLU A 53 11.39 10.45 5.29
N LYS A 54 12.65 10.81 4.93
CA LYS A 54 13.00 11.42 3.63
C LYS A 54 14.01 10.54 2.84
N VAL A 55 14.18 9.26 3.26
CA VAL A 55 15.01 8.30 2.50
C VAL A 55 14.33 7.91 1.16
N LYS A 56 15.11 7.30 0.26
CA LYS A 56 14.65 6.90 -1.10
C LYS A 56 13.68 5.69 -1.04
N TYR A 57 13.25 5.22 -2.23
CA TYR A 57 12.25 4.14 -2.39
C TYR A 57 12.59 2.91 -1.55
N THR A 58 11.78 2.70 -0.50
CA THR A 58 11.91 1.58 0.42
C THR A 58 11.08 0.38 -0.11
N VAL A 59 11.78 -0.70 -0.48
CA VAL A 59 11.16 -1.89 -1.06
C VAL A 59 10.79 -2.89 0.04
N PHE A 60 9.48 -3.02 0.30
CA PHE A 60 8.95 -4.01 1.23
C PHE A 60 8.44 -5.22 0.44
N LYS A 61 9.00 -6.38 0.74
CA LYS A 61 8.66 -7.65 0.10
C LYS A 61 7.64 -8.34 1.00
N VAL A 62 6.39 -8.38 0.51
CA VAL A 62 5.22 -8.77 1.31
C VAL A 62 4.30 -9.69 0.50
N LEU A 63 3.60 -10.57 1.21
CA LEU A 63 2.81 -11.64 0.62
C LEU A 63 1.49 -11.05 0.03
N LYS A 64 1.40 -11.04 -1.32
CA LYS A 64 0.22 -10.57 -2.08
C LYS A 64 -1.05 -11.36 -1.74
N ASN A 65 -0.86 -12.63 -1.36
CA ASN A 65 -1.94 -13.56 -0.96
C ASN A 65 -2.36 -13.37 0.53
N SER A 66 -1.64 -12.48 1.24
CA SER A 66 -1.98 -12.07 2.61
C SER A 66 -2.73 -10.72 2.56
N SER A 67 -3.41 -10.37 3.67
CA SER A 67 -4.24 -9.17 3.76
C SER A 67 -3.40 -7.87 3.78
N LEU A 68 -4.07 -6.76 3.43
CA LEU A 68 -3.47 -5.42 3.31
C LEU A 68 -3.20 -4.90 4.74
N ALA A 69 -4.02 -5.37 5.71
CA ALA A 69 -3.82 -5.13 7.16
C ALA A 69 -2.40 -5.50 7.64
N GLU A 70 -1.84 -6.56 7.04
CA GLU A 70 -0.49 -7.04 7.36
C GLU A 70 0.59 -6.09 6.80
N PHE A 71 0.37 -5.63 5.57
CA PHE A 71 1.19 -4.57 4.94
C PHE A 71 1.16 -3.26 5.77
N VAL A 72 -0.05 -2.92 6.27
CA VAL A 72 -0.30 -1.68 7.02
C VAL A 72 0.42 -1.72 8.39
N GLN A 73 0.23 -2.80 9.15
CA GLN A 73 0.79 -2.92 10.52
C GLN A 73 2.33 -2.90 10.47
N SER A 74 2.91 -3.51 9.41
CA SER A 74 4.36 -3.49 9.16
C SER A 74 4.84 -2.05 8.87
N LEU A 75 4.08 -1.36 8.00
CA LEU A 75 4.38 0.04 7.58
C LEU A 75 4.17 1.03 8.76
N SER A 76 3.26 0.67 9.66
CA SER A 76 2.85 1.46 10.82
C SER A 76 3.99 1.52 11.83
N GLN A 77 4.65 0.38 12.05
CA GLN A 77 5.73 0.26 13.03
C GLN A 77 7.06 0.79 12.48
N THR A 78 7.27 0.68 11.14
CA THR A 78 8.56 1.05 10.52
C THR A 78 8.68 2.56 10.26
N MET A 79 7.53 3.29 10.12
CA MET A 79 7.52 4.75 9.88
C MET A 79 6.83 5.52 11.01
N GLY A 80 6.14 4.80 11.92
CA GLY A 80 5.47 5.41 13.06
C GLY A 80 4.11 6.04 12.73
N PHE A 81 3.58 5.72 11.53
CA PHE A 81 2.25 6.16 11.09
C PHE A 81 1.15 5.35 11.81
N PRO A 82 0.01 5.98 12.22
CA PRO A 82 -1.15 5.24 12.74
C PRO A 82 -1.71 4.33 11.64
N GLN A 83 -1.82 3.02 11.95
CA GLN A 83 -2.28 1.99 11.02
C GLN A 83 -3.71 2.27 10.51
N ASP A 84 -4.50 2.95 11.35
CA ASP A 84 -5.89 3.34 11.04
C ASP A 84 -5.95 4.40 9.92
N GLN A 85 -4.88 5.22 9.84
CA GLN A 85 -4.80 6.35 8.88
C GLN A 85 -3.72 6.14 7.80
N ILE A 86 -3.18 4.91 7.65
CA ILE A 86 -2.28 4.61 6.52
C ILE A 86 -3.09 4.61 5.22
N ARG A 87 -3.10 5.79 4.57
CA ARG A 87 -3.79 6.02 3.30
C ARG A 87 -2.81 5.85 2.14
N LEU A 88 -3.16 4.93 1.24
CA LEU A 88 -2.35 4.53 0.09
C LEU A 88 -2.69 5.42 -1.11
N TRP A 89 -1.66 5.88 -1.85
CA TRP A 89 -1.84 6.68 -3.10
C TRP A 89 -0.97 6.06 -4.22
N PRO A 90 -1.57 5.41 -5.27
CA PRO A 90 -0.78 4.71 -6.32
C PRO A 90 -0.04 5.69 -7.25
N MET A 91 1.06 5.22 -7.88
CA MET A 91 1.77 6.02 -8.90
C MET A 91 0.85 6.21 -10.14
N GLN A 92 0.08 7.29 -10.10
CA GLN A 92 -0.89 7.64 -11.13
C GLN A 92 -0.21 8.53 -12.17
N ALA A 93 -0.14 8.05 -13.44
CA ALA A 93 0.54 8.74 -14.55
C ALA A 93 -0.21 10.02 -14.95
N ARG A 94 0.08 11.10 -14.23
CA ARG A 94 -0.54 12.42 -14.46
C ARG A 94 0.33 13.26 -15.40
N SER A 95 -0.19 13.53 -16.61
CA SER A 95 0.42 14.44 -17.58
C SER A 95 0.20 15.91 -17.15
N ASN A 96 0.80 16.86 -17.89
CA ASN A 96 0.69 18.30 -17.59
C ASN A 96 -0.75 18.78 -17.83
N GLY A 97 -1.39 19.24 -16.74
CA GLY A 97 -2.79 19.64 -16.73
C GLY A 97 -3.46 19.26 -15.42
N THR A 98 -4.78 19.46 -15.33
CA THR A 98 -5.54 19.23 -14.09
C THR A 98 -5.59 17.73 -13.74
N LYS A 99 -5.14 17.39 -12.53
CA LYS A 99 -5.28 16.04 -11.96
C LYS A 99 -6.31 16.06 -10.83
N ARG A 100 -6.88 14.89 -10.53
CA ARG A 100 -7.73 14.68 -9.36
C ARG A 100 -7.48 13.26 -8.85
N PRO A 101 -6.32 13.03 -8.15
CA PRO A 101 -5.99 11.73 -7.54
C PRO A 101 -6.71 11.56 -6.18
N ALA A 102 -6.90 10.32 -5.77
CA ALA A 102 -7.59 9.98 -4.51
C ALA A 102 -6.84 8.83 -3.82
N MET A 103 -6.95 8.80 -2.48
CA MET A 103 -6.44 7.68 -1.68
C MET A 103 -7.35 6.45 -1.87
N LEU A 104 -6.82 5.28 -1.54
CA LEU A 104 -7.59 4.04 -1.54
C LEU A 104 -8.62 4.03 -0.40
N ASP A 105 -9.71 3.30 -0.62
CA ASP A 105 -10.79 3.11 0.37
C ASP A 105 -10.23 2.39 1.60
N ASN A 106 -9.89 3.13 2.66
CA ASN A 106 -9.28 2.59 3.90
C ASN A 106 -10.13 1.41 4.50
N GLU A 107 -11.44 1.44 4.21
CA GLU A 107 -12.40 0.39 4.58
C GLU A 107 -12.08 -0.94 3.87
N ALA A 108 -12.15 -0.92 2.52
CA ALA A 108 -11.92 -2.13 1.69
C ALA A 108 -10.45 -2.51 1.70
N ASP A 109 -9.66 -1.52 1.34
CA ASP A 109 -8.21 -1.60 1.08
C ASP A 109 -7.40 -1.49 2.38
N GLY A 110 -7.91 -2.11 3.45
CA GLY A 110 -7.16 -2.36 4.68
C GLY A 110 -7.57 -3.68 5.33
N ASN A 111 -8.51 -4.42 4.69
CA ASN A 111 -9.07 -5.67 5.24
C ASN A 111 -8.81 -6.88 4.31
N LYS A 112 -8.85 -6.66 2.99
CA LYS A 112 -8.71 -7.75 1.99
C LYS A 112 -7.24 -7.91 1.55
N THR A 113 -6.94 -8.83 0.61
CA THR A 113 -5.54 -9.10 0.17
C THR A 113 -4.97 -7.94 -0.68
N MET A 114 -3.64 -7.77 -0.68
CA MET A 114 -2.98 -6.65 -1.39
C MET A 114 -2.75 -6.95 -2.89
N ILE A 115 -3.15 -8.15 -3.33
CA ILE A 115 -3.06 -8.57 -4.75
C ILE A 115 -4.09 -7.81 -5.61
N GLU A 116 -5.20 -7.47 -4.95
CA GLU A 116 -6.36 -6.79 -5.58
C GLU A 116 -5.98 -5.35 -5.97
N LEU A 117 -5.05 -4.79 -5.19
CA LEU A 117 -4.56 -3.41 -5.32
C LEU A 117 -3.37 -3.32 -6.29
N SER A 118 -2.43 -4.26 -6.14
CA SER A 118 -1.27 -4.36 -7.05
C SER A 118 -1.72 -4.79 -8.47
N ASP A 119 -2.90 -5.46 -8.55
CA ASP A 119 -3.50 -5.94 -9.82
C ASP A 119 -2.53 -6.95 -10.52
N ASN A 120 -1.77 -7.69 -9.67
CA ASN A 120 -0.77 -8.72 -10.07
C ASN A 120 0.53 -8.09 -10.66
N GLU A 121 0.90 -6.87 -10.19
CA GLU A 121 2.17 -6.22 -10.59
C GLU A 121 3.13 -6.07 -9.38
N ASN A 122 4.44 -6.14 -9.67
CA ASN A 122 5.53 -5.90 -8.70
C ASN A 122 6.85 -5.58 -9.46
N PRO A 123 7.71 -4.60 -8.99
CA PRO A 123 7.46 -3.79 -7.77
C PRO A 123 6.45 -2.64 -8.01
N TRP A 124 5.43 -2.59 -7.15
CA TRP A 124 4.31 -1.63 -7.26
C TRP A 124 4.66 -0.37 -6.44
N THR A 125 4.77 0.78 -7.13
CA THR A 125 5.13 2.06 -6.51
C THR A 125 3.89 2.74 -5.89
N ILE A 126 4.03 3.25 -4.66
CA ILE A 126 2.94 3.90 -3.93
C ILE A 126 3.53 4.98 -3.00
N PHE A 127 2.66 5.91 -2.59
CA PHE A 127 2.97 7.01 -1.68
C PHE A 127 2.15 6.84 -0.39
N LEU A 128 2.78 7.16 0.75
CA LEU A 128 2.16 7.03 2.08
C LEU A 128 1.57 8.40 2.49
N GLU A 129 0.35 8.39 3.03
CA GLU A 129 -0.32 9.56 3.62
C GLU A 129 -0.90 9.17 5.00
N THR A 130 -1.04 10.16 5.89
CA THR A 130 -1.63 9.96 7.22
C THR A 130 -3.14 10.39 7.19
N PRO A 3 -23.63 3.54 0.95
CA PRO A 3 -23.46 2.31 1.78
C PRO A 3 -22.97 1.13 0.91
N GLN A 4 -23.54 1.01 -0.31
CA GLN A 4 -23.28 -0.12 -1.22
C GLN A 4 -21.92 -0.01 -1.93
N GLN A 5 -21.40 1.21 -2.13
CA GLN A 5 -20.17 1.45 -2.93
C GLN A 5 -18.94 0.69 -2.36
N LEU A 6 -18.90 0.61 -1.02
CA LEU A 6 -17.80 -0.06 -0.29
C LEU A 6 -17.78 -1.59 -0.56
N VAL A 7 -18.94 -2.25 -0.45
CA VAL A 7 -19.05 -3.71 -0.67
C VAL A 7 -19.05 -4.05 -2.17
N GLU A 8 -19.56 -3.10 -3.00
CA GLU A 8 -19.60 -3.22 -4.47
C GLU A 8 -18.19 -3.35 -5.03
N ARG A 9 -17.33 -2.37 -4.65
CA ARG A 9 -15.93 -2.35 -5.09
C ARG A 9 -15.18 -3.56 -4.51
N LEU A 10 -15.50 -3.91 -3.22
CA LEU A 10 -14.80 -4.96 -2.45
C LEU A 10 -14.96 -6.33 -3.15
N GLN A 11 -16.18 -6.61 -3.65
CA GLN A 11 -16.50 -7.88 -4.32
C GLN A 11 -15.77 -8.00 -5.67
N GLU A 12 -15.72 -6.90 -6.43
CA GLU A 12 -15.02 -6.81 -7.73
C GLU A 12 -13.50 -6.97 -7.56
N GLU A 13 -13.02 -6.61 -6.36
CA GLU A 13 -11.62 -6.78 -5.97
C GLU A 13 -11.35 -8.26 -5.58
N LYS A 14 -12.10 -8.76 -4.58
CA LYS A 14 -11.84 -10.04 -3.88
C LYS A 14 -12.21 -11.27 -4.70
N ARG A 15 -12.95 -11.06 -5.81
CA ARG A 15 -13.49 -12.15 -6.67
C ARG A 15 -12.41 -13.15 -7.18
N ILE A 16 -11.10 -12.83 -7.02
CA ILE A 16 -9.97 -13.67 -7.47
C ILE A 16 -9.56 -14.76 -6.43
N GLU A 17 -10.23 -14.77 -5.25
CA GLU A 17 -9.90 -15.68 -4.09
C GLU A 17 -9.94 -17.19 -4.44
N ALA A 18 -10.58 -17.56 -5.56
CA ALA A 18 -10.64 -18.97 -6.03
C ALA A 18 -9.23 -19.50 -6.42
N GLN A 19 -8.31 -18.57 -6.76
CA GLN A 19 -6.90 -18.90 -7.06
C GLN A 19 -5.97 -18.26 -6.01
N LYS A 20 -6.44 -17.17 -5.37
CA LYS A 20 -5.60 -16.33 -4.48
C LYS A 20 -5.56 -16.86 -3.05
N ARG A 21 -6.70 -17.33 -2.55
CA ARG A 21 -6.83 -17.86 -1.18
C ARG A 21 -6.27 -19.32 -1.07
N LYS A 22 -5.53 -19.73 -2.13
CA LYS A 22 -4.80 -21.01 -2.17
C LYS A 22 -3.34 -20.83 -1.65
N GLU A 23 -3.09 -19.73 -0.92
CA GLU A 23 -1.81 -19.48 -0.22
C GLU A 23 -1.71 -20.34 1.04
N ARG A 24 -0.49 -20.79 1.35
CA ARG A 24 -0.16 -21.46 2.61
C ARG A 24 -0.13 -20.40 3.74
N GLN A 25 0.87 -19.50 3.64
CA GLN A 25 1.12 -18.41 4.60
C GLN A 25 2.32 -17.59 4.11
N GLU A 26 3.38 -18.31 3.68
CA GLU A 26 4.63 -17.74 3.19
C GLU A 26 5.10 -18.56 1.98
N ALA A 27 5.24 -17.91 0.82
CA ALA A 27 5.72 -18.55 -0.42
C ALA A 27 6.41 -17.49 -1.31
N HIS A 28 6.57 -17.76 -2.62
CA HIS A 28 7.31 -16.86 -3.56
C HIS A 28 6.55 -15.54 -3.89
N LEU A 29 5.52 -15.21 -3.10
CA LEU A 29 4.58 -14.09 -3.36
C LEU A 29 4.97 -12.82 -2.56
N TYR A 30 6.26 -12.73 -2.21
CA TYR A 30 6.88 -11.63 -1.40
C TYR A 30 6.95 -10.25 -2.09
N MET A 31 5.99 -9.95 -3.00
CA MET A 31 5.97 -8.74 -3.86
C MET A 31 6.52 -7.49 -3.16
N GLN A 32 7.36 -6.77 -3.86
CA GLN A 32 8.03 -5.61 -3.32
C GLN A 32 7.12 -4.41 -3.52
N VAL A 33 7.06 -3.54 -2.52
CA VAL A 33 6.22 -2.35 -2.57
C VAL A 33 7.10 -1.13 -2.29
N GLN A 34 7.13 -0.23 -3.26
CA GLN A 34 7.92 0.99 -3.25
C GLN A 34 7.15 2.11 -2.54
N ILE A 35 7.62 2.46 -1.34
CA ILE A 35 7.04 3.52 -0.51
C ILE A 35 8.03 4.68 -0.42
N VAL A 36 7.53 5.92 -0.46
CA VAL A 36 8.32 7.11 -0.18
C VAL A 36 7.59 8.01 0.83
N ALA A 37 8.36 8.47 1.83
CA ALA A 37 7.94 9.42 2.85
C ALA A 37 9.01 10.51 2.98
N GLU A 38 8.76 11.53 3.80
CA GLU A 38 9.72 12.61 4.02
C GLU A 38 9.38 13.38 5.29
N ASP A 39 10.30 13.36 6.25
CA ASP A 39 10.25 14.25 7.43
C ASP A 39 10.49 15.70 7.01
N GLN A 40 11.42 15.91 6.05
CA GLN A 40 12.01 17.22 5.72
C GLN A 40 10.94 18.33 5.44
N PHE A 41 9.82 17.95 4.79
CA PHE A 41 8.63 18.84 4.63
C PHE A 41 8.21 19.47 5.99
N CYS A 42 8.08 18.61 7.01
CA CYS A 42 7.75 18.99 8.40
C CYS A 42 8.98 19.63 9.11
N GLY A 43 10.20 19.12 8.75
CA GLY A 43 11.47 19.61 9.29
C GLY A 43 11.61 19.43 10.80
N HIS A 44 11.80 18.18 11.26
CA HIS A 44 12.02 17.86 12.70
C HIS A 44 13.34 17.11 12.87
N GLN A 45 13.55 16.06 12.08
CA GLN A 45 14.83 15.33 12.04
C GLN A 45 15.83 16.11 11.16
N GLY A 46 16.60 17.01 11.81
CA GLY A 46 17.60 17.83 11.13
C GLY A 46 18.92 17.09 10.96
N ASN A 47 18.86 15.96 10.23
CA ASN A 47 20.00 15.06 9.99
C ASN A 47 20.62 15.36 8.60
N ASP A 48 21.75 14.72 8.28
CA ASP A 48 22.50 14.99 7.03
C ASP A 48 23.40 13.78 6.63
N MET A 49 23.09 12.58 7.20
CA MET A 49 23.91 11.36 6.97
C MET A 49 23.05 10.10 7.10
N TYR A 50 22.85 9.39 5.96
CA TYR A 50 22.01 8.17 5.85
C TYR A 50 20.61 8.45 6.44
N ASP A 51 19.95 9.44 5.83
CA ASP A 51 18.67 9.98 6.31
C ASP A 51 17.55 9.04 5.94
N GLU A 52 17.19 8.15 6.87
CA GLU A 52 16.15 7.12 6.66
C GLU A 52 14.72 7.74 6.58
N GLU A 53 14.64 9.05 6.81
CA GLU A 53 13.43 9.85 6.59
C GLU A 53 13.31 10.27 5.11
N LYS A 54 14.48 10.46 4.47
CA LYS A 54 14.57 10.91 3.07
C LYS A 54 15.59 10.06 2.28
N VAL A 55 15.56 8.74 2.51
CA VAL A 55 16.22 7.76 1.63
C VAL A 55 15.41 7.58 0.34
N LYS A 56 15.90 6.71 -0.55
CA LYS A 56 15.21 6.33 -1.80
C LYS A 56 13.97 5.46 -1.48
N TYR A 57 13.29 4.99 -2.55
CA TYR A 57 12.11 4.12 -2.46
C TYR A 57 12.36 2.91 -1.53
N THR A 58 11.74 2.95 -0.34
CA THR A 58 11.87 1.88 0.65
C THR A 58 11.04 0.66 0.20
N VAL A 59 11.71 -0.47 0.07
CA VAL A 59 11.17 -1.71 -0.48
C VAL A 59 10.81 -2.68 0.65
N PHE A 60 9.51 -2.95 0.80
CA PHE A 60 9.01 -3.99 1.73
C PHE A 60 8.55 -5.20 0.91
N LYS A 61 9.14 -6.36 1.21
CA LYS A 61 8.72 -7.64 0.62
C LYS A 61 7.52 -8.17 1.42
N VAL A 62 6.33 -8.13 0.81
CA VAL A 62 5.07 -8.51 1.44
C VAL A 62 4.32 -9.49 0.54
N LEU A 63 3.54 -10.40 1.13
CA LEU A 63 2.78 -11.38 0.38
C LEU A 63 1.56 -10.69 -0.29
N LYS A 64 1.52 -10.72 -1.63
CA LYS A 64 0.36 -10.26 -2.43
C LYS A 64 -0.91 -11.08 -2.11
N ASN A 65 -0.67 -12.29 -1.58
CA ASN A 65 -1.71 -13.23 -1.13
C ASN A 65 -2.20 -12.92 0.29
N SER A 66 -1.50 -12.02 0.99
CA SER A 66 -1.85 -11.60 2.35
C SER A 66 -2.71 -10.33 2.29
N SER A 67 -3.46 -10.08 3.38
CA SER A 67 -4.34 -8.92 3.51
C SER A 67 -3.52 -7.61 3.60
N LEU A 68 -4.12 -6.52 3.08
CA LEU A 68 -3.51 -5.18 3.01
C LEU A 68 -3.25 -4.66 4.43
N ALA A 69 -4.10 -5.11 5.39
CA ALA A 69 -3.95 -4.79 6.83
C ALA A 69 -2.56 -5.17 7.38
N GLU A 70 -1.97 -6.25 6.80
CA GLU A 70 -0.64 -6.73 7.21
C GLU A 70 0.45 -5.79 6.69
N PHE A 71 0.26 -5.28 5.47
CA PHE A 71 1.13 -4.25 4.88
C PHE A 71 1.07 -2.93 5.71
N VAL A 72 -0.16 -2.56 6.13
CA VAL A 72 -0.42 -1.33 6.89
C VAL A 72 0.29 -1.36 8.25
N GLN A 73 0.04 -2.43 9.03
CA GLN A 73 0.60 -2.58 10.39
C GLN A 73 2.14 -2.67 10.35
N SER A 74 2.69 -3.27 9.27
CA SER A 74 4.15 -3.30 9.03
C SER A 74 4.68 -1.87 8.90
N LEU A 75 4.04 -1.10 8.00
CA LEU A 75 4.41 0.30 7.67
C LEU A 75 4.15 1.24 8.89
N SER A 76 3.25 0.81 9.77
CA SER A 76 2.82 1.55 10.97
C SER A 76 3.84 1.38 12.10
N GLN A 77 4.47 0.20 12.16
CA GLN A 77 5.52 -0.10 13.14
C GLN A 77 6.88 0.40 12.61
N THR A 78 6.94 0.51 11.29
CA THR A 78 8.10 0.96 10.54
C THR A 78 8.34 2.48 10.71
N MET A 79 7.32 3.31 10.37
CA MET A 79 7.45 4.78 10.35
C MET A 79 6.81 5.44 11.58
N GLY A 80 5.89 4.72 12.24
CA GLY A 80 5.15 5.27 13.38
C GLY A 80 3.81 5.88 12.98
N PHE A 81 3.49 5.84 11.67
CA PHE A 81 2.20 6.35 11.12
C PHE A 81 1.05 5.49 11.66
N PRO A 82 -0.02 6.11 12.26
CA PRO A 82 -1.20 5.37 12.76
C PRO A 82 -1.85 4.52 11.66
N GLN A 83 -1.99 3.21 11.94
CA GLN A 83 -2.47 2.20 10.97
C GLN A 83 -3.91 2.46 10.52
N ASP A 84 -4.69 3.12 11.37
CA ASP A 84 -6.06 3.55 11.07
C ASP A 84 -6.07 4.65 9.98
N GLN A 85 -5.01 5.46 9.96
CA GLN A 85 -4.89 6.65 9.09
C GLN A 85 -3.89 6.44 7.94
N ILE A 86 -3.36 5.22 7.74
CA ILE A 86 -2.51 4.94 6.56
C ILE A 86 -3.39 4.87 5.30
N ARG A 87 -3.54 6.05 4.64
CA ARG A 87 -4.20 6.15 3.33
C ARG A 87 -3.13 5.97 2.25
N LEU A 88 -3.52 5.31 1.16
CA LEU A 88 -2.62 4.94 0.07
C LEU A 88 -3.09 5.58 -1.23
N TRP A 89 -2.13 5.96 -2.09
CA TRP A 89 -2.41 6.69 -3.35
C TRP A 89 -1.54 6.05 -4.44
N PRO A 90 -2.11 5.33 -5.46
CA PRO A 90 -1.29 4.58 -6.45
C PRO A 90 -0.52 5.53 -7.39
N MET A 91 0.55 4.99 -8.02
CA MET A 91 1.30 5.71 -9.08
C MET A 91 0.31 6.09 -10.21
N GLN A 92 0.45 7.30 -10.75
CA GLN A 92 -0.56 7.86 -11.66
C GLN A 92 0.08 8.96 -12.54
N ALA A 93 0.05 8.73 -13.86
CA ALA A 93 0.60 9.68 -14.87
C ALA A 93 -0.36 10.85 -15.11
N ARG A 94 -1.56 10.80 -14.47
CA ARG A 94 -2.59 11.85 -14.55
C ARG A 94 -3.11 12.00 -16.00
N SER A 95 -3.15 10.88 -16.73
CA SER A 95 -3.55 10.84 -18.15
C SER A 95 -5.10 10.75 -18.29
N ASN A 96 -5.81 11.62 -17.54
CA ASN A 96 -7.29 11.67 -17.48
C ASN A 96 -7.72 13.14 -17.67
N GLY A 97 -8.79 13.36 -18.47
CA GLY A 97 -9.36 14.70 -18.66
C GLY A 97 -10.09 15.19 -17.40
N THR A 98 -11.30 14.66 -17.17
CA THR A 98 -12.03 14.85 -15.91
C THR A 98 -11.51 13.81 -14.90
N LYS A 99 -10.86 14.28 -13.81
CA LYS A 99 -10.29 13.40 -12.78
C LYS A 99 -10.36 14.07 -11.39
N ARG A 100 -10.55 13.23 -10.36
CA ARG A 100 -10.36 13.58 -8.96
C ARG A 100 -9.51 12.45 -8.35
N PRO A 101 -8.20 12.70 -8.02
CA PRO A 101 -7.34 11.67 -7.38
C PRO A 101 -7.91 11.26 -6.00
N ALA A 102 -8.12 9.96 -5.82
CA ALA A 102 -8.71 9.40 -4.58
C ALA A 102 -7.76 8.36 -3.98
N MET A 103 -7.80 8.23 -2.65
CA MET A 103 -7.06 7.18 -1.92
C MET A 103 -7.79 5.83 -2.09
N LEU A 104 -7.13 4.75 -1.67
CA LEU A 104 -7.76 3.42 -1.62
C LEU A 104 -8.75 3.34 -0.45
N ASP A 105 -9.82 2.57 -0.64
CA ASP A 105 -10.92 2.42 0.35
C ASP A 105 -10.42 1.64 1.56
N ASN A 106 -9.86 2.36 2.56
CA ASN A 106 -9.14 1.75 3.72
C ASN A 106 -10.03 0.73 4.50
N GLU A 107 -11.36 0.85 4.29
CA GLU A 107 -12.35 -0.13 4.76
C GLU A 107 -12.15 -1.49 4.04
N ALA A 108 -12.22 -1.43 2.69
CA ALA A 108 -12.03 -2.60 1.81
C ALA A 108 -10.62 -3.18 1.98
N ASP A 109 -9.60 -2.32 1.79
CA ASP A 109 -8.18 -2.68 1.92
C ASP A 109 -7.68 -2.51 3.35
N GLY A 110 -8.56 -2.84 4.29
CA GLY A 110 -8.16 -3.29 5.61
C GLY A 110 -8.62 -4.73 5.84
N ASN A 111 -9.33 -5.30 4.84
CA ASN A 111 -10.09 -6.58 5.00
C ASN A 111 -9.58 -7.64 4.01
N LYS A 112 -9.20 -7.23 2.80
CA LYS A 112 -8.89 -8.18 1.69
C LYS A 112 -7.39 -8.12 1.32
N THR A 113 -6.98 -8.89 0.27
CA THR A 113 -5.57 -9.03 -0.13
C THR A 113 -5.09 -7.84 -0.99
N MET A 114 -3.76 -7.64 -1.05
CA MET A 114 -3.15 -6.51 -1.78
C MET A 114 -2.92 -6.81 -3.27
N ILE A 115 -3.17 -8.07 -3.70
CA ILE A 115 -3.11 -8.47 -5.14
C ILE A 115 -4.17 -7.71 -5.95
N GLU A 116 -5.28 -7.43 -5.27
CA GLU A 116 -6.50 -6.86 -5.85
C GLU A 116 -6.27 -5.40 -6.25
N LEU A 117 -5.40 -4.74 -5.47
CA LEU A 117 -5.06 -3.31 -5.62
C LEU A 117 -3.88 -3.14 -6.61
N SER A 118 -2.80 -3.92 -6.36
CA SER A 118 -1.58 -3.91 -7.19
C SER A 118 -1.89 -4.37 -8.63
N ASP A 119 -2.88 -5.28 -8.72
CA ASP A 119 -3.28 -5.93 -9.96
C ASP A 119 -2.09 -6.72 -10.54
N ASN A 120 -1.58 -7.62 -9.67
CA ASN A 120 -0.61 -8.69 -10.02
C ASN A 120 0.85 -8.21 -10.20
N GLU A 121 1.08 -6.89 -10.18
CA GLU A 121 2.42 -6.32 -10.45
C GLU A 121 3.32 -6.33 -9.19
N ASN A 122 4.65 -6.32 -9.44
CA ASN A 122 5.69 -6.13 -8.41
C ASN A 122 7.00 -5.68 -9.12
N PRO A 123 7.72 -4.62 -8.63
CA PRO A 123 7.35 -3.83 -7.43
C PRO A 123 6.21 -2.83 -7.72
N TRP A 124 5.44 -2.49 -6.67
CA TRP A 124 4.29 -1.59 -6.78
C TRP A 124 4.56 -0.27 -6.04
N THR A 125 4.69 0.81 -6.81
CA THR A 125 4.88 2.18 -6.28
C THR A 125 3.54 2.74 -5.78
N ILE A 126 3.52 3.10 -4.48
CA ILE A 126 2.34 3.72 -3.86
C ILE A 126 2.82 4.74 -2.79
N PHE A 127 2.11 5.88 -2.73
CA PHE A 127 2.40 6.97 -1.78
C PHE A 127 1.70 6.72 -0.44
N LEU A 128 2.41 7.01 0.66
CA LEU A 128 1.86 6.94 2.03
C LEU A 128 1.24 8.32 2.37
N GLU A 129 0.09 8.30 3.05
CA GLU A 129 -0.58 9.49 3.60
C GLU A 129 -1.11 9.16 5.01
N THR A 130 -1.14 10.17 5.89
CA THR A 130 -1.68 10.04 7.26
C THR A 130 -3.13 10.61 7.32
N PRO A 3 -23.72 3.14 -0.80
CA PRO A 3 -22.68 2.68 0.15
C PRO A 3 -22.01 1.38 -0.32
N GLN A 4 -22.80 0.49 -0.99
CA GLN A 4 -22.38 -0.88 -1.34
C GLN A 4 -21.16 -0.92 -2.28
N GLN A 5 -20.89 0.23 -2.93
CA GLN A 5 -19.75 0.40 -3.86
C GLN A 5 -18.40 -0.02 -3.24
N LEU A 6 -18.26 0.21 -1.92
CA LEU A 6 -17.03 -0.08 -1.17
C LEU A 6 -16.81 -1.60 -1.06
N VAL A 7 -17.89 -2.34 -0.73
CA VAL A 7 -17.86 -3.82 -0.61
C VAL A 7 -17.99 -4.49 -2.00
N GLU A 8 -18.56 -3.78 -2.98
CA GLU A 8 -18.84 -4.33 -4.32
C GLU A 8 -17.56 -4.41 -5.13
N ARG A 9 -16.79 -3.31 -5.13
CA ARG A 9 -15.47 -3.25 -5.79
C ARG A 9 -14.50 -4.20 -5.09
N LEU A 10 -14.67 -4.31 -3.75
CA LEU A 10 -13.92 -5.25 -2.89
C LEU A 10 -14.08 -6.68 -3.44
N GLN A 11 -15.35 -7.10 -3.61
CA GLN A 11 -15.72 -8.47 -4.06
C GLN A 11 -15.39 -8.71 -5.54
N GLU A 12 -15.44 -7.63 -6.35
CA GLU A 12 -15.11 -7.68 -7.79
C GLU A 12 -13.62 -8.01 -7.98
N GLU A 13 -12.79 -7.51 -7.05
CA GLU A 13 -11.36 -7.85 -6.97
C GLU A 13 -11.19 -9.24 -6.30
N LYS A 14 -11.93 -9.43 -5.20
CA LYS A 14 -11.83 -10.59 -4.25
C LYS A 14 -11.98 -11.95 -4.93
N ARG A 15 -12.72 -11.99 -6.05
CA ARG A 15 -12.96 -13.21 -6.85
C ARG A 15 -11.66 -13.93 -7.32
N ILE A 16 -10.47 -13.27 -7.22
CA ILE A 16 -9.17 -13.90 -7.59
C ILE A 16 -8.76 -15.03 -6.62
N GLU A 17 -9.43 -15.09 -5.45
CA GLU A 17 -9.15 -16.09 -4.39
C GLU A 17 -9.20 -17.55 -4.88
N ALA A 18 -10.02 -17.80 -5.91
CA ALA A 18 -10.20 -19.14 -6.52
C ALA A 18 -8.87 -19.76 -6.99
N GLN A 19 -7.88 -18.88 -7.27
CA GLN A 19 -6.52 -19.29 -7.65
C GLN A 19 -5.47 -18.78 -6.59
N LYS A 20 -5.75 -17.61 -5.99
CA LYS A 20 -4.74 -16.80 -5.28
C LYS A 20 -4.52 -17.22 -3.81
N ARG A 21 -5.44 -18.03 -3.25
CA ARG A 21 -5.36 -18.48 -1.83
C ARG A 21 -4.25 -19.53 -1.58
N LYS A 22 -3.35 -19.74 -2.56
CA LYS A 22 -2.19 -20.60 -2.39
C LYS A 22 -1.15 -19.93 -1.46
N GLU A 23 -1.31 -20.17 -0.16
CA GLU A 23 -0.40 -19.73 0.90
C GLU A 23 -0.17 -20.86 1.90
N ARG A 24 0.89 -20.73 2.71
CA ARG A 24 1.29 -21.74 3.70
C ARG A 24 2.44 -21.16 4.54
N GLN A 25 3.46 -20.68 3.82
CA GLN A 25 4.72 -20.18 4.39
C GLN A 25 5.32 -19.13 3.44
N GLU A 26 6.43 -18.48 3.86
CA GLU A 26 7.22 -17.57 3.03
C GLU A 26 7.65 -18.27 1.72
N ALA A 27 7.28 -17.66 0.58
CA ALA A 27 7.48 -18.22 -0.77
C ALA A 27 7.71 -17.09 -1.78
N HIS A 28 7.60 -17.40 -3.09
CA HIS A 28 7.85 -16.41 -4.18
C HIS A 28 6.77 -15.30 -4.25
N LEU A 29 5.75 -15.37 -3.36
CA LEU A 29 4.65 -14.39 -3.28
C LEU A 29 5.08 -13.06 -2.59
N TYR A 30 6.42 -12.88 -2.37
CA TYR A 30 7.10 -11.70 -1.74
C TYR A 30 6.97 -10.34 -2.48
N MET A 31 5.87 -10.15 -3.26
CA MET A 31 5.57 -8.94 -4.06
C MET A 31 6.07 -7.64 -3.41
N GLN A 32 6.87 -6.90 -4.17
CA GLN A 32 7.58 -5.73 -3.70
C GLN A 32 6.68 -4.50 -3.86
N VAL A 33 6.80 -3.57 -2.93
CA VAL A 33 6.01 -2.33 -2.92
C VAL A 33 6.95 -1.15 -2.63
N GLN A 34 6.94 -0.16 -3.54
CA GLN A 34 7.81 1.01 -3.50
C GLN A 34 7.14 2.16 -2.73
N ILE A 35 7.62 2.43 -1.51
CA ILE A 35 7.02 3.42 -0.61
C ILE A 35 7.97 4.62 -0.46
N VAL A 36 7.40 5.83 -0.38
CA VAL A 36 8.15 7.06 -0.07
C VAL A 36 7.37 7.93 0.92
N ALA A 37 8.14 8.56 1.83
CA ALA A 37 7.66 9.47 2.88
C ALA A 37 8.84 10.34 3.35
N GLU A 38 8.57 11.27 4.28
CA GLU A 38 9.61 12.11 4.90
C GLU A 38 9.28 12.34 6.38
N ASP A 39 9.45 11.26 7.16
CA ASP A 39 9.30 11.30 8.63
C ASP A 39 10.52 11.97 9.29
N GLN A 40 11.51 12.35 8.46
CA GLN A 40 12.60 13.26 8.81
C GLN A 40 12.05 14.61 9.33
N PHE A 41 11.00 15.12 8.64
CA PHE A 41 10.27 16.35 9.04
C PHE A 41 9.62 16.19 10.44
N CYS A 42 9.18 14.97 10.75
CA CYS A 42 8.55 14.62 12.03
C CYS A 42 9.62 14.22 13.08
N GLY A 43 10.91 14.46 12.76
CA GLY A 43 12.02 14.15 13.66
C GLY A 43 12.36 12.66 13.63
N HIS A 44 12.10 11.97 14.78
CA HIS A 44 12.29 10.51 14.99
C HIS A 44 13.78 10.12 14.97
N GLN A 45 14.41 10.21 13.78
CA GLN A 45 15.84 9.92 13.56
C GLN A 45 16.78 10.78 14.43
N GLY A 46 17.93 10.19 14.78
CA GLY A 46 19.00 10.89 15.50
C GLY A 46 20.17 11.21 14.58
N ASN A 47 20.44 10.27 13.64
CA ASN A 47 21.52 10.42 12.65
C ASN A 47 21.01 11.18 11.41
N ASP A 48 21.76 12.22 11.01
CA ASP A 48 21.42 13.10 9.86
C ASP A 48 22.26 12.74 8.61
N MET A 49 23.18 11.76 8.76
CA MET A 49 24.00 11.25 7.64
C MET A 49 23.19 10.20 6.84
N TYR A 50 22.72 9.16 7.54
CA TYR A 50 21.88 8.10 6.96
C TYR A 50 20.45 8.25 7.51
N ASP A 51 19.61 8.90 6.68
CA ASP A 51 18.22 9.24 7.03
C ASP A 51 17.29 8.21 6.39
N GLU A 52 16.94 7.14 7.12
CA GLU A 52 16.10 6.02 6.59
C GLU A 52 14.66 6.50 6.24
N GLU A 53 14.29 7.65 6.81
CA GLU A 53 12.98 8.31 6.61
C GLU A 53 13.02 9.31 5.43
N LYS A 54 14.19 9.43 4.79
CA LYS A 54 14.39 10.30 3.61
C LYS A 54 15.26 9.60 2.53
N VAL A 55 15.60 8.31 2.73
CA VAL A 55 16.31 7.52 1.69
C VAL A 55 15.38 7.24 0.49
N LYS A 56 15.95 6.53 -0.52
CA LYS A 56 15.27 6.11 -1.75
C LYS A 56 13.93 5.35 -1.49
N TYR A 57 13.25 4.98 -2.60
CA TYR A 57 12.07 4.11 -2.57
C TYR A 57 12.29 2.86 -1.71
N THR A 58 11.70 2.88 -0.50
CA THR A 58 11.82 1.78 0.47
C THR A 58 10.95 0.60 0.00
N VAL A 59 11.64 -0.49 -0.42
CA VAL A 59 11.01 -1.65 -1.05
C VAL A 59 10.67 -2.70 0.03
N PHE A 60 9.38 -2.78 0.39
CA PHE A 60 8.89 -3.82 1.31
C PHE A 60 8.40 -5.01 0.49
N LYS A 61 9.12 -6.13 0.60
CA LYS A 61 8.80 -7.38 -0.10
C LYS A 61 7.90 -8.23 0.81
N VAL A 62 6.61 -8.32 0.45
CA VAL A 62 5.56 -8.94 1.29
C VAL A 62 4.68 -9.90 0.48
N LEU A 63 4.01 -10.82 1.19
CA LEU A 63 3.07 -11.77 0.59
C LEU A 63 1.84 -11.01 0.04
N LYS A 64 1.74 -10.95 -1.29
CA LYS A 64 0.60 -10.36 -2.05
C LYS A 64 -0.76 -10.95 -1.60
N ASN A 65 -0.72 -12.26 -1.33
CA ASN A 65 -1.88 -13.07 -0.94
C ASN A 65 -2.16 -13.00 0.58
N SER A 66 -1.41 -12.13 1.28
CA SER A 66 -1.72 -11.71 2.66
C SER A 66 -2.53 -10.40 2.62
N SER A 67 -3.24 -10.10 3.72
CA SER A 67 -4.16 -8.95 3.80
C SER A 67 -3.39 -7.61 3.87
N LEU A 68 -4.08 -6.53 3.47
CA LEU A 68 -3.53 -5.16 3.40
C LEU A 68 -3.28 -4.61 4.83
N ALA A 69 -4.07 -5.11 5.80
CA ALA A 69 -3.91 -4.75 7.23
C ALA A 69 -2.52 -5.14 7.77
N GLU A 70 -1.96 -6.25 7.22
CA GLU A 70 -0.61 -6.72 7.57
C GLU A 70 0.46 -5.74 7.06
N PHE A 71 0.22 -5.19 5.87
CA PHE A 71 1.11 -4.22 5.24
C PHE A 71 1.15 -2.90 6.05
N VAL A 72 -0.03 -2.34 6.35
CA VAL A 72 -0.14 -1.03 7.00
C VAL A 72 0.42 -1.03 8.43
N GLN A 73 0.31 -2.17 9.14
CA GLN A 73 0.84 -2.29 10.50
C GLN A 73 2.38 -2.36 10.48
N SER A 74 2.95 -3.03 9.46
CA SER A 74 4.41 -3.05 9.22
C SER A 74 4.91 -1.62 8.92
N LEU A 75 4.11 -0.90 8.12
CA LEU A 75 4.44 0.47 7.68
C LEU A 75 4.27 1.48 8.85
N SER A 76 3.35 1.17 9.76
CA SER A 76 3.05 1.98 10.94
C SER A 76 4.22 1.98 11.93
N GLN A 77 4.82 0.80 12.13
CA GLN A 77 5.90 0.63 13.12
C GLN A 77 7.27 1.07 12.55
N THR A 78 7.39 1.23 11.21
CA THR A 78 8.68 1.62 10.58
C THR A 78 8.80 3.14 10.36
N MET A 79 7.66 3.87 10.34
CA MET A 79 7.65 5.33 10.10
C MET A 79 7.04 6.08 11.29
N GLY A 80 5.96 5.53 11.85
CA GLY A 80 5.23 6.17 12.96
C GLY A 80 3.85 6.70 12.57
N PHE A 81 3.43 6.45 11.31
CA PHE A 81 2.06 6.75 10.83
C PHE A 81 1.09 5.73 11.46
N PRO A 82 0.00 6.16 12.19
CA PRO A 82 -0.98 5.22 12.79
C PRO A 82 -1.66 4.32 11.72
N GLN A 83 -1.61 2.99 11.93
CA GLN A 83 -2.17 1.96 11.00
C GLN A 83 -3.66 2.23 10.68
N ASP A 84 -4.39 2.72 11.71
CA ASP A 84 -5.83 3.04 11.65
C ASP A 84 -6.10 4.21 10.67
N GLN A 85 -5.11 5.10 10.54
CA GLN A 85 -5.21 6.33 9.73
C GLN A 85 -4.37 6.23 8.43
N ILE A 86 -3.52 5.17 8.30
CA ILE A 86 -2.68 4.96 7.11
C ILE A 86 -3.56 4.80 5.84
N ARG A 87 -3.42 5.79 4.94
CA ARG A 87 -4.05 5.78 3.62
C ARG A 87 -2.95 5.74 2.56
N LEU A 88 -3.26 5.10 1.42
CA LEU A 88 -2.29 4.80 0.37
C LEU A 88 -2.81 5.33 -0.97
N TRP A 89 -1.90 5.90 -1.78
CA TRP A 89 -2.24 6.55 -3.05
C TRP A 89 -1.46 5.85 -4.17
N PRO A 90 -2.14 5.15 -5.15
CA PRO A 90 -1.42 4.42 -6.22
C PRO A 90 -0.71 5.39 -7.19
N MET A 91 0.48 5.00 -7.70
CA MET A 91 1.23 5.81 -8.69
C MET A 91 0.40 6.01 -9.97
N GLN A 92 -0.34 7.11 -9.98
CA GLN A 92 -1.15 7.51 -11.13
C GLN A 92 -0.31 8.43 -12.02
N ALA A 93 -0.44 8.27 -13.34
CA ALA A 93 0.14 9.19 -14.33
C ALA A 93 -0.74 10.44 -14.39
N ARG A 94 -0.73 11.22 -13.27
CA ARG A 94 -1.57 12.39 -13.08
C ARG A 94 -0.90 13.63 -13.73
N SER A 95 -1.01 13.66 -15.06
CA SER A 95 -0.36 14.63 -15.96
C SER A 95 -1.45 15.40 -16.74
N ASN A 96 -1.03 16.25 -17.71
CA ASN A 96 -1.97 16.98 -18.60
C ASN A 96 -2.73 15.97 -19.49
N GLY A 97 -4.06 15.91 -19.31
CA GLY A 97 -4.92 14.97 -20.03
C GLY A 97 -5.67 14.02 -19.10
N THR A 98 -5.00 13.57 -18.02
CA THR A 98 -5.57 12.69 -17.00
C THR A 98 -4.92 12.99 -15.64
N LYS A 99 -5.70 13.55 -14.71
CA LYS A 99 -5.26 13.81 -13.34
C LYS A 99 -6.48 13.79 -12.40
N ARG A 100 -6.61 12.67 -11.68
CA ARG A 100 -7.59 12.50 -10.60
C ARG A 100 -7.03 11.47 -9.60
N PRO A 101 -5.92 11.82 -8.87
CA PRO A 101 -5.31 10.90 -7.89
C PRO A 101 -6.17 10.84 -6.61
N ALA A 102 -6.50 9.62 -6.18
CA ALA A 102 -7.27 9.38 -4.95
C ALA A 102 -6.65 8.20 -4.19
N MET A 103 -6.89 8.17 -2.86
CA MET A 103 -6.47 7.05 -2.01
C MET A 103 -7.36 5.83 -2.31
N LEU A 104 -6.88 4.61 -1.99
CA LEU A 104 -7.69 3.37 -2.14
C LEU A 104 -8.89 3.41 -1.19
N ASP A 105 -9.97 2.68 -1.55
CA ASP A 105 -11.19 2.55 -0.74
C ASP A 105 -10.82 1.86 0.58
N ASN A 106 -10.72 2.65 1.66
CA ASN A 106 -10.10 2.20 2.94
C ASN A 106 -10.87 1.03 3.58
N GLU A 107 -12.20 1.02 3.38
CA GLU A 107 -13.05 -0.10 3.83
C GLU A 107 -12.72 -1.38 3.05
N ALA A 108 -12.47 -1.21 1.74
CA ALA A 108 -12.18 -2.32 0.84
C ALA A 108 -10.79 -2.91 1.11
N ASP A 109 -9.74 -2.05 1.08
CA ASP A 109 -8.34 -2.50 1.12
C ASP A 109 -8.01 -3.24 2.42
N GLY A 110 -8.36 -2.62 3.56
CA GLY A 110 -8.06 -3.18 4.88
C GLY A 110 -9.01 -4.30 5.32
N ASN A 111 -9.73 -4.91 4.37
CA ASN A 111 -10.66 -6.03 4.62
C ASN A 111 -10.23 -7.28 3.83
N LYS A 112 -9.35 -7.10 2.82
CA LYS A 112 -8.93 -8.19 1.90
C LYS A 112 -7.42 -8.09 1.56
N THR A 113 -6.96 -8.95 0.62
CA THR A 113 -5.53 -9.07 0.24
C THR A 113 -5.06 -7.89 -0.63
N MET A 114 -3.75 -7.60 -0.59
CA MET A 114 -3.16 -6.45 -1.30
C MET A 114 -2.83 -6.76 -2.78
N ILE A 115 -2.99 -8.04 -3.18
CA ILE A 115 -2.83 -8.49 -4.58
C ILE A 115 -3.92 -7.88 -5.48
N GLU A 116 -5.09 -7.66 -4.87
CA GLU A 116 -6.28 -7.19 -5.55
C GLU A 116 -6.10 -5.74 -6.02
N LEU A 117 -5.45 -4.95 -5.16
CA LEU A 117 -5.21 -3.52 -5.38
C LEU A 117 -4.09 -3.29 -6.41
N SER A 118 -2.99 -4.06 -6.25
CA SER A 118 -1.84 -4.01 -7.17
C SER A 118 -2.23 -4.56 -8.55
N ASP A 119 -3.06 -5.61 -8.53
CA ASP A 119 -3.39 -6.43 -9.69
C ASP A 119 -2.10 -7.04 -10.30
N ASN A 120 -1.43 -7.84 -9.46
CA ASN A 120 -0.32 -8.73 -9.87
C ASN A 120 0.94 -7.98 -10.36
N GLU A 121 1.06 -6.69 -9.99
CA GLU A 121 2.24 -5.87 -10.37
C GLU A 121 3.22 -5.73 -9.19
N ASN A 122 4.52 -5.65 -9.52
CA ASN A 122 5.60 -5.40 -8.55
C ASN A 122 6.87 -4.88 -9.28
N PRO A 123 7.63 -3.87 -8.71
CA PRO A 123 7.31 -3.20 -7.42
C PRO A 123 6.20 -2.13 -7.59
N TRP A 124 5.13 -2.27 -6.79
CA TRP A 124 3.96 -1.40 -6.85
C TRP A 124 4.26 -0.09 -6.08
N THR A 125 4.42 1.00 -6.81
CA THR A 125 4.73 2.31 -6.22
C THR A 125 3.44 2.92 -5.62
N ILE A 126 3.53 3.34 -4.36
CA ILE A 126 2.40 3.91 -3.62
C ILE A 126 2.95 4.99 -2.67
N PHE A 127 2.14 6.03 -2.45
CA PHE A 127 2.46 7.17 -1.59
C PHE A 127 1.76 6.99 -0.24
N LEU A 128 2.49 7.17 0.87
CA LEU A 128 1.95 7.02 2.23
C LEU A 128 1.30 8.36 2.66
N GLU A 129 0.08 8.26 3.21
CA GLU A 129 -0.71 9.40 3.70
C GLU A 129 -1.21 9.09 5.12
N THR A 130 -1.42 10.14 5.92
CA THR A 130 -2.07 10.02 7.24
C THR A 130 -3.54 10.48 7.08
N PRO A 3 -23.48 2.86 0.14
CA PRO A 3 -23.27 1.68 1.03
C PRO A 3 -22.87 0.44 0.22
N GLN A 4 -23.76 0.02 -0.68
CA GLN A 4 -23.67 -1.29 -1.38
C GLN A 4 -22.66 -1.25 -2.55
N GLN A 5 -22.15 -0.04 -2.90
CA GLN A 5 -21.09 0.09 -3.92
C GLN A 5 -19.75 -0.44 -3.38
N LEU A 6 -19.61 -0.38 -2.05
CA LEU A 6 -18.40 -0.75 -1.33
C LEU A 6 -18.19 -2.27 -1.34
N VAL A 7 -19.26 -3.02 -1.01
CA VAL A 7 -19.22 -4.50 -1.06
C VAL A 7 -19.10 -4.99 -2.52
N GLU A 8 -19.70 -4.21 -3.46
CA GLU A 8 -19.63 -4.51 -4.90
C GLU A 8 -18.16 -4.49 -5.37
N ARG A 9 -17.51 -3.32 -5.21
CA ARG A 9 -16.10 -3.10 -5.64
C ARG A 9 -15.13 -4.02 -4.89
N LEU A 10 -15.50 -4.38 -3.63
CA LEU A 10 -14.66 -5.21 -2.76
C LEU A 10 -14.52 -6.60 -3.41
N GLN A 11 -15.69 -7.22 -3.73
CA GLN A 11 -15.75 -8.59 -4.29
C GLN A 11 -15.25 -8.63 -5.75
N GLU A 12 -15.48 -7.52 -6.50
CA GLU A 12 -15.02 -7.38 -7.90
C GLU A 12 -13.48 -7.53 -8.00
N GLU A 13 -12.77 -7.02 -6.99
CA GLU A 13 -11.32 -7.20 -6.91
C GLU A 13 -10.96 -8.50 -6.15
N LYS A 14 -11.75 -8.85 -5.12
CA LYS A 14 -11.50 -9.99 -4.21
C LYS A 14 -11.50 -11.35 -4.91
N ARG A 15 -12.28 -11.44 -5.99
CA ARG A 15 -12.52 -12.70 -6.72
C ARG A 15 -11.23 -13.33 -7.34
N ILE A 16 -10.11 -12.55 -7.38
CA ILE A 16 -8.80 -13.06 -7.88
C ILE A 16 -8.23 -14.18 -6.97
N GLU A 17 -8.81 -14.27 -5.74
CA GLU A 17 -8.48 -15.26 -4.72
C GLU A 17 -8.51 -16.68 -5.28
N ALA A 18 -9.42 -16.92 -6.26
CA ALA A 18 -9.60 -18.24 -6.91
C ALA A 18 -8.26 -18.79 -7.47
N GLN A 19 -7.44 -17.88 -8.02
CA GLN A 19 -6.08 -18.17 -8.47
C GLN A 19 -5.10 -18.23 -7.29
N LYS A 20 -5.03 -17.10 -6.55
CA LYS A 20 -3.91 -16.81 -5.61
C LYS A 20 -3.97 -17.66 -4.31
N ARG A 21 -5.13 -18.33 -4.07
CA ARG A 21 -5.32 -19.25 -2.92
C ARG A 21 -4.52 -20.56 -3.09
N LYS A 22 -3.93 -20.75 -4.30
CA LYS A 22 -3.03 -21.87 -4.64
C LYS A 22 -1.92 -22.05 -3.58
N GLU A 23 -1.47 -20.91 -3.04
CA GLU A 23 -0.45 -20.84 -1.99
C GLU A 23 -0.98 -19.92 -0.89
N ARG A 24 -1.75 -20.48 0.06
CA ARG A 24 -2.27 -19.73 1.22
C ARG A 24 -1.25 -19.84 2.37
N GLN A 25 -0.05 -19.26 2.12
CA GLN A 25 1.10 -19.34 3.02
C GLN A 25 2.21 -18.38 2.55
N GLU A 26 3.31 -18.31 3.30
CA GLU A 26 4.52 -17.59 2.87
C GLU A 26 5.27 -18.48 1.87
N ALA A 27 5.14 -18.12 0.59
CA ALA A 27 5.78 -18.80 -0.55
C ALA A 27 6.35 -17.72 -1.48
N HIS A 28 6.42 -17.94 -2.81
CA HIS A 28 7.08 -16.97 -3.74
C HIS A 28 6.30 -15.64 -3.92
N LEU A 29 5.25 -15.42 -3.10
CA LEU A 29 4.36 -14.24 -3.21
C LEU A 29 4.93 -12.99 -2.50
N TYR A 30 6.25 -13.00 -2.21
CA TYR A 30 7.03 -11.92 -1.53
C TYR A 30 7.16 -10.58 -2.31
N MET A 31 6.17 -10.26 -3.20
CA MET A 31 6.21 -9.10 -4.13
C MET A 31 6.79 -7.83 -3.47
N GLN A 32 7.59 -7.12 -4.24
CA GLN A 32 8.26 -5.92 -3.78
C GLN A 32 7.30 -4.74 -3.95
N VAL A 33 7.36 -3.80 -3.02
CA VAL A 33 6.49 -2.64 -3.02
C VAL A 33 7.31 -1.38 -2.72
N GLN A 34 7.24 -0.43 -3.65
CA GLN A 34 7.92 0.86 -3.57
C GLN A 34 7.10 1.81 -2.74
N ILE A 35 7.60 2.14 -1.55
CA ILE A 35 6.96 3.09 -0.64
C ILE A 35 7.83 4.34 -0.54
N VAL A 36 7.18 5.50 -0.49
CA VAL A 36 7.82 6.76 -0.09
C VAL A 36 6.94 7.45 0.97
N ALA A 37 7.48 7.51 2.19
CA ALA A 37 6.89 8.25 3.32
C ALA A 37 7.94 9.23 3.84
N GLU A 38 7.51 10.17 4.69
CA GLU A 38 8.39 11.18 5.28
C GLU A 38 8.04 11.42 6.75
N ASP A 39 8.82 10.80 7.64
CA ASP A 39 8.73 11.03 9.10
C ASP A 39 9.65 12.18 9.56
N GLN A 40 10.21 12.91 8.58
CA GLN A 40 11.04 14.10 8.81
C GLN A 40 10.24 15.23 9.50
N PHE A 41 8.96 15.37 9.12
CA PHE A 41 8.01 16.31 9.77
C PHE A 41 7.22 15.63 10.92
N CYS A 42 7.42 14.32 11.12
CA CYS A 42 6.63 13.51 12.06
C CYS A 42 7.41 13.31 13.38
N GLY A 43 7.04 14.08 14.42
CA GLY A 43 7.56 13.92 15.78
C GLY A 43 8.78 14.80 16.08
N HIS A 44 9.76 14.79 15.18
CA HIS A 44 11.09 15.40 15.42
C HIS A 44 11.76 15.79 14.09
N GLN A 45 12.90 16.50 14.19
CA GLN A 45 13.76 16.83 13.05
C GLN A 45 14.84 15.74 12.86
N GLY A 46 15.45 15.69 11.68
CA GLY A 46 16.44 14.67 11.33
C GLY A 46 17.69 15.26 10.68
N ASN A 47 18.47 14.38 10.06
CA ASN A 47 19.78 14.70 9.43
C ASN A 47 19.57 15.42 8.06
N ASP A 48 20.61 15.40 7.20
CA ASP A 48 20.50 15.90 5.81
C ASP A 48 21.17 14.92 4.82
N MET A 49 22.25 14.23 5.25
CA MET A 49 23.03 13.34 4.37
C MET A 49 22.33 11.98 4.23
N TYR A 50 21.85 11.43 5.35
CA TYR A 50 21.15 10.13 5.38
C TYR A 50 20.04 10.17 6.43
N ASP A 51 18.80 10.04 5.96
CA ASP A 51 17.61 9.91 6.80
C ASP A 51 16.83 8.69 6.34
N GLU A 52 16.71 7.68 7.20
CA GLU A 52 15.93 6.46 6.92
C GLU A 52 14.40 6.77 6.85
N GLU A 53 14.05 7.99 7.33
CA GLU A 53 12.69 8.55 7.29
C GLU A 53 12.46 9.38 6.01
N LYS A 54 13.56 9.69 5.28
CA LYS A 54 13.53 10.60 4.11
C LYS A 54 14.37 10.03 2.95
N VAL A 55 14.65 8.72 2.96
CA VAL A 55 15.33 8.03 1.85
C VAL A 55 14.41 7.92 0.62
N LYS A 56 14.96 7.34 -0.47
CA LYS A 56 14.26 7.11 -1.74
C LYS A 56 13.28 5.91 -1.58
N TYR A 57 12.80 5.37 -2.72
CA TYR A 57 11.83 4.25 -2.74
C TYR A 57 12.30 3.05 -1.90
N THR A 58 11.71 2.92 -0.71
CA THR A 58 11.96 1.82 0.20
C THR A 58 11.18 0.58 -0.28
N VAL A 59 11.95 -0.46 -0.64
CA VAL A 59 11.43 -1.66 -1.29
C VAL A 59 11.22 -2.77 -0.24
N PHE A 60 9.95 -2.99 0.15
CA PHE A 60 9.57 -4.06 1.09
C PHE A 60 9.06 -5.28 0.29
N LYS A 61 9.52 -6.47 0.66
CA LYS A 61 9.09 -7.73 0.04
C LYS A 61 8.04 -8.37 0.96
N VAL A 62 6.78 -8.38 0.49
CA VAL A 62 5.61 -8.76 1.28
C VAL A 62 4.68 -9.70 0.47
N LEU A 63 3.91 -10.52 1.21
CA LEU A 63 3.01 -11.51 0.60
C LEU A 63 1.75 -10.82 0.02
N LYS A 64 1.59 -10.97 -1.32
CA LYS A 64 0.45 -10.39 -2.09
C LYS A 64 -0.88 -11.07 -1.70
N ASN A 65 -0.76 -12.36 -1.35
CA ASN A 65 -1.89 -13.22 -0.90
C ASN A 65 -2.26 -12.94 0.58
N SER A 66 -1.42 -12.16 1.28
CA SER A 66 -1.70 -11.72 2.66
C SER A 66 -2.58 -10.47 2.63
N SER A 67 -3.26 -10.20 3.75
CA SER A 67 -4.17 -9.05 3.93
C SER A 67 -3.40 -7.72 3.88
N LEU A 68 -4.09 -6.67 3.43
CA LEU A 68 -3.54 -5.32 3.33
C LEU A 68 -3.33 -4.77 4.76
N ALA A 69 -4.22 -5.14 5.71
CA ALA A 69 -4.07 -4.85 7.17
C ALA A 69 -2.65 -5.20 7.72
N GLU A 70 -1.99 -6.20 7.11
CA GLU A 70 -0.61 -6.60 7.44
C GLU A 70 0.38 -5.57 6.89
N PHE A 71 0.18 -5.18 5.63
CA PHE A 71 0.96 -4.13 4.93
C PHE A 71 0.86 -2.76 5.68
N VAL A 72 -0.35 -2.49 6.22
CA VAL A 72 -0.65 -1.26 6.99
C VAL A 72 0.17 -1.24 8.29
N GLN A 73 0.00 -2.28 9.12
CA GLN A 73 0.65 -2.36 10.45
C GLN A 73 2.19 -2.40 10.31
N SER A 74 2.69 -2.96 9.18
CA SER A 74 4.13 -2.96 8.87
C SER A 74 4.62 -1.52 8.65
N LEU A 75 3.91 -0.78 7.78
CA LEU A 75 4.20 0.65 7.51
C LEU A 75 4.00 1.53 8.74
N SER A 76 3.10 1.12 9.62
CA SER A 76 2.80 1.84 10.85
C SER A 76 4.00 1.82 11.81
N GLN A 77 4.65 0.65 11.90
CA GLN A 77 5.77 0.43 12.85
C GLN A 77 7.12 0.85 12.23
N THR A 78 7.29 0.60 10.93
CA THR A 78 8.58 0.84 10.23
C THR A 78 8.79 2.34 9.96
N MET A 79 7.68 3.08 9.77
CA MET A 79 7.72 4.52 9.53
C MET A 79 7.49 5.27 10.85
N GLY A 80 6.35 4.97 11.48
CA GLY A 80 5.85 5.78 12.59
C GLY A 80 4.58 6.54 12.22
N PHE A 81 3.89 6.08 11.16
CA PHE A 81 2.55 6.57 10.77
C PHE A 81 1.49 5.78 11.56
N PRO A 82 0.40 6.43 12.06
CA PRO A 82 -0.75 5.70 12.66
C PRO A 82 -1.47 4.84 11.60
N GLN A 83 -1.62 3.53 11.91
CA GLN A 83 -2.25 2.54 11.03
C GLN A 83 -3.73 2.87 10.73
N ASP A 84 -4.36 3.61 11.65
CA ASP A 84 -5.75 4.09 11.51
C ASP A 84 -5.84 5.14 10.37
N GLN A 85 -4.76 5.91 10.18
CA GLN A 85 -4.71 7.01 9.20
C GLN A 85 -3.83 6.67 7.98
N ILE A 86 -3.47 5.38 7.80
CA ILE A 86 -2.72 4.95 6.61
C ILE A 86 -3.66 4.89 5.39
N ARG A 87 -3.59 5.97 4.56
CA ARG A 87 -4.27 6.00 3.25
C ARG A 87 -3.26 5.62 2.17
N LEU A 88 -3.72 4.82 1.21
CA LEU A 88 -2.91 4.30 0.10
C LEU A 88 -3.19 5.11 -1.17
N TRP A 89 -2.13 5.64 -1.80
CA TRP A 89 -2.24 6.42 -3.05
C TRP A 89 -1.32 5.78 -4.09
N PRO A 90 -1.85 5.15 -5.18
CA PRO A 90 -0.99 4.46 -6.18
C PRO A 90 -0.25 5.47 -7.08
N MET A 91 0.79 5.01 -7.82
CA MET A 91 1.44 5.83 -8.86
C MET A 91 0.42 6.14 -9.99
N GLN A 92 -0.32 7.23 -9.77
CA GLN A 92 -1.34 7.73 -10.69
C GLN A 92 -0.80 8.97 -11.41
N ALA A 93 -1.07 9.08 -12.72
CA ALA A 93 -0.69 10.24 -13.54
C ALA A 93 -1.68 11.40 -13.31
N ARG A 94 -1.71 11.90 -12.05
CA ARG A 94 -2.50 13.07 -11.64
C ARG A 94 -1.78 14.37 -12.05
N SER A 95 -0.49 14.24 -12.41
CA SER A 95 0.35 15.36 -12.87
C SER A 95 0.17 15.58 -14.38
N ASN A 96 -1.09 15.65 -14.81
CA ASN A 96 -1.48 15.91 -16.20
C ASN A 96 -2.82 16.66 -16.18
N GLY A 97 -2.77 17.98 -16.48
CA GLY A 97 -3.94 18.85 -16.42
C GLY A 97 -4.58 18.93 -15.03
N THR A 98 -5.85 19.35 -14.97
CA THR A 98 -6.64 19.39 -13.73
C THR A 98 -7.28 18.00 -13.50
N LYS A 99 -6.65 17.19 -12.65
CA LYS A 99 -7.14 15.85 -12.28
C LYS A 99 -7.09 15.73 -10.75
N ARG A 100 -8.25 15.50 -10.13
CA ARG A 100 -8.35 15.24 -8.68
C ARG A 100 -7.89 13.79 -8.37
N PRO A 101 -6.76 13.58 -7.64
CA PRO A 101 -6.34 12.24 -7.20
C PRO A 101 -7.20 11.75 -6.02
N ALA A 102 -7.22 10.43 -5.82
CA ALA A 102 -8.01 9.78 -4.76
C ALA A 102 -7.24 8.58 -4.21
N MET A 103 -7.41 8.32 -2.90
CA MET A 103 -6.88 7.12 -2.26
C MET A 103 -7.79 5.91 -2.58
N LEU A 104 -7.31 4.69 -2.32
CA LEU A 104 -8.16 3.48 -2.44
C LEU A 104 -9.21 3.47 -1.32
N ASP A 105 -10.32 2.71 -1.51
CA ASP A 105 -11.39 2.58 -0.50
C ASP A 105 -10.81 1.94 0.78
N ASN A 106 -10.45 2.80 1.76
CA ASN A 106 -9.61 2.42 2.92
C ASN A 106 -10.31 1.40 3.84
N GLU A 107 -11.66 1.35 3.73
CA GLU A 107 -12.49 0.34 4.38
C GLU A 107 -12.25 -1.05 3.73
N ALA A 108 -12.27 -1.07 2.39
CA ALA A 108 -12.04 -2.29 1.59
C ALA A 108 -10.61 -2.80 1.79
N ASP A 109 -9.60 -1.91 1.57
CA ASP A 109 -8.17 -2.27 1.68
C ASP A 109 -7.70 -2.32 3.15
N GLY A 110 -8.60 -2.36 4.11
CA GLY A 110 -8.23 -2.71 5.48
C GLY A 110 -8.60 -4.14 5.83
N ASN A 111 -9.32 -4.83 4.91
CA ASN A 111 -9.90 -6.16 5.19
C ASN A 111 -9.40 -7.23 4.21
N LYS A 112 -9.20 -6.86 2.92
CA LYS A 112 -8.87 -7.85 1.86
C LYS A 112 -7.38 -7.82 1.49
N THR A 113 -6.96 -8.69 0.54
CA THR A 113 -5.54 -8.89 0.19
C THR A 113 -4.97 -7.70 -0.62
N MET A 114 -3.63 -7.60 -0.67
CA MET A 114 -2.95 -6.48 -1.36
C MET A 114 -2.77 -6.73 -2.86
N ILE A 115 -2.99 -8.00 -3.30
CA ILE A 115 -2.84 -8.40 -4.72
C ILE A 115 -3.88 -7.71 -5.61
N GLU A 116 -5.04 -7.42 -5.00
CA GLU A 116 -6.20 -6.82 -5.67
C GLU A 116 -5.90 -5.39 -6.12
N LEU A 117 -5.11 -4.72 -5.28
CA LEU A 117 -4.72 -3.32 -5.44
C LEU A 117 -3.48 -3.22 -6.35
N SER A 118 -2.53 -4.16 -6.17
CA SER A 118 -1.25 -4.18 -6.91
C SER A 118 -1.45 -4.56 -8.38
N ASP A 119 -2.58 -5.24 -8.67
CA ASP A 119 -2.96 -5.67 -10.04
C ASP A 119 -1.93 -6.70 -10.59
N ASN A 120 -1.38 -7.51 -9.65
CA ASN A 120 -0.43 -8.61 -9.95
C ASN A 120 0.92 -8.09 -10.49
N GLU A 121 1.32 -6.86 -10.10
CA GLU A 121 2.62 -6.27 -10.52
C GLU A 121 3.54 -6.04 -9.30
N ASN A 122 4.85 -5.94 -9.56
CA ASN A 122 5.89 -5.57 -8.57
C ASN A 122 7.15 -5.06 -9.31
N PRO A 123 7.94 -4.08 -8.74
CA PRO A 123 7.66 -3.40 -7.46
C PRO A 123 6.53 -2.35 -7.61
N TRP A 124 5.48 -2.48 -6.77
CA TRP A 124 4.27 -1.66 -6.87
C TRP A 124 4.50 -0.32 -6.15
N THR A 125 4.46 0.78 -6.90
CA THR A 125 4.72 2.12 -6.36
C THR A 125 3.47 2.70 -5.68
N ILE A 126 3.65 3.24 -4.47
CA ILE A 126 2.58 3.82 -3.68
C ILE A 126 3.14 4.91 -2.75
N PHE A 127 2.24 5.79 -2.30
CA PHE A 127 2.54 6.87 -1.35
C PHE A 127 1.82 6.55 -0.03
N LEU A 128 2.51 6.74 1.10
CA LEU A 128 1.93 6.55 2.43
C LEU A 128 1.42 7.92 2.90
N GLU A 129 0.12 7.99 3.24
CA GLU A 129 -0.56 9.22 3.69
C GLU A 129 -1.00 9.10 5.15
N THR A 130 -1.16 10.26 5.84
CA THR A 130 -1.58 10.34 7.24
C THR A 130 -2.95 11.10 7.33
N PRO A 3 -23.07 3.97 0.33
CA PRO A 3 -22.70 2.68 0.96
C PRO A 3 -22.49 1.56 -0.09
N GLN A 4 -23.46 1.45 -1.03
CA GLN A 4 -23.53 0.28 -1.95
C GLN A 4 -22.34 0.26 -2.92
N GLN A 5 -21.80 1.45 -3.22
CA GLN A 5 -20.66 1.59 -4.16
C GLN A 5 -19.40 0.92 -3.58
N LEU A 6 -19.25 1.01 -2.24
CA LEU A 6 -18.07 0.50 -1.53
C LEU A 6 -18.10 -1.04 -1.49
N VAL A 7 -19.25 -1.59 -1.08
CA VAL A 7 -19.40 -3.05 -0.98
C VAL A 7 -19.35 -3.67 -2.39
N GLU A 8 -19.87 -2.93 -3.39
CA GLU A 8 -19.86 -3.35 -4.81
C GLU A 8 -18.43 -3.56 -5.30
N ARG A 9 -17.56 -2.54 -5.11
CA ARG A 9 -16.14 -2.62 -5.53
C ARG A 9 -15.45 -3.73 -4.75
N LEU A 10 -15.82 -3.87 -3.44
CA LEU A 10 -15.19 -4.83 -2.52
C LEU A 10 -15.39 -6.26 -3.06
N GLN A 11 -16.61 -6.53 -3.57
CA GLN A 11 -16.97 -7.82 -4.19
C GLN A 11 -16.17 -8.04 -5.49
N GLU A 12 -16.12 -7.00 -6.33
CA GLU A 12 -15.42 -7.03 -7.64
C GLU A 12 -13.89 -7.16 -7.48
N GLU A 13 -13.40 -6.77 -6.30
CA GLU A 13 -11.98 -6.88 -5.95
C GLU A 13 -11.68 -8.30 -5.41
N LYS A 14 -12.44 -8.71 -4.37
CA LYS A 14 -12.18 -9.94 -3.58
C LYS A 14 -12.49 -11.23 -4.38
N ARG A 15 -13.24 -11.09 -5.48
CA ARG A 15 -13.68 -12.24 -6.31
C ARG A 15 -12.48 -13.06 -6.89
N ILE A 16 -11.26 -12.46 -6.88
CA ILE A 16 -10.03 -13.15 -7.39
C ILE A 16 -9.64 -14.34 -6.48
N GLU A 17 -10.17 -14.34 -5.23
CA GLU A 17 -9.83 -15.31 -4.18
C GLU A 17 -10.20 -16.76 -4.53
N ALA A 18 -11.10 -16.93 -5.52
CA ALA A 18 -11.42 -18.26 -6.09
C ALA A 18 -10.15 -18.93 -6.64
N GLN A 19 -9.28 -18.10 -7.26
CA GLN A 19 -7.98 -18.51 -7.82
C GLN A 19 -6.85 -18.35 -6.79
N LYS A 20 -6.91 -17.22 -6.05
CA LYS A 20 -5.81 -16.69 -5.23
C LYS A 20 -5.56 -17.56 -3.98
N ARG A 21 -6.65 -18.00 -3.32
CA ARG A 21 -6.56 -18.76 -2.02
C ARG A 21 -6.07 -20.21 -2.22
N LYS A 22 -5.62 -20.54 -3.45
CA LYS A 22 -4.87 -21.77 -3.74
C LYS A 22 -3.69 -21.94 -2.75
N GLU A 23 -3.01 -20.82 -2.46
CA GLU A 23 -1.93 -20.77 -1.48
C GLU A 23 -2.02 -19.46 -0.67
N ARG A 24 -1.85 -19.59 0.64
CA ARG A 24 -1.84 -18.46 1.62
C ARG A 24 -0.49 -18.45 2.38
N GLN A 25 0.43 -19.31 1.92
CA GLN A 25 1.69 -19.62 2.59
C GLN A 25 2.83 -18.70 2.09
N GLU A 26 3.86 -18.51 2.95
CA GLU A 26 5.10 -17.78 2.61
C GLU A 26 5.82 -18.45 1.41
N ALA A 27 5.81 -17.75 0.26
CA ALA A 27 6.38 -18.24 -1.00
C ALA A 27 6.81 -17.06 -1.87
N HIS A 28 6.85 -17.26 -3.22
CA HIS A 28 7.17 -16.21 -4.22
C HIS A 28 6.13 -15.06 -4.24
N LEU A 29 5.09 -15.17 -3.40
CA LEU A 29 4.07 -14.14 -3.19
C LEU A 29 4.62 -12.95 -2.37
N TYR A 30 5.92 -12.99 -2.01
CA TYR A 30 6.72 -11.92 -1.36
C TYR A 30 6.84 -10.59 -2.16
N MET A 31 5.87 -10.28 -3.04
CA MET A 31 5.93 -9.16 -4.01
C MET A 31 6.43 -7.85 -3.37
N GLN A 32 7.28 -7.12 -4.12
CA GLN A 32 7.95 -5.91 -3.66
C GLN A 32 7.05 -4.70 -3.88
N VAL A 33 7.10 -3.76 -2.93
CA VAL A 33 6.32 -2.52 -2.99
C VAL A 33 7.24 -1.33 -2.62
N GLN A 34 7.32 -0.36 -3.53
CA GLN A 34 8.12 0.86 -3.38
C GLN A 34 7.32 1.89 -2.57
N ILE A 35 7.85 2.30 -1.41
CA ILE A 35 7.17 3.24 -0.51
C ILE A 35 8.08 4.44 -0.21
N VAL A 36 7.51 5.65 -0.25
CA VAL A 36 8.14 6.87 0.30
C VAL A 36 7.08 7.65 1.08
N ALA A 37 7.51 8.24 2.21
CA ALA A 37 6.67 9.11 3.04
C ALA A 37 7.39 10.45 3.22
N GLU A 38 7.10 11.41 2.32
CA GLU A 38 7.82 12.70 2.26
C GLU A 38 7.55 13.53 3.54
N ASP A 39 8.66 13.87 4.22
CA ASP A 39 8.69 14.71 5.43
C ASP A 39 7.91 16.05 5.29
N GLN A 40 7.94 16.63 4.08
CA GLN A 40 7.34 17.95 3.77
C GLN A 40 5.82 18.03 4.07
N PHE A 41 5.11 16.88 3.94
CA PHE A 41 3.67 16.77 4.30
C PHE A 41 3.41 17.21 5.77
N CYS A 42 4.34 16.86 6.67
CA CYS A 42 4.34 17.31 8.07
C CYS A 42 5.07 18.66 8.16
N GLY A 43 4.73 19.46 9.19
CA GLY A 43 5.42 20.73 9.48
C GLY A 43 6.76 20.48 10.17
N HIS A 44 7.68 19.87 9.40
CA HIS A 44 8.99 19.39 9.90
C HIS A 44 10.06 19.72 8.84
N GLN A 45 11.33 19.80 9.28
CA GLN A 45 12.46 20.23 8.41
C GLN A 45 13.10 19.02 7.70
N GLY A 46 13.39 19.20 6.40
CA GLY A 46 14.24 18.29 5.64
C GLY A 46 15.65 18.84 5.58
N ASN A 47 16.57 18.20 6.32
CA ASN A 47 17.95 18.71 6.55
C ASN A 47 18.87 18.55 5.33
N ASP A 48 18.37 17.87 4.27
CA ASP A 48 19.11 17.54 3.02
C ASP A 48 20.26 16.54 3.31
N MET A 49 20.23 15.95 4.51
CA MET A 49 21.27 15.03 5.00
C MET A 49 20.64 13.61 5.00
N TYR A 50 20.98 12.75 5.99
CA TYR A 50 20.30 11.47 6.19
C TYR A 50 18.94 11.70 6.89
N ASP A 51 17.93 12.01 6.06
CA ASP A 51 16.54 12.18 6.48
C ASP A 51 15.81 10.87 6.29
N GLU A 52 15.66 10.11 7.38
CA GLU A 52 15.03 8.76 7.40
C GLU A 52 13.54 8.81 7.02
N GLU A 53 13.02 10.04 6.97
CA GLU A 53 11.66 10.36 6.53
C GLU A 53 11.65 10.41 4.99
N LYS A 54 12.61 11.19 4.46
CA LYS A 54 12.71 11.50 3.02
C LYS A 54 13.85 10.68 2.34
N VAL A 55 14.16 9.49 2.90
CA VAL A 55 15.09 8.53 2.23
C VAL A 55 14.48 7.93 0.96
N LYS A 56 15.33 7.20 0.21
CA LYS A 56 14.95 6.51 -1.04
C LYS A 56 13.73 5.57 -0.88
N TYR A 57 13.23 5.07 -2.01
CA TYR A 57 12.12 4.11 -2.04
C TYR A 57 12.45 2.84 -1.23
N THR A 58 11.81 2.73 -0.05
CA THR A 58 11.92 1.55 0.81
C THR A 58 11.09 0.41 0.18
N VAL A 59 11.77 -0.68 -0.14
CA VAL A 59 11.21 -1.81 -0.88
C VAL A 59 10.84 -2.95 0.09
N PHE A 60 9.53 -3.07 0.39
CA PHE A 60 9.00 -4.11 1.27
C PHE A 60 8.51 -5.29 0.43
N LYS A 61 9.10 -6.46 0.68
CA LYS A 61 8.70 -7.72 0.04
C LYS A 61 7.72 -8.40 0.99
N VAL A 62 6.42 -8.40 0.60
CA VAL A 62 5.32 -8.87 1.46
C VAL A 62 4.38 -9.78 0.65
N LEU A 63 3.61 -10.60 1.39
CA LEU A 63 2.65 -11.55 0.81
C LEU A 63 1.44 -10.80 0.20
N LYS A 64 1.43 -10.71 -1.15
CA LYS A 64 0.34 -10.10 -1.93
C LYS A 64 -0.97 -10.91 -1.80
N ASN A 65 -0.80 -12.21 -1.49
CA ASN A 65 -1.92 -13.14 -1.26
C ASN A 65 -2.50 -12.98 0.17
N SER A 66 -1.79 -12.25 1.04
CA SER A 66 -2.27 -11.90 2.40
C SER A 66 -2.88 -10.47 2.36
N SER A 67 -3.56 -10.08 3.47
CA SER A 67 -4.36 -8.85 3.54
C SER A 67 -3.50 -7.56 3.54
N LEU A 68 -4.12 -6.45 3.11
CA LEU A 68 -3.54 -5.11 3.10
C LEU A 68 -3.33 -4.64 4.56
N ALA A 69 -4.24 -5.10 5.46
CA ALA A 69 -4.12 -4.95 6.94
C ALA A 69 -2.72 -5.33 7.46
N GLU A 70 -2.15 -6.41 6.90
CA GLU A 70 -0.80 -6.89 7.25
C GLU A 70 0.27 -5.88 6.79
N PHE A 71 0.09 -5.36 5.58
CA PHE A 71 0.99 -4.36 5.00
C PHE A 71 0.95 -3.04 5.82
N VAL A 72 -0.26 -2.64 6.27
CA VAL A 72 -0.49 -1.41 7.04
C VAL A 72 0.26 -1.46 8.39
N GLN A 73 0.04 -2.55 9.14
CA GLN A 73 0.60 -2.70 10.50
C GLN A 73 2.15 -2.76 10.48
N SER A 74 2.71 -3.36 9.41
CA SER A 74 4.17 -3.42 9.19
C SER A 74 4.71 -2.01 8.89
N LEU A 75 4.02 -1.30 7.99
CA LEU A 75 4.41 0.06 7.55
C LEU A 75 4.24 1.07 8.71
N SER A 76 3.30 0.76 9.60
CA SER A 76 2.97 1.56 10.78
C SER A 76 4.12 1.57 11.76
N GLN A 77 4.65 0.38 12.06
CA GLN A 77 5.69 0.21 13.09
C GLN A 77 7.09 0.58 12.55
N THR A 78 7.28 0.55 11.21
CA THR A 78 8.59 0.85 10.60
C THR A 78 8.81 2.37 10.39
N MET A 79 7.71 3.13 10.15
CA MET A 79 7.80 4.59 9.89
C MET A 79 7.18 5.42 11.02
N GLY A 80 6.37 4.78 11.87
CA GLY A 80 5.69 5.48 12.98
C GLY A 80 4.41 6.21 12.55
N PHE A 81 3.79 5.74 11.45
CA PHE A 81 2.53 6.27 10.92
C PHE A 81 1.36 5.45 11.50
N PRO A 82 0.21 6.11 11.87
CA PRO A 82 -0.92 5.43 12.55
C PRO A 82 -1.54 4.33 11.66
N GLN A 83 -1.57 3.08 12.18
CA GLN A 83 -2.09 1.90 11.45
C GLN A 83 -3.61 2.01 11.18
N ASP A 84 -4.31 2.74 12.05
CA ASP A 84 -5.74 3.02 11.88
C ASP A 84 -5.97 4.00 10.70
N GLN A 85 -4.97 4.84 10.42
CA GLN A 85 -5.12 6.02 9.55
C GLN A 85 -4.29 5.94 8.24
N ILE A 86 -3.33 4.97 8.12
CA ILE A 86 -2.44 4.83 6.92
C ILE A 86 -3.26 4.75 5.62
N ARG A 87 -3.19 5.82 4.81
CA ARG A 87 -3.77 5.86 3.46
C ARG A 87 -2.63 5.72 2.44
N LEU A 88 -2.96 5.24 1.24
CA LEU A 88 -1.97 4.94 0.19
C LEU A 88 -2.41 5.58 -1.12
N TRP A 89 -1.44 6.08 -1.90
CA TRP A 89 -1.67 6.68 -3.23
C TRP A 89 -0.83 5.90 -4.25
N PRO A 90 -1.44 5.21 -5.27
CA PRO A 90 -0.66 4.50 -6.30
C PRO A 90 0.08 5.50 -7.23
N MET A 91 1.26 5.12 -7.76
CA MET A 91 1.98 5.95 -8.75
C MET A 91 1.06 6.20 -9.95
N GLN A 92 0.92 7.46 -10.33
CA GLN A 92 -0.04 7.89 -11.35
C GLN A 92 0.52 9.08 -12.12
N ALA A 93 0.40 9.06 -13.45
CA ALA A 93 0.89 10.13 -14.33
C ALA A 93 -0.16 11.27 -14.46
N ARG A 94 -0.66 11.73 -13.28
CA ARG A 94 -1.73 12.74 -13.17
C ARG A 94 -1.20 14.20 -13.26
N SER A 95 -0.05 14.38 -13.95
CA SER A 95 0.54 15.71 -14.21
C SER A 95 -0.10 16.32 -15.48
N ASN A 96 -1.44 16.32 -15.50
CA ASN A 96 -2.26 16.78 -16.64
C ASN A 96 -3.52 17.49 -16.09
N GLY A 97 -4.15 18.34 -16.92
CA GLY A 97 -5.39 19.04 -16.55
C GLY A 97 -6.52 18.07 -16.20
N THR A 98 -6.59 16.95 -16.95
CA THR A 98 -7.47 15.83 -16.65
C THR A 98 -6.78 14.93 -15.60
N LYS A 99 -7.24 15.02 -14.35
CA LYS A 99 -6.67 14.26 -13.22
C LYS A 99 -7.72 14.12 -12.10
N ARG A 100 -7.84 12.91 -11.56
CA ARG A 100 -8.63 12.66 -10.35
C ARG A 100 -7.84 11.65 -9.49
N PRO A 101 -6.80 12.13 -8.74
CA PRO A 101 -6.05 11.27 -7.80
C PRO A 101 -6.89 11.00 -6.54
N ALA A 102 -6.90 9.74 -6.08
CA ALA A 102 -7.62 9.33 -4.86
C ALA A 102 -6.84 8.22 -4.16
N MET A 103 -6.89 8.25 -2.81
CA MET A 103 -6.28 7.21 -1.97
C MET A 103 -7.12 5.92 -2.04
N LEU A 104 -6.54 4.80 -1.62
CA LEU A 104 -7.26 3.50 -1.58
C LEU A 104 -8.30 3.51 -0.43
N ASP A 105 -9.39 2.73 -0.64
CA ASP A 105 -10.55 2.69 0.28
C ASP A 105 -10.21 1.86 1.53
N ASN A 106 -9.75 2.53 2.62
CA ASN A 106 -9.30 1.84 3.88
C ASN A 106 -10.34 0.88 4.48
N GLU A 107 -11.59 1.08 4.09
CA GLU A 107 -12.72 0.22 4.47
C GLU A 107 -12.73 -1.10 3.68
N ALA A 108 -12.42 -1.03 2.38
CA ALA A 108 -12.23 -2.22 1.54
C ALA A 108 -10.87 -2.88 1.87
N ASP A 109 -9.80 -2.08 1.62
CA ASP A 109 -8.38 -2.51 1.72
C ASP A 109 -7.78 -2.18 3.09
N GLY A 110 -8.60 -2.28 4.11
CA GLY A 110 -8.12 -2.58 5.46
C GLY A 110 -8.48 -4.01 5.83
N ASN A 111 -9.21 -4.70 4.94
CA ASN A 111 -9.74 -6.05 5.18
C ASN A 111 -9.29 -7.05 4.11
N LYS A 112 -9.20 -6.61 2.83
CA LYS A 112 -8.92 -7.53 1.70
C LYS A 112 -7.43 -7.50 1.30
N THR A 113 -7.03 -8.37 0.36
CA THR A 113 -5.61 -8.59 0.00
C THR A 113 -5.09 -7.51 -0.97
N MET A 114 -3.75 -7.34 -1.01
CA MET A 114 -3.10 -6.28 -1.83
C MET A 114 -2.87 -6.73 -3.28
N ILE A 115 -3.17 -8.02 -3.58
CA ILE A 115 -3.13 -8.57 -4.97
C ILE A 115 -4.23 -7.92 -5.83
N GLU A 116 -5.31 -7.51 -5.17
CA GLU A 116 -6.51 -6.94 -5.81
C GLU A 116 -6.23 -5.51 -6.29
N LEU A 117 -5.44 -4.80 -5.47
CA LEU A 117 -5.08 -3.38 -5.69
C LEU A 117 -3.95 -3.26 -6.72
N SER A 118 -2.90 -4.06 -6.51
CA SER A 118 -1.73 -4.10 -7.41
C SER A 118 -2.13 -4.69 -8.77
N ASP A 119 -3.07 -5.66 -8.70
CA ASP A 119 -3.45 -6.53 -9.82
C ASP A 119 -2.19 -7.19 -10.42
N ASN A 120 -1.53 -7.97 -9.55
CA ASN A 120 -0.36 -8.80 -9.86
C ASN A 120 0.90 -7.96 -10.18
N GLU A 121 0.89 -6.65 -9.83
CA GLU A 121 2.04 -5.75 -10.01
C GLU A 121 3.18 -6.11 -9.03
N ASN A 122 4.38 -6.29 -9.60
CA ASN A 122 5.60 -6.63 -8.88
C ASN A 122 6.78 -6.08 -9.72
N PRO A 123 7.47 -4.99 -9.27
CA PRO A 123 7.14 -4.22 -8.04
C PRO A 123 6.04 -3.15 -8.28
N TRP A 124 5.39 -2.74 -7.19
CA TRP A 124 4.27 -1.79 -7.22
C TRP A 124 4.64 -0.56 -6.40
N THR A 125 4.61 0.63 -7.03
CA THR A 125 4.99 1.89 -6.36
C THR A 125 3.76 2.60 -5.74
N ILE A 126 3.96 3.17 -4.55
CA ILE A 126 2.90 3.81 -3.75
C ILE A 126 3.53 4.92 -2.87
N PHE A 127 2.69 5.89 -2.45
CA PHE A 127 3.08 7.00 -1.56
C PHE A 127 2.31 6.83 -0.24
N LEU A 128 3.02 6.89 0.90
CA LEU A 128 2.42 6.76 2.22
C LEU A 128 1.82 8.13 2.62
N GLU A 129 0.51 8.12 2.89
CA GLU A 129 -0.24 9.26 3.44
C GLU A 129 -0.53 9.00 4.92
N THR A 130 -0.36 10.04 5.76
CA THR A 130 -0.47 9.90 7.23
C THR A 130 -1.95 9.77 7.66
N PRO A 3 -23.59 3.52 0.11
CA PRO A 3 -23.59 2.42 1.10
C PRO A 3 -22.99 1.14 0.50
N GLN A 4 -23.67 0.57 -0.53
CA GLN A 4 -23.31 -0.75 -1.10
C GLN A 4 -21.98 -0.68 -1.87
N GLN A 5 -21.70 0.49 -2.49
CA GLN A 5 -20.55 0.71 -3.41
C GLN A 5 -19.19 0.34 -2.78
N LEU A 6 -19.07 0.62 -1.48
CA LEU A 6 -17.83 0.44 -0.71
C LEU A 6 -17.44 -1.04 -0.62
N VAL A 7 -18.43 -1.89 -0.27
CA VAL A 7 -18.26 -3.35 -0.18
C VAL A 7 -18.42 -4.02 -1.58
N GLU A 8 -19.14 -3.34 -2.50
CA GLU A 8 -19.47 -3.87 -3.84
C GLU A 8 -18.21 -3.96 -4.70
N ARG A 9 -17.42 -2.86 -4.74
CA ARG A 9 -16.16 -2.79 -5.49
C ARG A 9 -15.16 -3.81 -4.95
N LEU A 10 -15.24 -4.01 -3.61
CA LEU A 10 -14.43 -4.97 -2.87
C LEU A 10 -14.71 -6.39 -3.43
N GLN A 11 -16.00 -6.77 -3.45
CA GLN A 11 -16.47 -8.10 -3.90
C GLN A 11 -16.10 -8.36 -5.37
N GLU A 12 -16.33 -7.33 -6.19
CA GLU A 12 -16.17 -7.37 -7.65
C GLU A 12 -14.71 -7.68 -8.04
N GLU A 13 -13.75 -7.12 -7.28
CA GLU A 13 -12.31 -7.34 -7.54
C GLU A 13 -11.78 -8.59 -6.80
N LYS A 14 -12.33 -8.87 -5.59
CA LYS A 14 -11.79 -9.92 -4.68
C LYS A 14 -12.03 -11.32 -5.21
N ARG A 15 -12.98 -11.48 -6.15
CA ARG A 15 -13.31 -12.79 -6.78
C ARG A 15 -12.08 -13.61 -7.27
N ILE A 16 -10.92 -12.94 -7.49
CA ILE A 16 -9.66 -13.60 -7.94
C ILE A 16 -9.07 -14.54 -6.84
N GLU A 17 -9.55 -14.37 -5.58
CA GLU A 17 -9.12 -15.16 -4.41
C GLU A 17 -9.42 -16.67 -4.59
N ALA A 18 -10.41 -16.98 -5.46
CA ALA A 18 -10.81 -18.36 -5.81
C ALA A 18 -9.62 -19.22 -6.29
N GLN A 19 -8.55 -18.55 -6.74
CA GLN A 19 -7.30 -19.19 -7.15
C GLN A 19 -6.08 -18.59 -6.39
N LYS A 20 -6.10 -17.28 -6.12
CA LYS A 20 -4.91 -16.53 -5.62
C LYS A 20 -4.75 -16.59 -4.07
N ARG A 21 -5.84 -16.89 -3.36
CA ARG A 21 -5.82 -17.03 -1.87
C ARG A 21 -5.21 -18.39 -1.44
N LYS A 22 -4.99 -19.27 -2.44
CA LYS A 22 -4.44 -20.63 -2.24
C LYS A 22 -3.04 -20.61 -1.57
N GLU A 23 -2.14 -19.70 -2.03
CA GLU A 23 -0.76 -19.57 -1.49
C GLU A 23 -0.72 -18.55 -0.32
N ARG A 24 -1.61 -18.79 0.67
CA ARG A 24 -1.84 -17.88 1.83
C ARG A 24 -0.75 -17.96 2.92
N GLN A 25 0.40 -18.56 2.60
CA GLN A 25 1.53 -18.76 3.53
C GLN A 25 2.82 -18.14 2.97
N GLU A 26 3.83 -17.98 3.85
CA GLU A 26 5.12 -17.35 3.51
C GLU A 26 5.92 -18.25 2.54
N ALA A 27 6.01 -17.79 1.28
CA ALA A 27 6.63 -18.54 0.17
C ALA A 27 7.23 -17.56 -0.85
N HIS A 28 7.32 -17.94 -2.15
CA HIS A 28 7.90 -17.06 -3.21
C HIS A 28 7.01 -15.83 -3.52
N LEU A 29 5.88 -15.68 -2.80
CA LEU A 29 4.88 -14.61 -3.02
C LEU A 29 5.29 -13.28 -2.32
N TYR A 30 6.60 -13.13 -2.03
CA TYR A 30 7.25 -11.97 -1.35
C TYR A 30 7.23 -10.63 -2.14
N MET A 31 6.24 -10.46 -3.04
CA MET A 31 6.07 -9.29 -3.96
C MET A 31 6.49 -7.94 -3.33
N GLN A 32 7.29 -7.19 -4.09
CA GLN A 32 7.91 -5.94 -3.64
C GLN A 32 6.95 -4.78 -3.92
N VAL A 33 6.82 -3.89 -2.93
CA VAL A 33 5.97 -2.70 -3.00
C VAL A 33 6.85 -1.45 -2.75
N GLN A 34 6.92 -0.58 -3.76
CA GLN A 34 7.78 0.62 -3.75
C GLN A 34 7.08 1.78 -3.05
N ILE A 35 7.38 1.92 -1.77
CA ILE A 35 6.86 2.96 -0.91
C ILE A 35 7.74 4.21 -0.95
N VAL A 36 7.11 5.39 -0.97
CA VAL A 36 7.77 6.69 -0.82
C VAL A 36 6.96 7.55 0.17
N ALA A 37 7.67 8.13 1.14
CA ALA A 37 7.09 8.97 2.21
C ALA A 37 8.20 9.77 2.88
N GLU A 38 7.93 11.06 3.19
CA GLU A 38 8.88 11.89 3.94
C GLU A 38 8.45 11.91 5.42
N ASP A 39 9.09 11.02 6.19
CA ASP A 39 8.89 10.90 7.65
C ASP A 39 9.60 12.05 8.41
N GLN A 40 10.31 12.92 7.67
CA GLN A 40 10.91 14.15 8.23
C GLN A 40 9.79 15.12 8.72
N PHE A 41 8.69 15.20 7.94
CA PHE A 41 7.49 15.94 8.37
C PHE A 41 6.81 15.27 9.59
N CYS A 42 6.77 13.94 9.60
CA CYS A 42 6.12 13.15 10.67
C CYS A 42 7.00 13.09 11.93
N GLY A 43 8.02 12.21 11.90
CA GLY A 43 9.00 12.10 12.97
C GLY A 43 9.95 13.29 13.08
N HIS A 44 10.67 13.37 14.19
CA HIS A 44 11.56 14.50 14.49
C HIS A 44 13.00 14.20 14.03
N GLN A 45 13.64 15.22 13.45
CA GLN A 45 14.98 15.14 12.82
C GLN A 45 16.05 14.51 13.76
N GLY A 46 16.18 13.18 13.64
CA GLY A 46 17.17 12.41 14.40
C GLY A 46 18.42 12.15 13.58
N ASN A 47 18.22 12.04 12.26
CA ASN A 47 19.29 11.78 11.28
C ASN A 47 19.99 13.08 10.89
N ASP A 48 21.28 13.16 11.17
CA ASP A 48 22.16 14.25 10.70
C ASP A 48 22.78 13.84 9.37
N MET A 49 23.19 12.57 9.27
CA MET A 49 23.71 11.93 8.04
C MET A 49 22.89 10.67 7.77
N TYR A 50 22.67 10.38 6.46
CA TYR A 50 21.86 9.24 5.99
C TYR A 50 20.43 9.37 6.57
N ASP A 51 19.66 10.31 6.00
CA ASP A 51 18.33 10.67 6.48
C ASP A 51 17.34 9.55 6.22
N GLU A 52 17.15 8.67 7.23
CA GLU A 52 16.19 7.54 7.16
C GLU A 52 14.75 8.05 7.02
N GLU A 53 14.55 9.33 7.37
CA GLU A 53 13.26 10.02 7.26
C GLU A 53 12.99 10.48 5.80
N LYS A 54 14.08 10.66 5.03
CA LYS A 54 14.02 11.10 3.62
C LYS A 54 15.03 10.31 2.75
N VAL A 55 15.14 8.98 3.01
CA VAL A 55 15.94 8.06 2.14
C VAL A 55 15.27 7.87 0.78
N LYS A 56 16.03 7.25 -0.13
CA LYS A 56 15.57 6.84 -1.46
C LYS A 56 14.38 5.84 -1.40
N TYR A 57 14.01 5.28 -2.58
CA TYR A 57 12.85 4.38 -2.74
C TYR A 57 12.86 3.24 -1.71
N THR A 58 11.94 3.38 -0.76
CA THR A 58 11.67 2.42 0.27
C THR A 58 10.89 1.24 -0.35
N VAL A 59 11.26 0.00 -0.01
CA VAL A 59 10.64 -1.20 -0.56
C VAL A 59 10.45 -2.26 0.54
N PHE A 60 9.27 -2.91 0.54
CA PHE A 60 8.96 -4.03 1.45
C PHE A 60 8.62 -5.27 0.61
N LYS A 61 9.12 -6.44 1.04
CA LYS A 61 8.86 -7.72 0.39
C LYS A 61 7.83 -8.48 1.24
N VAL A 62 6.59 -8.56 0.73
CA VAL A 62 5.44 -9.12 1.48
C VAL A 62 4.61 -10.04 0.58
N LEU A 63 3.78 -10.90 1.20
CA LEU A 63 2.89 -11.81 0.50
C LEU A 63 1.84 -10.99 -0.29
N LYS A 64 1.87 -11.14 -1.62
CA LYS A 64 0.97 -10.45 -2.56
C LYS A 64 -0.50 -10.79 -2.27
N ASN A 65 -0.72 -12.01 -1.77
CA ASN A 65 -2.06 -12.52 -1.44
C ASN A 65 -2.40 -12.28 0.05
N SER A 66 -1.46 -11.71 0.83
CA SER A 66 -1.73 -11.30 2.23
C SER A 66 -2.69 -10.12 2.25
N SER A 67 -3.40 -9.96 3.37
CA SER A 67 -4.36 -8.87 3.55
C SER A 67 -3.62 -7.53 3.67
N LEU A 68 -4.23 -6.48 3.11
CA LEU A 68 -3.68 -5.12 3.12
C LEU A 68 -3.54 -4.62 4.57
N ALA A 69 -4.42 -5.13 5.48
CA ALA A 69 -4.35 -4.87 6.94
C ALA A 69 -2.99 -5.29 7.55
N GLU A 70 -2.44 -6.43 7.06
CA GLU A 70 -1.11 -6.91 7.49
C GLU A 70 0.00 -5.95 6.99
N PHE A 71 -0.20 -5.43 5.77
CA PHE A 71 0.71 -4.46 5.18
C PHE A 71 0.68 -3.10 5.94
N VAL A 72 -0.53 -2.69 6.38
CA VAL A 72 -0.74 -1.42 7.11
C VAL A 72 -0.02 -1.45 8.47
N GLN A 73 -0.29 -2.52 9.26
CA GLN A 73 0.28 -2.68 10.63
C GLN A 73 1.82 -2.69 10.58
N SER A 74 2.39 -3.32 9.51
CA SER A 74 3.84 -3.32 9.27
C SER A 74 4.34 -1.89 9.03
N LEU A 75 3.76 -1.22 8.01
CA LEU A 75 4.17 0.13 7.55
C LEU A 75 4.00 1.20 8.67
N SER A 76 3.07 0.90 9.57
CA SER A 76 2.70 1.77 10.70
C SER A 76 3.79 1.78 11.78
N GLN A 77 4.27 0.57 12.10
CA GLN A 77 5.26 0.38 13.17
C GLN A 77 6.67 0.63 12.61
N THR A 78 6.76 0.50 11.29
CA THR A 78 7.95 0.75 10.49
C THR A 78 8.34 2.26 10.50
N MET A 79 7.38 3.13 10.15
CA MET A 79 7.64 4.59 10.00
C MET A 79 7.12 5.38 11.21
N GLY A 80 6.22 4.78 12.00
CA GLY A 80 5.58 5.46 13.13
C GLY A 80 4.25 6.13 12.74
N PHE A 81 3.84 5.97 11.47
CA PHE A 81 2.56 6.51 10.93
C PHE A 81 1.37 5.76 11.57
N PRO A 82 0.20 6.43 11.78
CA PRO A 82 -0.97 5.77 12.42
C PRO A 82 -1.63 4.72 11.50
N GLN A 83 -1.72 3.46 11.99
CA GLN A 83 -2.32 2.33 11.24
C GLN A 83 -3.82 2.56 10.97
N ASP A 84 -4.45 3.28 11.90
CA ASP A 84 -5.88 3.63 11.83
C ASP A 84 -6.15 4.61 10.67
N GLN A 85 -5.13 5.40 10.27
CA GLN A 85 -5.29 6.50 9.30
C GLN A 85 -4.33 6.37 8.08
N ILE A 86 -3.56 5.23 7.97
CA ILE A 86 -2.61 5.03 6.83
C ILE A 86 -3.32 5.21 5.47
N ARG A 87 -2.89 6.25 4.73
CA ARG A 87 -3.49 6.65 3.45
C ARG A 87 -2.57 6.21 2.31
N LEU A 88 -3.05 5.27 1.51
CA LEU A 88 -2.33 4.75 0.36
C LEU A 88 -2.74 5.54 -0.91
N TRP A 89 -1.77 5.86 -1.77
CA TRP A 89 -1.99 6.55 -3.06
C TRP A 89 -1.11 5.88 -4.13
N PRO A 90 -1.68 5.17 -5.16
CA PRO A 90 -0.86 4.42 -6.15
C PRO A 90 -0.14 5.36 -7.13
N MET A 91 0.84 4.82 -7.91
CA MET A 91 1.48 5.57 -9.00
C MET A 91 0.42 5.91 -10.09
N GLN A 92 -0.28 7.01 -9.80
CA GLN A 92 -1.41 7.50 -10.56
C GLN A 92 -1.55 8.99 -10.25
N ALA A 93 -0.69 9.78 -10.87
CA ALA A 93 -0.77 11.24 -10.83
C ALA A 93 -1.71 11.70 -11.96
N ARG A 94 -1.53 11.06 -13.15
CA ARG A 94 -2.26 11.40 -14.39
C ARG A 94 -2.13 12.91 -14.64
N SER A 95 -0.86 13.35 -14.81
CA SER A 95 -0.42 14.77 -14.67
C SER A 95 -1.13 15.76 -15.61
N ASN A 96 -2.38 16.08 -15.23
CA ASN A 96 -3.19 17.13 -15.82
C ASN A 96 -4.16 17.59 -14.73
N GLY A 97 -4.26 18.92 -14.52
CA GLY A 97 -4.97 19.49 -13.36
C GLY A 97 -6.45 19.14 -13.26
N THR A 98 -7.08 18.79 -14.40
CA THR A 98 -8.52 18.47 -14.46
C THR A 98 -8.85 17.16 -13.73
N LYS A 99 -7.85 16.25 -13.63
CA LYS A 99 -8.05 14.92 -13.03
C LYS A 99 -7.41 14.91 -11.63
N ARG A 100 -8.22 14.54 -10.63
CA ARG A 100 -7.77 14.36 -9.24
C ARG A 100 -7.90 12.87 -8.89
N PRO A 101 -6.77 12.12 -8.72
CA PRO A 101 -6.82 10.70 -8.27
C PRO A 101 -7.34 10.58 -6.82
N ALA A 102 -7.99 9.45 -6.51
CA ALA A 102 -8.54 9.18 -5.17
C ALA A 102 -7.61 8.27 -4.36
N MET A 103 -7.71 8.37 -3.02
CA MET A 103 -6.99 7.49 -2.10
C MET A 103 -7.67 6.12 -2.04
N LEU A 104 -7.01 5.17 -1.39
CA LEU A 104 -7.55 3.82 -1.17
C LEU A 104 -8.59 3.83 -0.03
N ASP A 105 -9.59 2.92 -0.14
CA ASP A 105 -10.72 2.82 0.81
C ASP A 105 -10.36 1.83 1.91
N ASN A 106 -9.94 2.35 3.08
CA ASN A 106 -9.38 1.53 4.19
C ASN A 106 -10.39 0.47 4.72
N GLU A 107 -11.68 0.59 4.33
CA GLU A 107 -12.66 -0.48 4.54
C GLU A 107 -12.42 -1.65 3.58
N ALA A 108 -12.39 -1.33 2.27
CA ALA A 108 -12.13 -2.32 1.21
C ALA A 108 -10.78 -2.98 1.45
N ASP A 109 -9.73 -2.14 1.39
CA ASP A 109 -8.32 -2.53 1.56
C ASP A 109 -7.88 -2.43 3.03
N GLY A 110 -8.79 -2.80 3.92
CA GLY A 110 -8.43 -3.17 5.29
C GLY A 110 -8.97 -4.55 5.63
N ASN A 111 -9.62 -5.20 4.65
CA ASN A 111 -10.36 -6.46 4.85
C ASN A 111 -9.83 -7.57 3.92
N LYS A 112 -9.40 -7.19 2.69
CA LYS A 112 -9.03 -8.17 1.64
C LYS A 112 -7.52 -8.14 1.33
N THR A 113 -7.14 -8.90 0.29
CA THR A 113 -5.73 -9.10 -0.12
C THR A 113 -5.21 -7.89 -0.92
N MET A 114 -3.87 -7.71 -0.92
CA MET A 114 -3.22 -6.57 -1.61
C MET A 114 -2.95 -6.86 -3.11
N ILE A 115 -3.29 -8.09 -3.56
CA ILE A 115 -3.11 -8.52 -4.97
C ILE A 115 -4.09 -7.79 -5.91
N GLU A 116 -5.22 -7.43 -5.33
CA GLU A 116 -6.38 -6.83 -6.03
C GLU A 116 -6.06 -5.39 -6.44
N LEU A 117 -5.28 -4.73 -5.57
CA LEU A 117 -4.89 -3.32 -5.68
C LEU A 117 -3.65 -3.18 -6.56
N SER A 118 -2.68 -4.10 -6.36
CA SER A 118 -1.42 -4.12 -7.13
C SER A 118 -1.67 -4.55 -8.58
N ASP A 119 -2.74 -5.38 -8.78
CA ASP A 119 -3.12 -5.97 -10.07
C ASP A 119 -2.01 -6.95 -10.53
N ASN A 120 -1.49 -7.73 -9.53
CA ASN A 120 -0.44 -8.75 -9.74
C ASN A 120 0.88 -8.14 -10.26
N GLU A 121 1.11 -6.87 -9.88
CA GLU A 121 2.24 -6.07 -10.38
C GLU A 121 3.24 -5.77 -9.26
N ASN A 122 4.54 -5.83 -9.59
CA ASN A 122 5.64 -5.42 -8.71
C ASN A 122 6.83 -4.88 -9.53
N PRO A 123 7.61 -3.86 -9.02
CA PRO A 123 7.36 -3.20 -7.71
C PRO A 123 6.19 -2.20 -7.80
N TRP A 124 5.19 -2.39 -6.92
CA TRP A 124 3.97 -1.58 -6.91
C TRP A 124 4.25 -0.26 -6.17
N THR A 125 4.40 0.83 -6.94
CA THR A 125 4.71 2.14 -6.39
C THR A 125 3.45 2.77 -5.76
N ILE A 126 3.63 3.31 -4.56
CA ILE A 126 2.58 3.95 -3.77
C ILE A 126 3.23 5.06 -2.94
N PHE A 127 2.62 6.25 -2.91
CA PHE A 127 2.94 7.28 -1.92
C PHE A 127 2.19 6.94 -0.63
N LEU A 128 2.94 6.79 0.45
CA LEU A 128 2.40 6.56 1.79
C LEU A 128 2.22 7.93 2.47
N GLU A 129 0.99 8.16 2.91
CA GLU A 129 0.49 9.44 3.41
C GLU A 129 -0.08 9.27 4.83
N THR A 130 -0.01 10.34 5.64
CA THR A 130 -0.57 10.35 7.00
C THR A 130 -2.08 10.65 6.92
N PRO A 3 -22.47 4.19 0.81
CA PRO A 3 -22.29 2.98 1.64
C PRO A 3 -22.01 1.73 0.77
N GLN A 4 -22.65 1.66 -0.42
CA GLN A 4 -22.57 0.47 -1.29
C GLN A 4 -21.25 0.40 -2.06
N GLN A 5 -20.67 1.58 -2.42
CA GLN A 5 -19.43 1.65 -3.26
C GLN A 5 -18.25 0.93 -2.61
N LEU A 6 -18.18 1.00 -1.27
CA LEU A 6 -17.12 0.38 -0.46
C LEU A 6 -17.10 -1.15 -0.67
N VAL A 7 -18.28 -1.78 -0.50
CA VAL A 7 -18.44 -3.25 -0.63
C VAL A 7 -18.57 -3.66 -2.12
N GLU A 8 -19.01 -2.73 -2.98
CA GLU A 8 -19.24 -2.97 -4.43
C GLU A 8 -17.90 -3.25 -5.13
N ARG A 9 -16.97 -2.29 -4.97
CA ARG A 9 -15.63 -2.37 -5.59
C ARG A 9 -14.79 -3.48 -4.91
N LEU A 10 -15.09 -3.72 -3.61
CA LEU A 10 -14.44 -4.78 -2.82
C LEU A 10 -14.70 -6.14 -3.49
N GLN A 11 -16.02 -6.42 -3.74
CA GLN A 11 -16.49 -7.66 -4.39
C GLN A 11 -15.98 -7.76 -5.83
N GLU A 12 -16.01 -6.61 -6.53
CA GLU A 12 -15.61 -6.47 -7.94
C GLU A 12 -14.18 -6.98 -8.15
N GLU A 13 -13.29 -6.67 -7.19
CA GLU A 13 -11.88 -7.10 -7.21
C GLU A 13 -11.75 -8.54 -6.68
N LYS A 14 -12.35 -8.80 -5.49
CA LYS A 14 -12.07 -10.02 -4.67
C LYS A 14 -12.47 -11.32 -5.39
N ARG A 15 -13.32 -11.21 -6.43
CA ARG A 15 -13.74 -12.36 -7.29
C ARG A 15 -12.58 -13.28 -7.76
N ILE A 16 -11.33 -12.75 -7.76
CA ILE A 16 -10.13 -13.50 -8.19
C ILE A 16 -9.77 -14.66 -7.22
N GLU A 17 -10.20 -14.57 -5.93
CA GLU A 17 -9.81 -15.51 -4.85
C GLU A 17 -10.24 -16.97 -5.12
N ALA A 18 -11.13 -17.16 -6.10
CA ALA A 18 -11.51 -18.49 -6.61
C ALA A 18 -10.26 -19.33 -6.98
N GLN A 19 -9.27 -18.66 -7.59
CA GLN A 19 -7.96 -19.25 -7.94
C GLN A 19 -6.84 -18.69 -7.04
N LYS A 20 -6.90 -17.37 -6.77
CA LYS A 20 -5.84 -16.62 -6.07
C LYS A 20 -5.64 -17.08 -4.61
N ARG A 21 -6.74 -17.42 -3.93
CA ARG A 21 -6.70 -17.89 -2.51
C ARG A 21 -6.23 -19.36 -2.43
N LYS A 22 -6.26 -20.04 -3.59
CA LYS A 22 -5.93 -21.47 -3.73
C LYS A 22 -4.49 -21.64 -4.27
N GLU A 23 -3.50 -21.38 -3.39
CA GLU A 23 -2.06 -21.64 -3.68
C GLU A 23 -1.29 -22.02 -2.39
N ARG A 24 -0.98 -21.02 -1.55
CA ARG A 24 -0.08 -21.18 -0.39
C ARG A 24 -0.22 -19.95 0.53
N GLN A 25 0.48 -19.95 1.68
CA GLN A 25 0.49 -18.81 2.63
C GLN A 25 1.73 -17.93 2.39
N GLU A 26 2.93 -18.54 2.50
CA GLU A 26 4.21 -17.85 2.23
C GLU A 26 5.01 -18.64 1.18
N ALA A 27 5.12 -18.05 -0.03
CA ALA A 27 5.74 -18.66 -1.20
C ALA A 27 6.28 -17.53 -2.12
N HIS A 28 6.33 -17.75 -3.45
CA HIS A 28 6.73 -16.71 -4.46
C HIS A 28 5.93 -15.38 -4.38
N LEU A 29 4.87 -15.36 -3.53
CA LEU A 29 3.98 -14.21 -3.34
C LEU A 29 4.64 -13.05 -2.53
N TYR A 30 5.96 -13.15 -2.22
CA TYR A 30 6.80 -12.10 -1.54
C TYR A 30 6.96 -10.75 -2.34
N MET A 31 6.00 -10.43 -3.23
CA MET A 31 6.02 -9.27 -4.15
C MET A 31 6.50 -7.97 -3.46
N GLN A 32 7.39 -7.24 -4.14
CA GLN A 32 8.01 -6.04 -3.60
C GLN A 32 7.13 -4.83 -3.88
N VAL A 33 7.05 -3.94 -2.89
CA VAL A 33 6.26 -2.71 -2.94
C VAL A 33 7.17 -1.50 -2.71
N GLN A 34 7.18 -0.57 -3.66
CA GLN A 34 7.96 0.67 -3.61
C GLN A 34 7.21 1.73 -2.80
N ILE A 35 7.58 1.85 -1.53
CA ILE A 35 7.07 2.89 -0.63
C ILE A 35 7.96 4.14 -0.70
N VAL A 36 7.32 5.31 -0.65
CA VAL A 36 7.99 6.61 -0.46
C VAL A 36 7.17 7.45 0.54
N ALA A 37 7.88 8.00 1.53
CA ALA A 37 7.29 8.83 2.60
C ALA A 37 8.35 9.83 3.09
N GLU A 38 7.90 11.05 3.39
CA GLU A 38 8.75 12.13 3.92
C GLU A 38 8.17 12.57 5.27
N ASP A 39 8.93 12.37 6.36
CA ASP A 39 8.52 12.81 7.71
C ASP A 39 9.02 14.26 8.00
N GLN A 40 9.62 14.91 6.98
CA GLN A 40 10.19 16.26 7.11
C GLN A 40 9.11 17.35 7.18
N PHE A 41 8.07 17.27 6.30
CA PHE A 41 6.93 18.23 6.34
C PHE A 41 6.11 18.05 7.64
N CYS A 42 6.17 16.82 8.18
CA CYS A 42 5.43 16.42 9.38
C CYS A 42 6.23 16.73 10.67
N GLY A 43 7.57 16.78 10.55
CA GLY A 43 8.47 17.00 11.69
C GLY A 43 9.72 17.80 11.30
N HIS A 44 10.91 17.33 11.74
CA HIS A 44 12.19 17.99 11.45
C HIS A 44 13.37 17.04 11.75
N GLN A 45 14.27 16.88 10.76
CA GLN A 45 15.50 16.08 10.89
C GLN A 45 16.69 16.87 10.33
N GLY A 46 17.88 16.64 10.88
CA GLY A 46 19.10 17.37 10.48
C GLY A 46 20.26 16.43 10.23
N ASN A 47 19.94 15.26 9.66
CA ASN A 47 20.89 14.17 9.44
C ASN A 47 21.24 14.11 7.94
N ASP A 48 21.67 15.27 7.38
CA ASP A 48 21.83 15.48 5.92
C ASP A 48 23.08 14.75 5.36
N MET A 49 23.01 13.42 5.44
CA MET A 49 24.11 12.45 5.21
C MET A 49 23.45 11.07 5.04
N TYR A 50 22.42 10.82 5.91
CA TYR A 50 21.58 9.63 5.89
C TYR A 50 20.27 9.94 6.64
N ASP A 51 19.38 10.68 5.96
CA ASP A 51 18.04 11.01 6.47
C ASP A 51 17.12 9.81 6.25
N GLU A 52 16.91 9.00 7.29
CA GLU A 52 16.14 7.74 7.19
C GLU A 52 14.62 8.01 7.07
N GLU A 53 14.22 9.28 7.32
CA GLU A 53 12.82 9.73 7.16
C GLU A 53 12.62 10.39 5.78
N LYS A 54 13.73 10.55 5.02
CA LYS A 54 13.72 11.17 3.68
C LYS A 54 14.65 10.36 2.72
N VAL A 55 14.86 9.07 3.05
CA VAL A 55 15.56 8.14 2.14
C VAL A 55 14.77 7.91 0.85
N LYS A 56 15.47 7.36 -0.16
CA LYS A 56 14.92 7.15 -1.51
C LYS A 56 13.89 5.99 -1.51
N TYR A 57 13.61 5.40 -2.70
CA TYR A 57 12.62 4.34 -2.84
C TYR A 57 12.86 3.17 -1.86
N THR A 58 12.07 3.21 -0.80
CA THR A 58 11.93 2.16 0.18
C THR A 58 11.15 1.00 -0.46
N VAL A 59 11.57 -0.24 -0.20
CA VAL A 59 10.97 -1.44 -0.81
C VAL A 59 10.82 -2.56 0.24
N PHE A 60 9.65 -3.20 0.26
CA PHE A 60 9.35 -4.32 1.18
C PHE A 60 8.85 -5.53 0.37
N LYS A 61 9.51 -6.68 0.56
CA LYS A 61 9.04 -7.96 -0.01
C LYS A 61 7.91 -8.50 0.89
N VAL A 62 6.66 -8.39 0.40
CA VAL A 62 5.45 -8.72 1.17
C VAL A 62 4.57 -9.73 0.43
N LEU A 63 3.86 -10.55 1.21
CA LEU A 63 2.95 -11.57 0.71
C LEU A 63 1.68 -10.88 0.17
N LYS A 64 1.62 -10.75 -1.17
CA LYS A 64 0.52 -10.11 -1.90
C LYS A 64 -0.80 -10.90 -1.77
N ASN A 65 -0.69 -12.17 -1.37
CA ASN A 65 -1.83 -13.07 -1.11
C ASN A 65 -2.38 -12.89 0.32
N SER A 66 -1.63 -12.19 1.18
CA SER A 66 -2.08 -11.83 2.53
C SER A 66 -2.87 -10.49 2.47
N SER A 67 -3.53 -10.14 3.59
CA SER A 67 -4.43 -8.96 3.67
C SER A 67 -3.66 -7.64 3.55
N LEU A 68 -4.36 -6.61 3.06
CA LEU A 68 -3.83 -5.23 2.94
C LEU A 68 -3.59 -4.63 4.34
N ALA A 69 -4.44 -5.02 5.31
CA ALA A 69 -4.31 -4.59 6.73
C ALA A 69 -2.96 -5.04 7.36
N GLU A 70 -2.37 -6.12 6.80
CA GLU A 70 -1.01 -6.58 7.19
C GLU A 70 0.04 -5.59 6.66
N PHE A 71 -0.16 -5.14 5.42
CA PHE A 71 0.68 -4.13 4.76
C PHE A 71 0.62 -2.76 5.50
N VAL A 72 -0.58 -2.40 5.98
CA VAL A 72 -0.83 -1.16 6.74
C VAL A 72 -0.08 -1.18 8.08
N GLN A 73 -0.30 -2.24 8.88
CA GLN A 73 0.30 -2.36 10.24
C GLN A 73 1.84 -2.39 10.16
N SER A 74 2.39 -2.94 9.05
CA SER A 74 3.84 -2.93 8.80
C SER A 74 4.35 -1.48 8.65
N LEU A 75 3.71 -0.73 7.75
CA LEU A 75 4.05 0.69 7.46
C LEU A 75 3.87 1.59 8.70
N SER A 76 2.88 1.24 9.52
CA SER A 76 2.59 1.96 10.76
C SER A 76 3.77 1.87 11.74
N GLN A 77 4.27 0.64 11.95
CA GLN A 77 5.31 0.37 12.95
C GLN A 77 6.72 0.66 12.41
N THR A 78 6.91 0.61 11.07
CA THR A 78 8.23 0.81 10.45
C THR A 78 8.52 2.31 10.19
N MET A 79 7.46 3.12 9.99
CA MET A 79 7.60 4.57 9.69
C MET A 79 7.30 5.41 10.94
N GLY A 80 6.39 4.89 11.78
CA GLY A 80 5.87 5.63 12.95
C GLY A 80 4.57 6.35 12.66
N PHE A 81 3.95 6.03 11.50
CA PHE A 81 2.68 6.63 11.04
C PHE A 81 1.48 5.88 11.67
N PRO A 82 0.31 6.55 11.92
CA PRO A 82 -0.88 5.87 12.51
C PRO A 82 -1.56 4.91 11.52
N GLN A 83 -1.69 3.62 11.91
CA GLN A 83 -2.33 2.57 11.08
C GLN A 83 -3.81 2.89 10.79
N ASP A 84 -4.45 3.56 11.77
CA ASP A 84 -5.87 3.95 11.67
C ASP A 84 -6.12 4.95 10.53
N GLN A 85 -5.10 5.79 10.22
CA GLN A 85 -5.24 6.88 9.23
C GLN A 85 -4.21 6.73 8.07
N ILE A 86 -3.58 5.54 7.90
CA ILE A 86 -2.70 5.30 6.73
C ILE A 86 -3.53 5.39 5.42
N ARG A 87 -3.37 6.52 4.69
CA ARG A 87 -3.93 6.67 3.34
C ARG A 87 -2.85 6.26 2.33
N LEU A 88 -3.22 5.33 1.46
CA LEU A 88 -2.35 4.81 0.41
C LEU A 88 -2.78 5.42 -0.92
N TRP A 89 -1.81 5.85 -1.73
CA TRP A 89 -2.08 6.50 -3.03
C TRP A 89 -1.19 5.85 -4.11
N PRO A 90 -1.76 5.16 -5.15
CA PRO A 90 -0.92 4.50 -6.19
C PRO A 90 -0.20 5.53 -7.07
N MET A 91 0.95 5.13 -7.66
CA MET A 91 1.61 5.97 -8.69
C MET A 91 0.66 6.13 -9.88
N GLN A 92 0.42 7.37 -10.28
CA GLN A 92 -0.54 7.67 -11.33
C GLN A 92 -0.08 8.89 -12.14
N ALA A 93 0.16 8.64 -13.44
CA ALA A 93 0.53 9.69 -14.40
C ALA A 93 -0.64 10.66 -14.63
N ARG A 94 -1.89 10.11 -14.54
CA ARG A 94 -3.17 10.86 -14.71
C ARG A 94 -3.38 11.37 -16.16
N SER A 95 -2.50 10.92 -17.09
CA SER A 95 -2.55 11.33 -18.49
C SER A 95 -3.55 10.44 -19.24
N ASN A 96 -4.84 10.72 -18.97
CA ASN A 96 -5.99 9.97 -19.52
C ASN A 96 -7.14 10.95 -19.79
N GLY A 97 -8.12 10.50 -20.59
CA GLY A 97 -9.35 11.27 -20.85
C GLY A 97 -10.10 11.60 -19.56
N THR A 98 -10.21 10.56 -18.69
CA THR A 98 -10.75 10.69 -17.33
C THR A 98 -10.13 9.62 -16.42
N LYS A 99 -9.22 10.06 -15.52
CA LYS A 99 -8.65 9.21 -14.46
C LYS A 99 -8.52 10.08 -13.20
N ARG A 100 -9.62 10.14 -12.44
CA ARG A 100 -9.68 10.87 -11.17
C ARG A 100 -9.06 9.99 -10.06
N PRO A 101 -7.85 10.37 -9.51
CA PRO A 101 -7.16 9.57 -8.48
C PRO A 101 -7.75 9.78 -7.06
N ALA A 102 -7.64 8.75 -6.22
CA ALA A 102 -8.11 8.77 -4.83
C ALA A 102 -7.25 7.82 -3.98
N MET A 103 -7.42 7.89 -2.64
CA MET A 103 -6.74 6.98 -1.71
C MET A 103 -7.42 5.60 -1.76
N LEU A 104 -6.70 4.58 -1.28
CA LEU A 104 -7.25 3.24 -1.12
C LEU A 104 -8.20 3.22 0.10
N ASP A 105 -9.34 2.54 -0.07
CA ASP A 105 -10.46 2.57 0.86
C ASP A 105 -10.18 1.63 2.04
N ASN A 106 -9.94 2.22 3.22
CA ASN A 106 -9.51 1.49 4.43
C ASN A 106 -10.54 0.41 4.86
N GLU A 107 -11.79 0.54 4.38
CA GLU A 107 -12.84 -0.49 4.53
C GLU A 107 -12.61 -1.64 3.55
N ALA A 108 -12.54 -1.32 2.24
CA ALA A 108 -12.41 -2.32 1.16
C ALA A 108 -11.13 -3.15 1.36
N ASP A 109 -10.01 -2.43 1.32
CA ASP A 109 -8.67 -2.97 1.48
C ASP A 109 -8.19 -2.84 2.94
N GLY A 110 -9.11 -3.08 3.87
CA GLY A 110 -8.74 -3.37 5.26
C GLY A 110 -9.11 -4.80 5.63
N ASN A 111 -9.77 -5.53 4.70
CA ASN A 111 -10.28 -6.91 4.99
C ASN A 111 -9.69 -7.94 4.01
N LYS A 112 -9.50 -7.53 2.73
CA LYS A 112 -9.11 -8.46 1.65
C LYS A 112 -7.61 -8.35 1.30
N THR A 113 -7.19 -9.17 0.32
CA THR A 113 -5.77 -9.34 -0.05
C THR A 113 -5.24 -8.12 -0.80
N MET A 114 -3.91 -7.89 -0.73
CA MET A 114 -3.26 -6.73 -1.35
C MET A 114 -2.93 -6.96 -2.85
N ILE A 115 -3.25 -8.17 -3.35
CA ILE A 115 -3.09 -8.50 -4.79
C ILE A 115 -4.08 -7.70 -5.64
N GLU A 116 -5.24 -7.40 -5.04
CA GLU A 116 -6.39 -6.77 -5.72
C GLU A 116 -6.09 -5.31 -6.07
N LEU A 117 -5.23 -4.70 -5.25
CA LEU A 117 -4.81 -3.30 -5.39
C LEU A 117 -3.58 -3.21 -6.32
N SER A 118 -2.64 -4.18 -6.17
CA SER A 118 -1.39 -4.20 -6.96
C SER A 118 -1.64 -4.65 -8.42
N ASP A 119 -2.63 -5.54 -8.60
CA ASP A 119 -2.95 -6.19 -9.88
C ASP A 119 -1.70 -6.93 -10.45
N ASN A 120 -0.99 -7.62 -9.50
CA ASN A 120 0.23 -8.43 -9.77
C ASN A 120 1.45 -7.57 -10.17
N GLU A 121 1.42 -6.27 -9.81
CA GLU A 121 2.56 -5.36 -10.03
C GLU A 121 3.68 -5.62 -8.99
N ASN A 122 4.89 -5.87 -9.50
CA ASN A 122 6.11 -5.98 -8.71
C ASN A 122 7.28 -5.34 -9.50
N PRO A 123 7.95 -4.27 -8.98
CA PRO A 123 7.61 -3.60 -7.71
C PRO A 123 6.53 -2.51 -7.88
N TRP A 124 5.52 -2.55 -7.00
CA TRP A 124 4.34 -1.66 -7.08
C TRP A 124 4.57 -0.40 -6.22
N THR A 125 4.56 0.78 -6.85
CA THR A 125 4.80 2.06 -6.16
C THR A 125 3.50 2.59 -5.53
N ILE A 126 3.61 3.06 -4.29
CA ILE A 126 2.52 3.68 -3.54
C ILE A 126 3.12 4.73 -2.57
N PHE A 127 2.36 5.79 -2.31
CA PHE A 127 2.75 6.89 -1.41
C PHE A 127 2.07 6.66 -0.06
N LEU A 128 2.83 6.80 1.04
CA LEU A 128 2.28 6.71 2.39
C LEU A 128 1.92 8.14 2.86
N GLU A 129 0.62 8.35 3.08
CA GLU A 129 0.05 9.59 3.62
C GLU A 129 -0.31 9.38 5.10
N THR A 130 0.00 10.39 5.93
CA THR A 130 -0.28 10.36 7.38
C THR A 130 -1.73 10.85 7.62
N PRO A 3 -22.99 3.20 -0.11
CA PRO A 3 -22.03 2.21 0.42
C PRO A 3 -22.16 0.82 -0.26
N GLN A 4 -23.20 0.63 -1.12
CA GLN A 4 -23.49 -0.68 -1.75
C GLN A 4 -22.40 -1.05 -2.76
N GLN A 5 -21.86 -0.01 -3.44
CA GLN A 5 -20.79 -0.17 -4.43
C GLN A 5 -19.49 -0.67 -3.78
N LEU A 6 -19.30 -0.32 -2.49
CA LEU A 6 -18.10 -0.69 -1.72
C LEU A 6 -18.02 -2.20 -1.54
N VAL A 7 -19.09 -2.79 -0.99
CA VAL A 7 -19.14 -4.24 -0.71
C VAL A 7 -19.15 -5.03 -2.03
N GLU A 8 -19.81 -4.48 -3.06
CA GLU A 8 -19.90 -5.09 -4.39
C GLU A 8 -18.50 -5.22 -5.02
N ARG A 9 -17.80 -4.07 -5.20
CA ARG A 9 -16.47 -4.02 -5.84
C ARG A 9 -15.45 -4.87 -5.07
N LEU A 10 -15.64 -4.94 -3.73
CA LEU A 10 -14.78 -5.70 -2.83
C LEU A 10 -14.80 -7.19 -3.26
N GLN A 11 -16.02 -7.70 -3.50
CA GLN A 11 -16.27 -9.08 -3.95
C GLN A 11 -15.75 -9.32 -5.39
N GLU A 12 -16.00 -8.32 -6.26
CA GLU A 12 -15.65 -8.39 -7.71
C GLU A 12 -14.12 -8.41 -7.92
N GLU A 13 -13.37 -7.86 -6.95
CA GLU A 13 -11.91 -7.91 -6.95
C GLU A 13 -11.40 -9.18 -6.24
N LYS A 14 -12.09 -9.58 -5.14
CA LYS A 14 -11.66 -10.69 -4.25
C LYS A 14 -11.78 -12.06 -4.92
N ARG A 15 -12.55 -12.12 -6.03
CA ARG A 15 -12.77 -13.37 -6.80
C ARG A 15 -11.48 -14.16 -7.17
N ILE A 16 -10.29 -13.49 -7.12
CA ILE A 16 -8.98 -14.15 -7.38
C ILE A 16 -8.61 -15.19 -6.29
N GLU A 17 -9.41 -15.24 -5.20
CA GLU A 17 -9.27 -16.23 -4.11
C GLU A 17 -9.24 -17.68 -4.64
N ALA A 18 -9.91 -17.91 -5.77
CA ALA A 18 -10.00 -19.23 -6.44
C ALA A 18 -8.62 -19.84 -6.77
N GLN A 19 -7.58 -18.98 -6.81
CA GLN A 19 -6.20 -19.40 -7.13
C GLN A 19 -5.19 -18.86 -6.10
N LYS A 20 -5.37 -17.60 -5.66
CA LYS A 20 -4.39 -16.89 -4.82
C LYS A 20 -4.60 -17.17 -3.32
N ARG A 21 -5.85 -17.41 -2.88
CA ARG A 21 -6.15 -17.66 -1.44
C ARG A 21 -5.69 -19.09 -1.05
N LYS A 22 -5.64 -19.96 -2.09
CA LYS A 22 -5.16 -21.36 -2.01
C LYS A 22 -3.83 -21.48 -1.23
N GLU A 23 -2.92 -20.55 -1.53
CA GLU A 23 -1.54 -20.56 -1.01
C GLU A 23 -1.39 -19.57 0.16
N ARG A 24 -0.49 -19.92 1.10
CA ARG A 24 -0.12 -19.07 2.25
C ARG A 24 1.40 -19.19 2.54
N GLN A 25 2.06 -20.15 1.86
CA GLN A 25 3.51 -20.43 2.03
C GLN A 25 4.35 -19.22 1.58
N GLU A 26 5.34 -18.88 2.42
CA GLU A 26 6.26 -17.75 2.18
C GLU A 26 7.20 -18.08 0.99
N ALA A 27 6.94 -17.42 -0.14
CA ALA A 27 7.56 -17.72 -1.43
C ALA A 27 7.58 -16.44 -2.29
N HIS A 28 7.50 -16.56 -3.63
CA HIS A 28 7.38 -15.41 -4.57
C HIS A 28 6.23 -14.42 -4.22
N LEU A 29 5.32 -14.85 -3.32
CA LEU A 29 4.24 -14.02 -2.79
C LEU A 29 4.76 -12.79 -2.03
N TYR A 30 6.05 -12.80 -1.65
CA TYR A 30 6.83 -11.68 -1.06
C TYR A 30 6.92 -10.38 -1.92
N MET A 31 5.95 -10.13 -2.82
CA MET A 31 5.98 -9.01 -3.82
C MET A 31 6.55 -7.72 -3.23
N GLN A 32 7.42 -7.06 -3.99
CA GLN A 32 8.08 -5.87 -3.55
C GLN A 32 7.16 -4.69 -3.80
N VAL A 33 7.27 -3.68 -2.93
CA VAL A 33 6.41 -2.51 -2.99
C VAL A 33 7.27 -1.25 -2.77
N GLN A 34 7.16 -0.32 -3.73
CA GLN A 34 7.87 0.95 -3.71
C GLN A 34 7.11 1.96 -2.85
N ILE A 35 7.63 2.19 -1.64
CA ILE A 35 7.07 3.14 -0.68
C ILE A 35 8.00 4.37 -0.61
N VAL A 36 7.40 5.54 -0.44
CA VAL A 36 8.11 6.78 -0.06
C VAL A 36 7.34 7.46 1.08
N ALA A 37 8.06 7.75 2.16
CA ALA A 37 7.50 8.35 3.39
C ALA A 37 8.23 9.66 3.69
N GLU A 38 7.79 10.34 4.77
CA GLU A 38 8.38 11.61 5.21
C GLU A 38 8.23 11.76 6.73
N ASP A 39 9.36 11.84 7.46
CA ASP A 39 9.38 11.98 8.93
C ASP A 39 9.37 13.48 9.35
N GLN A 40 9.23 14.39 8.37
CA GLN A 40 9.12 15.86 8.61
C GLN A 40 7.99 16.19 9.60
N PHE A 41 6.87 15.45 9.47
CA PHE A 41 5.72 15.52 10.41
C PHE A 41 6.17 15.26 11.86
N CYS A 42 6.95 14.18 12.04
CA CYS A 42 7.51 13.81 13.36
C CYS A 42 8.71 14.72 13.74
N GLY A 43 9.29 15.39 12.72
CA GLY A 43 10.38 16.35 12.90
C GLY A 43 11.76 15.69 12.96
N HIS A 44 12.34 15.39 11.79
CA HIS A 44 13.73 14.90 11.69
C HIS A 44 14.53 15.86 10.79
N GLN A 45 15.23 16.82 11.42
CA GLN A 45 15.99 17.88 10.72
C GLN A 45 17.51 17.67 10.89
N GLY A 46 17.90 16.50 11.43
CA GLY A 46 19.30 16.17 11.70
C GLY A 46 20.18 16.13 10.44
N ASN A 47 21.43 16.62 10.56
CA ASN A 47 22.38 16.67 9.44
C ASN A 47 22.91 15.26 9.15
N ASP A 48 22.19 14.57 8.25
CA ASP A 48 22.55 13.23 7.76
C ASP A 48 22.70 13.28 6.24
N MET A 49 22.97 12.11 5.67
CA MET A 49 22.95 11.86 4.22
C MET A 49 22.50 10.40 3.96
N TYR A 50 21.79 9.86 4.96
CA TYR A 50 21.19 8.52 4.93
C TYR A 50 20.02 8.53 5.93
N ASP A 51 18.84 8.85 5.41
CA ASP A 51 17.61 9.01 6.20
C ASP A 51 16.58 8.04 5.63
N GLU A 52 16.38 6.89 6.29
CA GLU A 52 15.49 5.82 5.74
C GLU A 52 14.02 6.28 5.62
N GLU A 53 13.67 7.38 6.29
CA GLU A 53 12.40 8.09 6.08
C GLU A 53 12.36 8.76 4.68
N LYS A 54 13.46 9.44 4.32
CA LYS A 54 13.51 10.35 3.15
C LYS A 54 14.54 9.86 2.07
N VAL A 55 14.96 8.58 2.14
CA VAL A 55 15.79 7.97 1.08
C VAL A 55 14.95 7.71 -0.19
N LYS A 56 15.62 7.18 -1.22
CA LYS A 56 14.99 6.75 -2.47
C LYS A 56 13.98 5.61 -2.19
N TYR A 57 13.24 5.20 -3.23
CA TYR A 57 12.10 4.28 -3.12
C TYR A 57 12.40 3.06 -2.22
N THR A 58 11.76 3.12 -1.06
CA THR A 58 11.86 2.14 0.00
C THR A 58 11.13 0.84 -0.41
N VAL A 59 11.92 -0.21 -0.64
CA VAL A 59 11.43 -1.52 -1.10
C VAL A 59 11.18 -2.44 0.10
N PHE A 60 9.90 -2.81 0.31
CA PHE A 60 9.53 -3.88 1.25
C PHE A 60 9.04 -5.10 0.46
N LYS A 61 9.23 -6.28 1.01
CA LYS A 61 8.83 -7.55 0.40
C LYS A 61 7.70 -8.13 1.27
N VAL A 62 6.47 -8.10 0.72
CA VAL A 62 5.24 -8.38 1.48
C VAL A 62 4.37 -9.40 0.74
N LEU A 63 3.56 -10.16 1.51
CA LEU A 63 2.75 -11.26 1.00
C LEU A 63 1.45 -10.74 0.34
N LYS A 64 1.41 -10.82 -1.02
CA LYS A 64 0.26 -10.40 -1.85
C LYS A 64 -1.02 -11.21 -1.54
N ASN A 65 -0.82 -12.48 -1.19
CA ASN A 65 -1.89 -13.42 -0.82
C ASN A 65 -2.46 -13.13 0.58
N SER A 66 -1.72 -12.33 1.38
CA SER A 66 -2.17 -11.89 2.71
C SER A 66 -2.93 -10.56 2.61
N SER A 67 -3.62 -10.17 3.69
CA SER A 67 -4.46 -8.97 3.74
C SER A 67 -3.62 -7.67 3.72
N LEU A 68 -4.28 -6.60 3.27
CA LEU A 68 -3.68 -5.25 3.15
C LEU A 68 -3.41 -4.67 4.55
N ALA A 69 -4.21 -5.10 5.55
CA ALA A 69 -4.03 -4.68 6.97
C ALA A 69 -2.63 -5.06 7.50
N GLU A 70 -2.05 -6.13 6.94
CA GLU A 70 -0.68 -6.57 7.26
C GLU A 70 0.36 -5.60 6.67
N PHE A 71 0.09 -5.12 5.44
CA PHE A 71 0.91 -4.10 4.77
C PHE A 71 0.89 -2.76 5.56
N VAL A 72 -0.31 -2.38 6.02
CA VAL A 72 -0.53 -1.15 6.80
C VAL A 72 0.26 -1.17 8.11
N GLN A 73 0.14 -2.27 8.88
CA GLN A 73 0.79 -2.40 10.20
C GLN A 73 2.32 -2.43 10.06
N SER A 74 2.83 -2.99 8.94
CA SER A 74 4.27 -3.03 8.64
C SER A 74 4.84 -1.60 8.54
N LEU A 75 4.14 -0.74 7.78
CA LEU A 75 4.52 0.67 7.58
C LEU A 75 4.32 1.49 8.87
N SER A 76 3.28 1.13 9.63
CA SER A 76 2.93 1.80 10.89
C SER A 76 4.04 1.65 11.94
N GLN A 77 4.61 0.44 12.03
CA GLN A 77 5.66 0.11 13.01
C GLN A 77 7.03 0.64 12.55
N THR A 78 7.24 0.70 11.22
CA THR A 78 8.55 1.04 10.64
C THR A 78 8.76 2.58 10.53
N MET A 79 7.65 3.35 10.53
CA MET A 79 7.70 4.84 10.34
C MET A 79 7.17 5.57 11.57
N GLY A 80 6.13 5.01 12.20
CA GLY A 80 5.43 5.67 13.31
C GLY A 80 4.17 6.41 12.84
N PHE A 81 3.73 6.11 11.60
CA PHE A 81 2.45 6.60 11.05
C PHE A 81 1.30 5.73 11.64
N PRO A 82 0.25 6.35 12.27
CA PRO A 82 -0.89 5.58 12.86
C PRO A 82 -1.62 4.73 11.79
N GLN A 83 -1.72 3.42 12.06
CA GLN A 83 -2.24 2.42 11.10
C GLN A 83 -3.70 2.69 10.70
N ASP A 84 -4.49 3.22 11.64
CA ASP A 84 -5.91 3.57 11.41
C ASP A 84 -6.02 4.74 10.40
N GLN A 85 -5.00 5.61 10.39
CA GLN A 85 -4.97 6.83 9.55
C GLN A 85 -4.01 6.66 8.33
N ILE A 86 -3.59 5.41 8.03
CA ILE A 86 -2.77 5.13 6.83
C ILE A 86 -3.66 5.10 5.57
N ARG A 87 -3.49 6.13 4.70
CA ARG A 87 -4.11 6.16 3.35
C ARG A 87 -3.06 5.80 2.30
N LEU A 88 -3.48 4.96 1.34
CA LEU A 88 -2.64 4.45 0.25
C LEU A 88 -2.95 5.20 -1.03
N TRP A 89 -1.94 5.76 -1.70
CA TRP A 89 -2.11 6.54 -2.94
C TRP A 89 -1.25 5.90 -4.03
N PRO A 90 -1.84 5.27 -5.09
CA PRO A 90 -1.04 4.60 -6.14
C PRO A 90 -0.29 5.62 -7.04
N MET A 91 0.76 5.15 -7.76
CA MET A 91 1.47 5.97 -8.75
C MET A 91 0.47 6.52 -9.78
N GLN A 92 0.20 7.82 -9.67
CA GLN A 92 -0.91 8.48 -10.36
C GLN A 92 -0.41 9.64 -11.23
N ALA A 93 -0.10 9.33 -12.50
CA ALA A 93 0.32 10.31 -13.51
C ALA A 93 -0.90 11.08 -14.05
N ARG A 94 -1.33 12.10 -13.28
CA ARG A 94 -2.47 12.97 -13.62
C ARG A 94 -2.07 14.44 -13.45
N SER A 95 -2.68 15.33 -14.26
CA SER A 95 -2.59 16.79 -14.07
C SER A 95 -3.45 17.20 -12.86
N ASN A 96 -3.09 18.32 -12.21
CA ASN A 96 -3.69 18.76 -10.92
C ASN A 96 -5.22 18.88 -11.00
N GLY A 97 -5.91 17.96 -10.30
CA GLY A 97 -7.37 18.00 -10.13
C GLY A 97 -8.14 17.32 -11.25
N THR A 98 -7.50 17.15 -12.42
CA THR A 98 -8.14 16.58 -13.62
C THR A 98 -8.22 15.04 -13.51
N LYS A 99 -9.25 14.60 -12.76
CA LYS A 99 -9.66 13.20 -12.49
C LYS A 99 -10.38 13.18 -11.13
N ARG A 100 -9.89 14.06 -10.23
CA ARG A 100 -10.15 14.02 -8.78
C ARG A 100 -9.48 12.75 -8.19
N PRO A 101 -8.10 12.71 -8.13
CA PRO A 101 -7.35 11.54 -7.60
C PRO A 101 -7.49 11.42 -6.08
N ALA A 102 -7.74 10.19 -5.62
CA ALA A 102 -7.96 9.87 -4.20
C ALA A 102 -7.24 8.56 -3.85
N MET A 103 -7.20 8.27 -2.54
CA MET A 103 -6.60 7.04 -2.01
C MET A 103 -7.46 5.80 -2.36
N LEU A 104 -6.91 4.60 -2.11
CA LEU A 104 -7.67 3.34 -2.22
C LEU A 104 -8.80 3.33 -1.19
N ASP A 105 -9.85 2.55 -1.48
CA ASP A 105 -11.01 2.38 -0.58
C ASP A 105 -10.52 1.76 0.72
N ASN A 106 -10.29 2.60 1.74
CA ASN A 106 -9.53 2.23 2.95
C ASN A 106 -10.24 1.13 3.76
N GLU A 107 -11.57 1.09 3.66
CA GLU A 107 -12.39 0.05 4.31
C GLU A 107 -12.39 -1.25 3.50
N ALA A 108 -12.34 -1.14 2.17
CA ALA A 108 -12.25 -2.32 1.27
C ALA A 108 -10.88 -2.97 1.38
N ASP A 109 -9.82 -2.13 1.36
CA ASP A 109 -8.44 -2.62 1.21
C ASP A 109 -8.00 -3.41 2.44
N GLY A 110 -8.18 -2.82 3.63
CA GLY A 110 -7.81 -3.46 4.91
C GLY A 110 -8.70 -4.65 5.31
N ASN A 111 -9.65 -5.01 4.43
CA ASN A 111 -10.57 -6.15 4.65
C ASN A 111 -10.10 -7.36 3.82
N LYS A 112 -9.50 -7.12 2.64
CA LYS A 112 -9.11 -8.20 1.69
C LYS A 112 -7.61 -8.15 1.38
N THR A 113 -7.17 -9.00 0.43
CA THR A 113 -5.74 -9.18 0.10
C THR A 113 -5.21 -8.01 -0.74
N MET A 114 -3.90 -7.74 -0.64
CA MET A 114 -3.27 -6.59 -1.30
C MET A 114 -2.97 -6.87 -2.80
N ILE A 115 -3.18 -8.13 -3.24
CA ILE A 115 -2.99 -8.53 -4.66
C ILE A 115 -4.00 -7.82 -5.58
N GLU A 116 -5.19 -7.59 -5.01
CA GLU A 116 -6.35 -7.04 -5.73
C GLU A 116 -6.10 -5.57 -6.13
N LEU A 117 -5.27 -4.91 -5.31
CA LEU A 117 -4.88 -3.51 -5.48
C LEU A 117 -3.65 -3.39 -6.38
N SER A 118 -2.64 -4.26 -6.09
CA SER A 118 -1.33 -4.24 -6.77
C SER A 118 -1.47 -4.63 -8.25
N ASP A 119 -2.47 -5.51 -8.53
CA ASP A 119 -2.71 -6.07 -9.87
C ASP A 119 -1.49 -6.91 -10.31
N ASN A 120 -0.98 -7.69 -9.33
CA ASN A 120 0.09 -8.71 -9.52
C ASN A 120 1.48 -8.11 -9.79
N GLU A 121 1.59 -6.77 -9.84
CA GLU A 121 2.87 -6.09 -10.18
C GLU A 121 3.74 -5.90 -8.92
N ASN A 122 5.06 -5.89 -9.14
CA ASN A 122 6.07 -5.62 -8.10
C ASN A 122 7.40 -5.20 -8.76
N PRO A 123 8.12 -4.13 -8.26
CA PRO A 123 7.68 -3.29 -7.10
C PRO A 123 6.52 -2.34 -7.45
N TRP A 124 5.43 -2.43 -6.64
CA TRP A 124 4.22 -1.60 -6.81
C TRP A 124 4.44 -0.23 -6.17
N THR A 125 4.39 0.83 -6.97
CA THR A 125 4.67 2.20 -6.49
C THR A 125 3.43 2.79 -5.79
N ILE A 126 3.62 3.28 -4.55
CA ILE A 126 2.54 3.83 -3.74
C ILE A 126 3.12 4.89 -2.76
N PHE A 127 2.24 5.75 -2.24
CA PHE A 127 2.57 6.82 -1.29
C PHE A 127 1.78 6.58 0.01
N LEU A 128 2.44 6.75 1.17
CA LEU A 128 1.79 6.63 2.48
C LEU A 128 1.36 8.03 2.93
N GLU A 129 0.09 8.18 3.30
CA GLU A 129 -0.50 9.43 3.79
C GLU A 129 -0.99 9.26 5.23
N THR A 130 -0.94 10.34 6.03
CA THR A 130 -1.41 10.37 7.42
C THR A 130 -2.81 11.08 7.47
N PRO A 3 -23.44 3.75 0.60
CA PRO A 3 -22.45 2.72 1.00
C PRO A 3 -22.25 1.65 -0.10
N GLN A 4 -23.12 1.63 -1.13
CA GLN A 4 -23.14 0.57 -2.14
C GLN A 4 -21.92 0.67 -3.06
N GLN A 5 -21.55 1.90 -3.44
CA GLN A 5 -20.36 2.14 -4.27
C GLN A 5 -19.07 1.69 -3.56
N LEU A 6 -19.04 1.91 -2.25
CA LEU A 6 -17.85 1.69 -1.41
C LEU A 6 -17.63 0.19 -1.17
N VAL A 7 -18.72 -0.57 -0.99
CA VAL A 7 -18.65 -2.03 -0.84
C VAL A 7 -18.47 -2.70 -2.22
N GLU A 8 -19.04 -2.06 -3.28
CA GLU A 8 -19.00 -2.60 -4.66
C GLU A 8 -17.57 -2.73 -5.14
N ARG A 9 -16.78 -1.63 -5.00
CA ARG A 9 -15.37 -1.58 -5.42
C ARG A 9 -14.57 -2.69 -4.73
N LEU A 10 -14.87 -2.91 -3.44
CA LEU A 10 -14.17 -3.88 -2.59
C LEU A 10 -14.43 -5.29 -3.16
N GLN A 11 -15.68 -5.52 -3.58
CA GLN A 11 -16.16 -6.81 -4.13
C GLN A 11 -15.61 -7.06 -5.56
N GLU A 12 -15.55 -5.99 -6.38
CA GLU A 12 -15.10 -6.08 -7.79
C GLU A 12 -13.58 -6.29 -7.86
N GLU A 13 -12.87 -5.88 -6.80
CA GLU A 13 -11.44 -6.14 -6.65
C GLU A 13 -11.21 -7.55 -6.08
N LYS A 14 -11.96 -7.89 -5.00
CA LYS A 14 -11.70 -9.11 -4.18
C LYS A 14 -12.01 -10.40 -4.93
N ARG A 15 -12.86 -10.31 -5.95
CA ARG A 15 -13.41 -11.48 -6.66
C ARG A 15 -12.32 -12.42 -7.26
N ILE A 16 -11.08 -11.90 -7.43
CA ILE A 16 -9.92 -12.70 -7.97
C ILE A 16 -9.51 -13.84 -7.01
N GLU A 17 -10.02 -13.77 -5.76
CA GLU A 17 -9.69 -14.71 -4.69
C GLU A 17 -10.27 -16.12 -4.93
N ALA A 18 -11.22 -16.24 -5.87
CA ALA A 18 -11.75 -17.54 -6.34
C ALA A 18 -10.61 -18.45 -6.85
N GLN A 19 -9.51 -17.82 -7.28
CA GLN A 19 -8.25 -18.52 -7.61
C GLN A 19 -7.19 -18.26 -6.52
N LYS A 20 -7.11 -17.01 -6.03
CA LYS A 20 -5.99 -16.53 -5.17
C LYS A 20 -5.94 -17.20 -3.78
N ARG A 21 -7.11 -17.62 -3.25
CA ARG A 21 -7.24 -18.26 -1.91
C ARG A 21 -6.68 -19.70 -1.88
N LYS A 22 -6.22 -20.22 -3.04
CA LYS A 22 -5.57 -21.54 -3.14
C LYS A 22 -4.34 -21.61 -2.20
N GLU A 23 -3.69 -20.43 -2.01
CA GLU A 23 -2.73 -20.16 -0.90
C GLU A 23 -1.39 -20.90 -1.06
N ARG A 24 -0.31 -20.20 -0.71
CA ARG A 24 1.03 -20.80 -0.57
C ARG A 24 1.73 -20.07 0.58
N GLN A 25 2.24 -20.84 1.56
CA GLN A 25 2.74 -20.31 2.86
C GLN A 25 3.79 -19.19 2.69
N GLU A 26 5.02 -19.55 2.30
CA GLU A 26 6.09 -18.59 2.04
C GLU A 26 6.90 -19.00 0.79
N ALA A 27 6.80 -18.17 -0.27
CA ALA A 27 7.43 -18.43 -1.57
C ALA A 27 7.64 -17.07 -2.30
N HIS A 28 7.64 -17.08 -3.66
CA HIS A 28 7.73 -15.85 -4.49
C HIS A 28 6.49 -14.93 -4.32
N LEU A 29 5.50 -15.40 -3.52
CA LEU A 29 4.33 -14.61 -3.08
C LEU A 29 4.75 -13.36 -2.27
N TYR A 30 6.03 -13.30 -1.87
CA TYR A 30 6.76 -12.17 -1.23
C TYR A 30 6.79 -10.82 -2.04
N MET A 31 5.77 -10.55 -2.87
CA MET A 31 5.61 -9.33 -3.71
C MET A 31 6.20 -8.05 -3.08
N GLN A 32 7.03 -7.35 -3.86
CA GLN A 32 7.70 -6.11 -3.44
C GLN A 32 6.81 -4.91 -3.73
N VAL A 33 6.90 -3.92 -2.84
CA VAL A 33 6.14 -2.67 -2.97
C VAL A 33 7.08 -1.48 -2.66
N GLN A 34 7.17 -0.53 -3.61
CA GLN A 34 7.95 0.69 -3.50
C GLN A 34 7.16 1.75 -2.73
N ILE A 35 7.62 2.09 -1.53
CA ILE A 35 6.99 3.10 -0.68
C ILE A 35 7.95 4.26 -0.46
N VAL A 36 7.42 5.48 -0.46
CA VAL A 36 8.13 6.69 -0.04
C VAL A 36 7.19 7.53 0.86
N ALA A 37 7.76 8.05 1.95
CA ALA A 37 7.08 8.99 2.86
C ALA A 37 7.85 10.31 2.86
N GLU A 38 7.16 11.43 3.09
CA GLU A 38 7.79 12.75 3.16
C GLU A 38 7.12 13.57 4.27
N ASP A 39 7.44 13.19 5.52
CA ASP A 39 6.99 13.86 6.76
C ASP A 39 8.00 14.96 7.19
N GLN A 40 8.95 15.29 6.28
CA GLN A 40 10.03 16.30 6.50
C GLN A 40 9.49 17.69 6.94
N PHE A 41 8.22 17.97 6.57
CA PHE A 41 7.57 19.28 6.80
C PHE A 41 7.32 19.54 8.30
N CYS A 42 7.30 18.44 9.09
CA CYS A 42 7.16 18.49 10.57
C CYS A 42 8.42 19.11 11.24
N GLY A 43 9.52 19.24 10.48
CA GLY A 43 10.75 19.85 10.98
C GLY A 43 11.61 20.39 9.85
N HIS A 44 12.85 19.85 9.72
CA HIS A 44 13.83 20.31 8.72
C HIS A 44 15.00 19.30 8.61
N GLN A 45 15.30 18.61 9.74
CA GLN A 45 16.37 17.58 9.86
C GLN A 45 17.78 18.20 9.81
N GLY A 46 18.18 18.70 8.62
CA GLY A 46 19.44 19.45 8.46
C GLY A 46 20.67 18.57 8.25
N ASN A 47 21.14 17.91 9.33
CA ASN A 47 22.43 17.16 9.33
C ASN A 47 22.21 15.68 9.73
N ASP A 48 22.07 14.80 8.70
CA ASP A 48 22.05 13.33 8.87
C ASP A 48 22.19 12.67 7.45
N MET A 49 21.33 11.70 7.08
CA MET A 49 21.46 10.89 5.85
C MET A 49 20.28 9.91 5.80
N TYR A 50 20.08 9.18 6.91
CA TYR A 50 19.03 8.14 7.03
C TYR A 50 17.79 8.75 7.73
N ASP A 51 17.39 9.92 7.24
CA ASP A 51 16.19 10.62 7.70
C ASP A 51 14.97 9.80 7.26
N GLU A 52 14.28 9.18 8.24
CA GLU A 52 13.24 8.15 7.97
C GLU A 52 12.02 8.71 7.21
N GLU A 53 11.83 10.04 7.30
CA GLU A 53 10.76 10.76 6.60
C GLU A 53 11.21 11.27 5.23
N LYS A 54 12.46 10.99 4.85
CA LYS A 54 13.03 11.46 3.59
C LYS A 54 13.87 10.37 2.89
N VAL A 55 13.78 9.11 3.38
CA VAL A 55 14.50 7.96 2.78
C VAL A 55 13.96 7.63 1.37
N LYS A 56 14.80 6.94 0.58
CA LYS A 56 14.50 6.52 -0.80
C LYS A 56 13.37 5.46 -0.85
N TYR A 57 13.07 4.96 -2.08
CA TYR A 57 12.10 3.87 -2.31
C TYR A 57 12.47 2.62 -1.51
N THR A 58 11.71 2.40 -0.43
CA THR A 58 11.85 1.23 0.43
C THR A 58 11.09 0.04 -0.19
N VAL A 59 11.72 -1.14 -0.12
CA VAL A 59 11.22 -2.38 -0.75
C VAL A 59 10.68 -3.30 0.35
N PHE A 60 9.35 -3.35 0.49
CA PHE A 60 8.68 -4.27 1.43
C PHE A 60 8.20 -5.50 0.67
N LYS A 61 8.77 -6.66 1.01
CA LYS A 61 8.46 -7.94 0.36
C LYS A 61 7.51 -8.75 1.26
N VAL A 62 6.25 -8.85 0.83
CA VAL A 62 5.15 -9.42 1.63
C VAL A 62 4.22 -10.27 0.73
N LEU A 63 3.42 -11.13 1.38
CA LEU A 63 2.50 -12.04 0.69
C LEU A 63 1.35 -11.27 0.00
N LYS A 64 1.35 -11.33 -1.34
CA LYS A 64 0.38 -10.67 -2.24
C LYS A 64 -1.05 -11.17 -2.00
N ASN A 65 -1.15 -12.46 -1.69
CA ASN A 65 -2.43 -13.18 -1.47
C ASN A 65 -2.86 -13.11 0.01
N SER A 66 -2.21 -12.22 0.77
CA SER A 66 -2.57 -11.91 2.16
C SER A 66 -3.24 -10.53 2.22
N SER A 67 -3.96 -10.29 3.34
CA SER A 67 -4.66 -9.03 3.61
C SER A 67 -3.68 -7.83 3.65
N LEU A 68 -4.16 -6.68 3.14
CA LEU A 68 -3.39 -5.41 3.12
C LEU A 68 -3.14 -4.94 4.58
N ALA A 69 -4.00 -5.39 5.53
CA ALA A 69 -3.89 -5.09 6.98
C ALA A 69 -2.48 -5.42 7.56
N GLU A 70 -1.86 -6.51 7.06
CA GLU A 70 -0.49 -6.90 7.47
C GLU A 70 0.55 -5.91 6.93
N PHE A 71 0.31 -5.41 5.71
CA PHE A 71 1.17 -4.40 5.09
C PHE A 71 1.07 -3.06 5.87
N VAL A 72 -0.15 -2.70 6.31
CA VAL A 72 -0.43 -1.47 7.07
C VAL A 72 0.33 -1.46 8.41
N GLN A 73 0.20 -2.58 9.16
CA GLN A 73 0.81 -2.72 10.51
C GLN A 73 2.35 -2.73 10.41
N SER A 74 2.88 -3.34 9.33
CA SER A 74 4.34 -3.35 9.05
C SER A 74 4.84 -1.93 8.76
N LEU A 75 4.08 -1.20 7.94
CA LEU A 75 4.43 0.15 7.49
C LEU A 75 4.31 1.16 8.64
N SER A 76 3.38 0.87 9.56
CA SER A 76 3.12 1.70 10.74
C SER A 76 4.28 1.63 11.74
N GLN A 77 4.79 0.40 11.93
CA GLN A 77 5.88 0.13 12.87
C GLN A 77 7.24 0.65 12.32
N THR A 78 7.41 0.64 10.99
CA THR A 78 8.70 1.02 10.37
C THR A 78 8.87 2.55 10.26
N MET A 79 7.82 3.28 9.82
CA MET A 79 7.91 4.75 9.56
C MET A 79 7.30 5.59 10.70
N GLY A 80 6.50 4.94 11.56
CA GLY A 80 5.84 5.65 12.67
C GLY A 80 4.57 6.39 12.24
N PHE A 81 4.03 6.02 11.08
CA PHE A 81 2.73 6.53 10.58
C PHE A 81 1.62 5.66 11.19
N PRO A 82 0.63 6.26 11.95
CA PRO A 82 -0.44 5.48 12.64
C PRO A 82 -1.22 4.59 11.66
N GLN A 83 -1.29 3.27 11.96
CA GLN A 83 -1.88 2.25 11.06
C GLN A 83 -3.31 2.62 10.63
N ASP A 84 -4.12 3.09 11.59
CA ASP A 84 -5.53 3.43 11.38
C ASP A 84 -5.70 4.62 10.40
N GLN A 85 -4.63 5.44 10.25
CA GLN A 85 -4.65 6.65 9.38
C GLN A 85 -3.68 6.49 8.18
N ILE A 86 -3.09 5.28 7.98
CA ILE A 86 -2.26 5.01 6.78
C ILE A 86 -3.15 5.02 5.52
N ARG A 87 -3.00 6.08 4.73
CA ARG A 87 -3.63 6.24 3.42
C ARG A 87 -2.57 5.95 2.34
N LEU A 88 -3.01 5.36 1.24
CA LEU A 88 -2.13 4.90 0.17
C LEU A 88 -2.60 5.46 -1.17
N TRP A 89 -1.68 5.99 -1.98
CA TRP A 89 -1.99 6.52 -3.32
C TRP A 89 -1.26 5.67 -4.38
N PRO A 90 -2.00 4.89 -5.24
CA PRO A 90 -1.38 4.06 -6.29
C PRO A 90 -0.84 4.97 -7.42
N MET A 91 0.43 4.75 -7.82
CA MET A 91 1.24 5.64 -8.70
C MET A 91 0.40 6.33 -9.82
N GLN A 92 0.60 7.65 -9.99
CA GLN A 92 -0.06 8.41 -11.05
C GLN A 92 0.82 9.60 -11.48
N ALA A 93 1.11 9.70 -12.79
CA ALA A 93 1.94 10.78 -13.37
C ALA A 93 1.14 12.11 -13.47
N ARG A 94 -0.20 12.02 -13.24
CA ARG A 94 -1.11 13.18 -13.06
C ARG A 94 -1.27 14.05 -14.33
N SER A 95 -0.81 13.55 -15.49
CA SER A 95 -0.86 14.30 -16.75
C SER A 95 -2.18 14.01 -17.50
N ASN A 96 -3.29 14.05 -16.75
CA ASN A 96 -4.64 13.77 -17.26
C ASN A 96 -5.67 14.58 -16.45
N GLY A 97 -6.52 15.35 -17.15
CA GLY A 97 -7.63 16.07 -16.52
C GLY A 97 -8.81 15.15 -16.20
N THR A 98 -9.04 14.16 -17.08
CA THR A 98 -10.11 13.16 -16.92
C THR A 98 -9.81 12.21 -15.74
N LYS A 99 -8.57 11.65 -15.72
CA LYS A 99 -8.12 10.77 -14.64
C LYS A 99 -7.97 11.57 -13.35
N ARG A 100 -8.96 11.44 -12.48
CA ARG A 100 -8.94 12.02 -11.14
C ARG A 100 -8.34 10.98 -10.17
N PRO A 101 -7.13 11.26 -9.56
CA PRO A 101 -6.49 10.32 -8.61
C PRO A 101 -7.28 10.22 -7.30
N ALA A 102 -7.08 9.12 -6.58
CA ALA A 102 -7.67 8.92 -5.25
C ALA A 102 -6.78 7.98 -4.42
N MET A 103 -6.93 8.05 -3.09
CA MET A 103 -6.31 7.10 -2.17
C MET A 103 -7.16 5.80 -2.14
N LEU A 104 -6.63 4.71 -1.58
CA LEU A 104 -7.42 3.50 -1.32
C LEU A 104 -8.27 3.73 -0.06
N ASP A 105 -9.51 3.20 -0.08
CA ASP A 105 -10.46 3.34 1.03
C ASP A 105 -9.98 2.48 2.20
N ASN A 106 -10.02 3.02 3.43
CA ASN A 106 -9.47 2.34 4.61
C ASN A 106 -10.28 1.07 4.98
N GLU A 107 -11.56 1.04 4.57
CA GLU A 107 -12.40 -0.17 4.62
C GLU A 107 -11.86 -1.25 3.67
N ALA A 108 -11.49 -0.81 2.45
CA ALA A 108 -10.98 -1.71 1.41
C ALA A 108 -9.60 -2.29 1.81
N ASP A 109 -8.65 -1.41 2.14
CA ASP A 109 -7.23 -1.79 2.37
C ASP A 109 -6.97 -2.41 3.77
N GLY A 110 -8.01 -2.98 4.39
CA GLY A 110 -7.83 -3.75 5.62
C GLY A 110 -8.80 -4.91 5.72
N ASN A 111 -9.48 -5.22 4.60
CA ASN A 111 -10.53 -6.27 4.56
C ASN A 111 -10.11 -7.37 3.58
N LYS A 112 -9.40 -6.98 2.51
CA LYS A 112 -9.06 -7.88 1.39
C LYS A 112 -7.55 -7.87 1.11
N THR A 113 -7.13 -8.61 0.08
CA THR A 113 -5.71 -8.84 -0.24
C THR A 113 -5.09 -7.65 -1.00
N MET A 114 -3.74 -7.60 -1.01
CA MET A 114 -2.98 -6.50 -1.65
C MET A 114 -2.74 -6.75 -3.15
N ILE A 115 -3.02 -7.98 -3.61
CA ILE A 115 -2.81 -8.40 -5.02
C ILE A 115 -3.77 -7.65 -5.97
N GLU A 116 -4.91 -7.26 -5.40
CA GLU A 116 -6.02 -6.58 -6.11
C GLU A 116 -5.62 -5.13 -6.39
N LEU A 117 -5.06 -4.52 -5.34
CA LEU A 117 -4.63 -3.13 -5.33
C LEU A 117 -3.41 -2.93 -6.24
N SER A 118 -2.50 -3.91 -6.24
CA SER A 118 -1.33 -3.93 -7.16
C SER A 118 -1.78 -4.29 -8.58
N ASP A 119 -2.87 -5.08 -8.68
CA ASP A 119 -3.40 -5.64 -9.94
C ASP A 119 -2.36 -6.61 -10.56
N ASN A 120 -1.70 -7.36 -9.66
CA ASN A 120 -0.73 -8.44 -10.00
C ASN A 120 0.60 -7.90 -10.56
N GLU A 121 1.03 -6.70 -10.11
CA GLU A 121 2.37 -6.16 -10.45
C GLU A 121 3.29 -6.15 -9.22
N ASN A 122 4.61 -6.24 -9.47
CA ASN A 122 5.67 -6.04 -8.45
C ASN A 122 7.01 -5.67 -9.13
N PRO A 123 7.81 -4.68 -8.59
CA PRO A 123 7.45 -3.84 -7.42
C PRO A 123 6.34 -2.80 -7.76
N TRP A 124 5.45 -2.57 -6.79
CA TRP A 124 4.30 -1.66 -6.94
C TRP A 124 4.60 -0.33 -6.23
N THR A 125 4.73 0.76 -7.01
CA THR A 125 5.04 2.10 -6.48
C THR A 125 3.79 2.77 -5.88
N ILE A 126 3.95 3.36 -4.69
CA ILE A 126 2.87 4.00 -3.92
C ILE A 126 3.42 5.21 -3.14
N PHE A 127 2.54 6.21 -2.94
CA PHE A 127 2.79 7.35 -2.06
C PHE A 127 2.18 7.06 -0.69
N LEU A 128 2.97 7.14 0.39
CA LEU A 128 2.44 7.01 1.77
C LEU A 128 1.85 8.38 2.18
N GLU A 129 0.64 8.33 2.75
CA GLU A 129 -0.08 9.50 3.25
C GLU A 129 -0.51 9.24 4.71
N THR A 130 -0.56 10.32 5.53
CA THR A 130 -1.01 10.22 6.93
C THR A 130 -2.42 10.87 7.03
N PRO A 3 -24.09 4.18 -1.12
CA PRO A 3 -23.83 3.34 0.08
C PRO A 3 -23.12 2.03 -0.31
N GLN A 4 -23.78 1.22 -1.18
CA GLN A 4 -23.36 -0.16 -1.47
C GLN A 4 -22.06 -0.23 -2.30
N GLN A 5 -21.61 0.92 -2.85
CA GLN A 5 -20.41 0.99 -3.73
C GLN A 5 -19.12 0.46 -3.05
N LEU A 6 -18.95 0.73 -1.74
CA LEU A 6 -17.72 0.34 -0.99
C LEU A 6 -17.59 -1.20 -0.87
N VAL A 7 -18.69 -1.87 -0.49
CA VAL A 7 -18.72 -3.35 -0.33
C VAL A 7 -18.79 -4.05 -1.71
N GLU A 8 -19.41 -3.37 -2.69
CA GLU A 8 -19.59 -3.88 -4.06
C GLU A 8 -18.24 -3.94 -4.78
N ARG A 9 -17.51 -2.80 -4.78
CA ARG A 9 -16.18 -2.68 -5.42
C ARG A 9 -15.16 -3.60 -4.74
N LEU A 10 -15.37 -3.82 -3.42
CA LEU A 10 -14.52 -4.67 -2.60
C LEU A 10 -14.55 -6.10 -3.16
N GLN A 11 -15.77 -6.67 -3.21
CA GLN A 11 -16.02 -8.08 -3.61
C GLN A 11 -15.80 -8.29 -5.13
N GLU A 12 -16.07 -7.25 -5.92
CA GLU A 12 -15.88 -7.25 -7.39
C GLU A 12 -14.38 -7.31 -7.74
N GLU A 13 -13.54 -6.75 -6.86
CA GLU A 13 -12.07 -6.80 -7.01
C GLU A 13 -11.50 -8.07 -6.32
N LYS A 14 -12.25 -8.55 -5.31
CA LYS A 14 -11.86 -9.67 -4.41
C LYS A 14 -12.06 -11.06 -5.02
N ARG A 15 -12.95 -11.14 -6.02
CA ARG A 15 -13.35 -12.41 -6.67
C ARG A 15 -12.16 -13.22 -7.28
N ILE A 16 -10.95 -12.61 -7.38
CA ILE A 16 -9.72 -13.32 -7.84
C ILE A 16 -9.26 -14.39 -6.81
N GLU A 17 -9.84 -14.35 -5.61
CA GLU A 17 -9.60 -15.29 -4.50
C GLU A 17 -9.73 -16.77 -4.93
N ALA A 18 -10.58 -17.02 -5.94
CA ALA A 18 -10.82 -18.36 -6.50
C ALA A 18 -9.51 -19.03 -6.99
N GLN A 19 -8.59 -18.21 -7.52
CA GLN A 19 -7.26 -18.67 -8.00
C GLN A 19 -6.14 -18.26 -7.01
N LYS A 20 -6.28 -17.08 -6.40
CA LYS A 20 -5.17 -16.40 -5.70
C LYS A 20 -5.01 -16.84 -4.21
N ARG A 21 -6.12 -17.26 -3.58
CA ARG A 21 -6.16 -17.58 -2.12
C ARG A 21 -5.61 -19.00 -1.81
N LYS A 22 -5.18 -19.75 -2.84
CA LYS A 22 -4.65 -21.11 -2.66
C LYS A 22 -3.36 -21.08 -1.80
N GLU A 23 -2.42 -20.21 -2.18
CA GLU A 23 -1.10 -20.05 -1.50
C GLU A 23 -1.21 -18.99 -0.37
N ARG A 24 -2.15 -19.24 0.55
CA ARG A 24 -2.53 -18.32 1.66
C ARG A 24 -1.53 -18.37 2.85
N GLN A 25 -0.35 -18.96 2.62
CA GLN A 25 0.72 -19.07 3.62
C GLN A 25 1.98 -18.33 3.10
N GLU A 26 2.91 -17.99 4.02
CA GLU A 26 4.20 -17.35 3.71
C GLU A 26 5.03 -18.23 2.74
N ALA A 27 5.09 -17.78 1.49
CA ALA A 27 5.80 -18.46 0.39
C ALA A 27 6.58 -17.41 -0.42
N HIS A 28 6.89 -17.69 -1.69
CA HIS A 28 7.68 -16.75 -2.54
C HIS A 28 6.81 -15.60 -3.10
N LEU A 29 5.62 -15.37 -2.53
CA LEU A 29 4.69 -14.30 -2.96
C LEU A 29 5.06 -12.95 -2.26
N TYR A 30 6.36 -12.72 -2.13
CA TYR A 30 7.01 -11.61 -1.39
C TYR A 30 6.95 -10.24 -2.11
N MET A 31 5.92 -10.03 -2.97
CA MET A 31 5.80 -8.84 -3.87
C MET A 31 6.35 -7.55 -3.24
N GLN A 32 7.17 -6.85 -4.01
CA GLN A 32 7.79 -5.61 -3.55
C GLN A 32 6.83 -4.46 -3.80
N VAL A 33 6.84 -3.52 -2.89
CA VAL A 33 5.96 -2.36 -2.92
C VAL A 33 6.82 -1.11 -2.66
N GLN A 34 6.83 -0.21 -3.66
CA GLN A 34 7.65 0.99 -3.65
C GLN A 34 6.95 2.09 -2.85
N ILE A 35 7.36 2.23 -1.59
CA ILE A 35 6.83 3.21 -0.65
C ILE A 35 7.71 4.48 -0.64
N VAL A 36 7.07 5.64 -0.46
CA VAL A 36 7.76 6.91 -0.17
C VAL A 36 7.03 7.65 0.95
N ALA A 37 7.83 8.11 1.91
CA ALA A 37 7.41 8.95 3.03
C ALA A 37 8.55 9.91 3.37
N GLU A 38 8.24 10.87 4.24
CA GLU A 38 9.20 11.86 4.71
C GLU A 38 9.02 12.00 6.23
N ASP A 39 9.93 11.37 7.00
CA ASP A 39 9.86 11.32 8.47
C ASP A 39 10.60 12.49 9.13
N GLN A 40 11.24 13.37 8.32
CA GLN A 40 12.13 14.44 8.84
C GLN A 40 11.36 15.52 9.63
N PHE A 41 10.02 15.57 9.46
CA PHE A 41 9.13 16.48 10.20
C PHE A 41 9.10 16.13 11.70
N CYS A 42 9.13 14.82 11.99
CA CYS A 42 9.08 14.29 13.36
C CYS A 42 10.49 13.93 13.82
N GLY A 43 11.12 12.97 13.10
CA GLY A 43 12.48 12.54 13.38
C GLY A 43 13.51 13.53 12.84
N HIS A 44 13.94 14.47 13.69
CA HIS A 44 15.01 15.43 13.36
C HIS A 44 16.36 14.92 13.89
N GLN A 45 16.98 14.02 13.12
CA GLN A 45 18.32 13.51 13.42
C GLN A 45 19.37 14.48 12.86
N GLY A 46 19.31 14.71 11.54
CA GLY A 46 20.18 15.66 10.85
C GLY A 46 21.59 15.13 10.66
N ASN A 47 22.38 15.14 11.75
CA ASN A 47 23.78 14.66 11.77
C ASN A 47 23.80 13.12 11.70
N ASP A 48 23.81 12.57 10.47
CA ASP A 48 23.78 11.12 10.23
C ASP A 48 24.18 10.84 8.76
N MET A 49 24.88 9.72 8.55
CA MET A 49 25.47 9.35 7.25
C MET A 49 24.44 8.58 6.36
N TYR A 50 23.23 8.39 6.91
CA TYR A 50 22.13 7.68 6.25
C TYR A 50 20.83 8.38 6.66
N ASP A 51 20.34 9.31 5.83
CA ASP A 51 19.12 10.09 6.11
C ASP A 51 17.88 9.19 5.99
N GLU A 52 17.60 8.41 7.04
CA GLU A 52 16.51 7.43 7.10
C GLU A 52 15.13 8.12 7.03
N GLU A 53 15.13 9.41 7.37
CA GLU A 53 13.94 10.28 7.35
C GLU A 53 13.59 10.68 5.91
N LYS A 54 14.62 10.81 5.06
CA LYS A 54 14.50 11.31 3.68
C LYS A 54 15.34 10.45 2.72
N VAL A 55 15.29 9.13 2.96
CA VAL A 55 15.90 8.11 2.07
C VAL A 55 15.27 8.12 0.66
N LYS A 56 15.90 7.34 -0.22
CA LYS A 56 15.38 7.03 -1.58
C LYS A 56 14.05 6.26 -1.52
N TYR A 57 13.57 5.80 -2.70
CA TYR A 57 12.36 4.99 -2.79
C TYR A 57 12.51 3.72 -1.93
N THR A 58 11.71 3.70 -0.87
CA THR A 58 11.62 2.61 0.09
C THR A 58 10.89 1.42 -0.57
N VAL A 59 11.33 0.20 -0.24
CA VAL A 59 10.80 -1.02 -0.84
C VAL A 59 10.64 -2.12 0.24
N PHE A 60 9.40 -2.63 0.39
CA PHE A 60 9.09 -3.75 1.32
C PHE A 60 8.65 -4.98 0.51
N LYS A 61 9.05 -6.17 0.99
CA LYS A 61 8.73 -7.46 0.36
C LYS A 61 7.72 -8.21 1.26
N VAL A 62 6.46 -8.33 0.79
CA VAL A 62 5.33 -8.87 1.58
C VAL A 62 4.42 -9.76 0.70
N LEU A 63 3.58 -10.59 1.36
CA LEU A 63 2.68 -11.53 0.65
C LEU A 63 1.52 -10.77 -0.03
N LYS A 64 1.46 -10.87 -1.38
CA LYS A 64 0.31 -10.40 -2.18
C LYS A 64 -0.99 -11.14 -1.78
N ASN A 65 -0.82 -12.39 -1.33
CA ASN A 65 -1.93 -13.28 -0.90
C ASN A 65 -2.42 -12.95 0.52
N SER A 66 -1.71 -12.05 1.23
CA SER A 66 -2.10 -11.58 2.57
C SER A 66 -2.88 -10.25 2.44
N SER A 67 -3.58 -9.86 3.52
CA SER A 67 -4.42 -8.65 3.52
C SER A 67 -3.57 -7.37 3.49
N LEU A 68 -4.17 -6.28 2.99
CA LEU A 68 -3.54 -4.95 2.96
C LEU A 68 -3.32 -4.46 4.42
N ALA A 69 -4.19 -4.92 5.35
CA ALA A 69 -4.12 -4.63 6.78
C ALA A 69 -2.80 -5.14 7.42
N GLU A 70 -2.34 -6.32 6.95
CA GLU A 70 -1.06 -6.90 7.39
C GLU A 70 0.13 -6.04 6.90
N PHE A 71 0.00 -5.51 5.69
CA PHE A 71 0.98 -4.57 5.13
C PHE A 71 0.99 -3.23 5.92
N VAL A 72 -0.22 -2.72 6.26
CA VAL A 72 -0.40 -1.43 6.96
C VAL A 72 0.25 -1.47 8.35
N GLN A 73 0.03 -2.56 9.10
CA GLN A 73 0.57 -2.71 10.47
C GLN A 73 2.10 -2.83 10.45
N SER A 74 2.65 -3.48 9.38
CA SER A 74 4.11 -3.55 9.15
C SER A 74 4.69 -2.14 8.94
N LEU A 75 4.03 -1.37 8.05
CA LEU A 75 4.45 -0.01 7.66
C LEU A 75 4.31 0.96 8.86
N SER A 76 3.30 0.69 9.70
CA SER A 76 2.98 1.50 10.87
C SER A 76 4.09 1.44 11.92
N GLN A 77 4.60 0.22 12.17
CA GLN A 77 5.65 -0.02 13.17
C GLN A 77 7.05 0.33 12.62
N THR A 78 7.19 0.38 11.28
CA THR A 78 8.51 0.59 10.66
C THR A 78 8.85 2.10 10.51
N MET A 79 7.82 2.96 10.31
CA MET A 79 8.01 4.43 10.15
C MET A 79 7.45 5.19 11.37
N GLY A 80 6.28 4.74 11.87
CA GLY A 80 5.60 5.42 12.99
C GLY A 80 4.27 6.06 12.57
N PHE A 81 3.84 5.81 11.33
CA PHE A 81 2.54 6.30 10.80
C PHE A 81 1.41 5.44 11.39
N PRO A 82 0.34 6.05 12.02
CA PRO A 82 -0.75 5.29 12.69
C PRO A 82 -1.50 4.39 11.69
N GLN A 83 -1.58 3.08 12.00
CA GLN A 83 -2.16 2.04 11.11
C GLN A 83 -3.64 2.30 10.82
N ASP A 84 -4.35 2.86 11.81
CA ASP A 84 -5.78 3.20 11.70
C ASP A 84 -6.01 4.43 10.79
N GLN A 85 -4.91 5.10 10.38
CA GLN A 85 -4.95 6.32 9.57
C GLN A 85 -4.05 6.19 8.29
N ILE A 86 -3.27 5.07 8.16
CA ILE A 86 -2.44 4.84 6.96
C ILE A 86 -3.35 4.75 5.71
N ARG A 87 -3.34 5.83 4.93
CA ARG A 87 -3.97 5.90 3.62
C ARG A 87 -2.86 5.76 2.56
N LEU A 88 -3.25 5.28 1.39
CA LEU A 88 -2.29 4.92 0.32
C LEU A 88 -2.81 5.43 -1.03
N TRP A 89 -1.90 5.96 -1.84
CA TRP A 89 -2.20 6.53 -3.17
C TRP A 89 -1.42 5.75 -4.23
N PRO A 90 -2.08 4.97 -5.13
CA PRO A 90 -1.35 4.19 -6.17
C PRO A 90 -0.72 5.14 -7.22
N MET A 91 0.28 4.64 -7.97
CA MET A 91 0.87 5.39 -9.10
C MET A 91 -0.12 5.50 -10.27
N GLN A 92 -0.05 6.61 -11.02
CA GLN A 92 -0.87 6.81 -12.22
C GLN A 92 -0.19 7.77 -13.21
N ALA A 93 -0.59 7.68 -14.48
CA ALA A 93 -0.11 8.56 -15.55
C ALA A 93 -0.91 9.88 -15.55
N ARG A 94 -0.49 10.81 -14.68
CA ARG A 94 -1.11 12.15 -14.55
C ARG A 94 -0.87 12.98 -15.82
N SER A 95 -1.80 12.84 -16.76
CA SER A 95 -1.79 13.56 -18.03
C SER A 95 -3.01 14.52 -18.10
N ASN A 96 -3.18 15.19 -19.26
CA ASN A 96 -4.34 16.08 -19.51
C ASN A 96 -5.65 15.24 -19.61
N GLY A 97 -6.76 15.86 -19.20
CA GLY A 97 -8.06 15.21 -19.17
C GLY A 97 -8.72 15.36 -17.81
N THR A 98 -9.71 14.50 -17.52
CA THR A 98 -10.37 14.46 -16.20
C THR A 98 -9.70 13.35 -15.34
N LYS A 99 -8.36 13.37 -15.35
CA LYS A 99 -7.52 12.39 -14.65
C LYS A 99 -7.54 12.68 -13.15
N ARG A 100 -8.44 11.99 -12.43
CA ARG A 100 -8.66 12.18 -11.00
C ARG A 100 -8.31 10.89 -10.23
N PRO A 101 -7.06 10.78 -9.68
CA PRO A 101 -6.71 9.69 -8.75
C PRO A 101 -7.26 9.93 -7.33
N ALA A 102 -7.35 8.85 -6.56
CA ALA A 102 -7.82 8.88 -5.17
C ALA A 102 -7.02 7.87 -4.34
N MET A 103 -7.09 8.00 -3.01
CA MET A 103 -6.57 7.00 -2.08
C MET A 103 -7.49 5.77 -2.13
N LEU A 104 -6.95 4.59 -1.81
CA LEU A 104 -7.76 3.36 -1.75
C LEU A 104 -8.81 3.50 -0.63
N ASP A 105 -10.03 2.94 -0.87
CA ASP A 105 -11.10 2.91 0.14
C ASP A 105 -10.59 2.09 1.32
N ASN A 106 -10.35 2.72 2.48
CA ASN A 106 -9.72 2.05 3.64
C ASN A 106 -10.63 0.89 4.15
N GLU A 107 -11.94 1.05 3.88
CA GLU A 107 -12.96 0.01 4.11
C GLU A 107 -12.71 -1.22 3.21
N ALA A 108 -12.33 -0.95 1.96
CA ALA A 108 -12.03 -2.00 0.97
C ALA A 108 -10.71 -2.69 1.31
N ASP A 109 -9.61 -1.91 1.31
CA ASP A 109 -8.23 -2.45 1.30
C ASP A 109 -7.92 -3.29 2.56
N GLY A 110 -8.24 -2.74 3.74
CA GLY A 110 -7.90 -3.37 5.02
C GLY A 110 -8.76 -4.59 5.39
N ASN A 111 -9.65 -5.03 4.45
CA ASN A 111 -10.57 -6.16 4.68
C ASN A 111 -10.33 -7.30 3.65
N LYS A 112 -9.44 -7.06 2.68
CA LYS A 112 -9.09 -8.06 1.65
C LYS A 112 -7.58 -8.01 1.31
N THR A 113 -7.16 -8.85 0.34
CA THR A 113 -5.74 -9.04 0.00
C THR A 113 -5.19 -7.84 -0.81
N MET A 114 -3.85 -7.65 -0.76
CA MET A 114 -3.19 -6.52 -1.42
C MET A 114 -2.89 -6.80 -2.92
N ILE A 115 -3.12 -8.06 -3.36
CA ILE A 115 -2.97 -8.48 -4.78
C ILE A 115 -3.95 -7.72 -5.69
N GLU A 116 -5.12 -7.46 -5.12
CA GLU A 116 -6.27 -6.87 -5.81
C GLU A 116 -5.97 -5.43 -6.25
N LEU A 117 -5.27 -4.74 -5.35
CA LEU A 117 -4.88 -3.34 -5.51
C LEU A 117 -3.60 -3.23 -6.35
N SER A 118 -2.67 -4.19 -6.14
CA SER A 118 -1.36 -4.22 -6.84
C SER A 118 -1.54 -4.61 -8.32
N ASP A 119 -2.65 -5.30 -8.63
CA ASP A 119 -3.03 -5.70 -10.00
C ASP A 119 -2.01 -6.71 -10.59
N ASN A 120 -1.50 -7.58 -9.69
CA ASN A 120 -0.44 -8.59 -10.01
C ASN A 120 0.87 -7.93 -10.49
N GLU A 121 1.02 -6.63 -10.16
CA GLU A 121 2.16 -5.80 -10.56
C GLU A 121 3.06 -5.54 -9.35
N ASN A 122 4.37 -5.83 -9.52
CA ASN A 122 5.42 -5.54 -8.54
C ASN A 122 6.70 -5.10 -9.29
N PRO A 123 7.52 -4.11 -8.76
CA PRO A 123 7.26 -3.40 -7.49
C PRO A 123 6.10 -2.37 -7.62
N TRP A 124 5.10 -2.51 -6.73
CA TRP A 124 3.88 -1.71 -6.76
C TRP A 124 4.15 -0.33 -6.14
N THR A 125 4.23 0.69 -7.00
CA THR A 125 4.59 2.05 -6.61
C THR A 125 3.38 2.76 -5.98
N ILE A 126 3.55 3.20 -4.73
CA ILE A 126 2.50 3.84 -3.94
C ILE A 126 3.10 4.99 -3.12
N PHE A 127 2.23 5.91 -2.69
CA PHE A 127 2.58 7.03 -1.80
C PHE A 127 1.93 6.77 -0.44
N LEU A 128 2.68 6.96 0.65
CA LEU A 128 2.15 6.86 2.01
C LEU A 128 1.46 8.20 2.34
N GLU A 129 0.28 8.11 2.94
CA GLU A 129 -0.50 9.28 3.41
C GLU A 129 -0.88 9.06 4.87
N THR A 130 -0.79 10.12 5.68
CA THR A 130 -1.25 10.09 7.07
C THR A 130 -2.66 10.75 7.10
N PRO A 3 -23.85 2.78 -1.15
CA PRO A 3 -23.42 2.09 0.09
C PRO A 3 -22.84 0.70 -0.24
N GLN A 4 -23.58 -0.11 -1.04
CA GLN A 4 -23.18 -1.49 -1.38
C GLN A 4 -22.01 -1.55 -2.37
N GLN A 5 -21.57 -0.38 -2.89
CA GLN A 5 -20.47 -0.30 -3.86
C GLN A 5 -19.17 -0.89 -3.29
N LEU A 6 -18.97 -0.75 -1.97
CA LEU A 6 -17.79 -1.25 -1.26
C LEU A 6 -17.65 -2.78 -1.41
N VAL A 7 -18.67 -3.52 -0.94
CA VAL A 7 -18.66 -4.99 -1.00
C VAL A 7 -18.76 -5.50 -2.46
N GLU A 8 -19.49 -4.74 -3.31
CA GLU A 8 -19.73 -5.07 -4.73
C GLU A 8 -18.40 -5.13 -5.53
N ARG A 9 -17.65 -4.02 -5.49
CA ARG A 9 -16.36 -3.89 -6.18
C ARG A 9 -15.31 -4.84 -5.58
N LEU A 10 -15.44 -5.06 -4.25
CA LEU A 10 -14.52 -5.90 -3.48
C LEU A 10 -14.61 -7.35 -4.00
N GLN A 11 -15.86 -7.80 -4.24
CA GLN A 11 -16.16 -9.14 -4.79
C GLN A 11 -15.57 -9.32 -6.21
N GLU A 12 -15.69 -8.25 -7.02
CA GLU A 12 -15.19 -8.21 -8.41
C GLU A 12 -13.66 -8.41 -8.47
N GLU A 13 -12.95 -8.00 -7.41
CA GLU A 13 -11.50 -8.17 -7.28
C GLU A 13 -11.15 -9.55 -6.66
N LYS A 14 -11.76 -9.84 -5.48
CA LYS A 14 -11.39 -10.98 -4.60
C LYS A 14 -11.64 -12.35 -5.24
N ARG A 15 -12.40 -12.39 -6.34
CA ARG A 15 -12.62 -13.61 -7.15
C ARG A 15 -11.31 -14.38 -7.52
N ILE A 16 -10.14 -13.70 -7.46
CA ILE A 16 -8.83 -14.34 -7.77
C ILE A 16 -8.45 -15.42 -6.73
N GLU A 17 -9.13 -15.39 -5.55
CA GLU A 17 -8.92 -16.36 -4.44
C GLU A 17 -9.16 -17.82 -4.89
N ALA A 18 -9.87 -18.02 -6.02
CA ALA A 18 -10.05 -19.36 -6.65
C ALA A 18 -8.74 -19.81 -7.38
N GLN A 19 -7.62 -19.68 -6.65
CA GLN A 19 -6.24 -19.85 -7.14
C GLN A 19 -5.30 -19.30 -6.04
N LYS A 20 -5.62 -18.07 -5.57
CA LYS A 20 -4.74 -17.25 -4.73
C LYS A 20 -4.65 -17.74 -3.28
N ARG A 21 -5.82 -18.09 -2.69
CA ARG A 21 -5.88 -18.49 -1.26
C ARG A 21 -5.28 -19.91 -1.06
N LYS A 22 -5.10 -20.65 -2.17
CA LYS A 22 -4.40 -21.95 -2.16
C LYS A 22 -2.92 -21.72 -1.76
N GLU A 23 -2.31 -20.70 -2.37
CA GLU A 23 -0.88 -20.40 -2.21
C GLU A 23 -0.62 -19.46 -0.98
N ARG A 24 -1.61 -19.42 -0.06
CA ARG A 24 -1.57 -18.58 1.16
C ARG A 24 -0.54 -19.11 2.19
N GLN A 25 0.71 -18.61 2.06
CA GLN A 25 1.84 -18.97 2.93
C GLN A 25 3.05 -18.06 2.61
N GLU A 26 4.07 -18.09 3.50
CA GLU A 26 5.34 -17.38 3.26
C GLU A 26 6.18 -18.18 2.26
N ALA A 27 6.19 -17.71 1.01
CA ALA A 27 6.81 -18.39 -0.13
C ALA A 27 7.16 -17.35 -1.20
N HIS A 28 7.12 -17.73 -2.50
CA HIS A 28 7.38 -16.82 -3.63
C HIS A 28 6.32 -15.67 -3.78
N LEU A 29 5.49 -15.42 -2.75
CA LEU A 29 4.47 -14.36 -2.75
C LEU A 29 4.99 -13.05 -2.11
N TYR A 30 6.31 -12.99 -1.86
CA TYR A 30 7.05 -11.85 -1.23
C TYR A 30 7.12 -10.55 -2.08
N MET A 31 6.14 -10.33 -2.98
CA MET A 31 6.09 -9.20 -3.94
C MET A 31 6.54 -7.86 -3.32
N GLN A 32 7.36 -7.15 -4.08
CA GLN A 32 8.02 -5.92 -3.66
C GLN A 32 7.10 -4.73 -3.90
N VAL A 33 7.03 -3.84 -2.89
CA VAL A 33 6.22 -2.64 -2.93
C VAL A 33 7.13 -1.43 -2.66
N GLN A 34 7.13 -0.50 -3.60
CA GLN A 34 7.93 0.72 -3.56
C GLN A 34 7.18 1.82 -2.79
N ILE A 35 7.59 2.07 -1.54
CA ILE A 35 6.97 3.09 -0.69
C ILE A 35 7.86 4.34 -0.66
N VAL A 36 7.24 5.52 -0.74
CA VAL A 36 7.89 6.79 -0.35
C VAL A 36 6.98 7.54 0.61
N ALA A 37 7.62 8.11 1.62
CA ALA A 37 6.99 8.95 2.64
C ALA A 37 8.08 9.80 3.27
N GLU A 38 8.11 11.10 2.92
CA GLU A 38 9.05 12.04 3.52
C GLU A 38 8.59 12.37 4.94
N ASP A 39 9.04 11.55 5.90
CA ASP A 39 8.77 11.73 7.34
C ASP A 39 9.76 12.73 7.97
N GLN A 40 10.54 13.42 7.12
CA GLN A 40 11.59 14.36 7.55
C GLN A 40 11.01 15.58 8.34
N PHE A 41 9.82 16.05 7.95
CA PHE A 41 9.14 17.18 8.62
C PHE A 41 8.45 16.73 9.93
N CYS A 42 7.70 15.62 9.85
CA CYS A 42 6.93 15.05 10.99
C CYS A 42 7.88 14.49 12.05
N GLY A 43 8.96 13.90 11.56
CA GLY A 43 10.01 13.32 12.38
C GLY A 43 11.22 14.22 12.46
N HIS A 44 12.32 13.67 13.01
CA HIS A 44 13.57 14.42 13.23
C HIS A 44 14.77 13.49 12.97
N GLN A 45 15.36 13.59 11.76
CA GLN A 45 16.65 12.95 11.46
C GLN A 45 17.82 13.77 12.07
N GLY A 46 18.83 13.05 12.59
CA GLY A 46 19.97 13.70 13.22
C GLY A 46 21.10 14.01 12.24
N ASN A 47 21.26 13.13 11.25
CA ASN A 47 22.34 13.22 10.24
C ASN A 47 21.74 13.55 8.87
N ASP A 48 22.05 14.75 8.38
CA ASP A 48 21.77 15.14 6.99
C ASP A 48 22.86 14.53 6.09
N MET A 49 22.65 13.24 5.79
CA MET A 49 23.59 12.38 5.06
C MET A 49 22.87 11.08 4.76
N TYR A 50 22.43 10.41 5.84
CA TYR A 50 21.57 9.23 5.80
C TYR A 50 20.29 9.57 6.56
N ASP A 51 19.42 10.29 5.86
CA ASP A 51 18.11 10.70 6.35
C ASP A 51 17.14 9.55 6.13
N GLU A 52 16.95 8.70 7.16
CA GLU A 52 16.11 7.48 7.08
C GLU A 52 14.62 7.82 6.83
N GLU A 53 14.28 9.08 7.11
CA GLU A 53 12.93 9.64 6.93
C GLU A 53 12.75 10.22 5.51
N LYS A 54 13.88 10.46 4.82
CA LYS A 54 13.92 11.07 3.47
C LYS A 54 14.82 10.21 2.52
N VAL A 55 14.94 8.90 2.84
CA VAL A 55 15.59 7.94 1.93
C VAL A 55 14.72 7.70 0.68
N LYS A 56 15.31 6.98 -0.28
CA LYS A 56 14.66 6.71 -1.59
C LYS A 56 13.56 5.64 -1.45
N TYR A 57 13.08 5.11 -2.58
CA TYR A 57 11.99 4.12 -2.62
C TYR A 57 12.30 2.88 -1.75
N THR A 58 11.70 2.86 -0.56
CA THR A 58 11.87 1.79 0.41
C THR A 58 11.04 0.56 -0.04
N VAL A 59 11.75 -0.50 -0.41
CA VAL A 59 11.19 -1.66 -1.08
C VAL A 59 10.94 -2.80 -0.07
N PHE A 60 9.66 -2.98 0.29
CA PHE A 60 9.23 -4.02 1.25
C PHE A 60 8.75 -5.25 0.47
N LYS A 61 9.26 -6.41 0.88
CA LYS A 61 8.95 -7.70 0.26
C LYS A 61 7.89 -8.38 1.13
N VAL A 62 6.64 -8.39 0.65
CA VAL A 62 5.46 -8.78 1.44
C VAL A 62 4.56 -9.74 0.65
N LEU A 63 3.79 -10.55 1.40
CA LEU A 63 2.81 -11.48 0.84
C LEU A 63 1.65 -10.70 0.19
N LYS A 64 1.68 -10.68 -1.16
CA LYS A 64 0.64 -10.08 -2.01
C LYS A 64 -0.75 -10.73 -1.79
N ASN A 65 -0.72 -12.03 -1.47
CA ASN A 65 -1.92 -12.84 -1.22
C ASN A 65 -2.40 -12.74 0.26
N SER A 66 -1.68 -11.95 1.07
CA SER A 66 -2.08 -11.62 2.45
C SER A 66 -2.88 -10.31 2.44
N SER A 67 -3.63 -10.06 3.52
CA SER A 67 -4.51 -8.90 3.67
C SER A 67 -3.70 -7.58 3.70
N LEU A 68 -4.38 -6.50 3.31
CA LEU A 68 -3.80 -5.15 3.20
C LEU A 68 -3.54 -4.59 4.62
N ALA A 69 -4.34 -5.06 5.61
CA ALA A 69 -4.16 -4.71 7.04
C ALA A 69 -2.73 -5.08 7.54
N GLU A 70 -2.19 -6.19 7.00
CA GLU A 70 -0.81 -6.63 7.31
C GLU A 70 0.22 -5.64 6.74
N PHE A 71 -0.02 -5.18 5.50
CA PHE A 71 0.80 -4.16 4.82
C PHE A 71 0.80 -2.82 5.61
N VAL A 72 -0.40 -2.44 6.10
CA VAL A 72 -0.62 -1.20 6.85
C VAL A 72 0.18 -1.21 8.17
N GLN A 73 -0.04 -2.25 8.99
CA GLN A 73 0.57 -2.35 10.33
C GLN A 73 2.11 -2.47 10.23
N SER A 74 2.62 -3.03 9.11
CA SER A 74 4.07 -3.06 8.83
C SER A 74 4.62 -1.62 8.68
N LEU A 75 3.88 -0.80 7.91
CA LEU A 75 4.17 0.64 7.73
C LEU A 75 3.96 1.43 9.02
N SER A 76 3.07 0.94 9.90
CA SER A 76 2.79 1.55 11.21
C SER A 76 3.98 1.34 12.15
N GLN A 77 4.65 0.18 12.02
CA GLN A 77 5.85 -0.17 12.81
C GLN A 77 7.06 0.64 12.31
N THR A 78 7.31 0.60 10.98
CA THR A 78 8.55 1.13 10.37
C THR A 78 8.54 2.68 10.29
N MET A 79 7.38 3.29 9.96
CA MET A 79 7.30 4.76 9.76
C MET A 79 6.84 5.48 11.04
N GLY A 80 6.20 4.72 11.95
CA GLY A 80 5.66 5.28 13.20
C GLY A 80 4.30 5.94 13.02
N PHE A 81 3.68 5.76 11.83
CA PHE A 81 2.34 6.30 11.51
C PHE A 81 1.25 5.42 12.16
N PRO A 82 0.17 6.03 12.76
CA PRO A 82 -0.97 5.27 13.29
C PRO A 82 -1.71 4.51 12.17
N GLN A 83 -1.87 3.18 12.37
CA GLN A 83 -2.36 2.25 11.31
C GLN A 83 -3.77 2.57 10.81
N ASP A 84 -4.60 3.20 11.66
CA ASP A 84 -5.97 3.60 11.29
C ASP A 84 -5.96 4.75 10.26
N GLN A 85 -4.92 5.62 10.34
CA GLN A 85 -4.79 6.81 9.49
C GLN A 85 -4.06 6.51 8.18
N ILE A 86 -3.36 5.35 8.08
CA ILE A 86 -2.53 5.01 6.90
C ILE A 86 -3.38 4.98 5.60
N ARG A 87 -3.32 6.09 4.86
CA ARG A 87 -3.95 6.26 3.55
C ARG A 87 -2.94 5.99 2.43
N LEU A 88 -3.33 5.11 1.51
CA LEU A 88 -2.51 4.68 0.37
C LEU A 88 -2.90 5.50 -0.87
N TRP A 89 -1.92 5.86 -1.71
CA TRP A 89 -2.15 6.62 -2.96
C TRP A 89 -1.37 5.93 -4.09
N PRO A 90 -2.04 5.28 -5.10
CA PRO A 90 -1.31 4.55 -6.17
C PRO A 90 -0.61 5.52 -7.13
N MET A 91 0.48 5.07 -7.78
CA MET A 91 1.21 5.88 -8.77
C MET A 91 0.29 6.25 -9.97
N GLN A 92 -0.37 7.40 -9.84
CA GLN A 92 -1.16 8.02 -10.92
C GLN A 92 -0.39 9.26 -11.38
N ALA A 93 0.40 9.08 -12.46
CA ALA A 93 1.21 10.15 -13.06
C ALA A 93 0.28 11.20 -13.69
N ARG A 94 -0.18 12.14 -12.83
CA ARG A 94 -1.20 13.15 -13.20
C ARG A 94 -0.72 14.06 -14.36
N SER A 95 -1.11 13.67 -15.57
CA SER A 95 -0.72 14.34 -16.80
C SER A 95 -1.69 15.50 -17.13
N ASN A 96 -1.15 16.54 -17.79
CA ASN A 96 -1.93 17.70 -18.27
C ASN A 96 -2.97 17.25 -19.32
N GLY A 97 -4.24 17.28 -18.92
CA GLY A 97 -5.35 16.85 -19.78
C GLY A 97 -6.54 16.40 -18.94
N THR A 98 -6.28 15.46 -18.02
CA THR A 98 -7.28 14.93 -17.07
C THR A 98 -6.59 14.14 -15.95
N LYS A 99 -7.31 13.99 -14.83
CA LYS A 99 -6.90 13.16 -13.67
C LYS A 99 -8.09 13.01 -12.72
N ARG A 100 -8.00 12.01 -11.83
CA ARG A 100 -8.87 11.88 -10.66
C ARG A 100 -8.12 10.98 -9.64
N PRO A 101 -7.14 11.56 -8.87
CA PRO A 101 -6.41 10.82 -7.84
C PRO A 101 -7.20 10.77 -6.51
N ALA A 102 -7.17 9.60 -5.86
CA ALA A 102 -7.88 9.35 -4.60
C ALA A 102 -7.10 8.35 -3.77
N MET A 103 -7.25 8.42 -2.43
CA MET A 103 -6.71 7.41 -1.54
C MET A 103 -7.57 6.12 -1.66
N LEU A 104 -6.95 4.97 -1.38
CA LEU A 104 -7.67 3.68 -1.41
C LEU A 104 -8.73 3.63 -0.28
N ASP A 105 -9.83 2.92 -0.56
CA ASP A 105 -10.96 2.74 0.36
C ASP A 105 -10.48 1.99 1.59
N ASN A 106 -10.38 2.69 2.74
CA ASN A 106 -9.80 2.14 3.99
C ASN A 106 -10.49 0.82 4.43
N GLU A 107 -11.78 0.71 4.12
CA GLU A 107 -12.59 -0.49 4.42
C GLU A 107 -12.32 -1.64 3.43
N ALA A 108 -12.54 -1.41 2.12
CA ALA A 108 -12.29 -2.45 1.09
C ALA A 108 -10.81 -2.81 1.11
N ASP A 109 -10.03 -1.79 0.81
CA ASP A 109 -8.58 -1.83 0.61
C ASP A 109 -7.85 -1.67 1.95
N GLY A 110 -8.44 -2.24 3.02
CA GLY A 110 -7.76 -2.42 4.30
C GLY A 110 -8.09 -3.77 4.92
N ASN A 111 -9.09 -4.49 4.37
CA ASN A 111 -9.55 -5.78 4.90
C ASN A 111 -9.16 -6.96 3.97
N LYS A 112 -9.16 -6.74 2.65
CA LYS A 112 -8.91 -7.83 1.66
C LYS A 112 -7.42 -7.89 1.27
N THR A 113 -7.08 -8.85 0.38
CA THR A 113 -5.67 -9.11 -0.02
C THR A 113 -5.14 -7.99 -0.93
N MET A 114 -3.83 -7.67 -0.80
CA MET A 114 -3.19 -6.56 -1.54
C MET A 114 -2.87 -6.93 -3.00
N ILE A 115 -3.20 -8.18 -3.40
CA ILE A 115 -3.06 -8.66 -4.79
C ILE A 115 -4.11 -8.01 -5.70
N GLU A 116 -5.25 -7.69 -5.09
CA GLU A 116 -6.40 -7.11 -5.78
C GLU A 116 -6.10 -5.65 -6.21
N LEU A 117 -5.20 -5.03 -5.44
CA LEU A 117 -4.76 -3.64 -5.64
C LEU A 117 -3.54 -3.56 -6.58
N SER A 118 -2.57 -4.48 -6.39
CA SER A 118 -1.35 -4.52 -7.21
C SER A 118 -1.64 -5.09 -8.61
N ASP A 119 -2.63 -6.00 -8.68
CA ASP A 119 -2.97 -6.76 -9.90
C ASP A 119 -1.73 -7.57 -10.39
N ASN A 120 -1.00 -8.14 -9.39
CA ASN A 120 0.19 -8.99 -9.57
C ASN A 120 1.42 -8.22 -10.08
N GLU A 121 1.35 -6.87 -10.17
CA GLU A 121 2.48 -6.06 -10.71
C GLU A 121 3.60 -5.93 -9.66
N ASN A 122 4.84 -5.74 -10.15
CA ASN A 122 6.03 -5.73 -9.29
C ASN A 122 7.16 -4.92 -9.96
N PRO A 123 7.80 -3.93 -9.26
CA PRO A 123 7.39 -3.45 -7.91
C PRO A 123 6.22 -2.44 -7.99
N TRP A 124 5.22 -2.59 -7.11
CA TRP A 124 4.05 -1.69 -7.09
C TRP A 124 4.39 -0.40 -6.31
N THR A 125 4.41 0.73 -7.03
CA THR A 125 4.75 2.04 -6.46
C THR A 125 3.52 2.69 -5.82
N ILE A 126 3.65 3.12 -4.56
CA ILE A 126 2.57 3.75 -3.81
C ILE A 126 3.15 4.80 -2.83
N PHE A 127 2.35 5.83 -2.54
CA PHE A 127 2.71 6.91 -1.59
C PHE A 127 2.00 6.63 -0.27
N LEU A 128 2.70 6.84 0.85
CA LEU A 128 2.13 6.71 2.19
C LEU A 128 1.65 8.11 2.64
N GLU A 129 0.45 8.15 3.24
CA GLU A 129 -0.13 9.34 3.87
C GLU A 129 -0.68 8.97 5.26
N THR A 130 -0.71 9.94 6.19
CA THR A 130 -1.35 9.77 7.51
C THR A 130 -2.82 10.31 7.45
N PRO A 3 -22.50 3.86 -0.83
CA PRO A 3 -22.19 2.70 0.04
C PRO A 3 -22.12 1.38 -0.76
N GLN A 4 -23.04 1.20 -1.74
CA GLN A 4 -23.16 -0.07 -2.47
C GLN A 4 -21.91 -0.30 -3.30
N GLN A 5 -21.57 0.73 -4.12
CA GLN A 5 -20.38 0.73 -4.99
C GLN A 5 -19.08 0.40 -4.22
N LEU A 6 -19.02 0.79 -2.94
CA LEU A 6 -17.84 0.60 -2.08
C LEU A 6 -17.59 -0.89 -1.80
N VAL A 7 -18.66 -1.65 -1.48
CA VAL A 7 -18.56 -3.09 -1.22
C VAL A 7 -18.57 -3.92 -2.52
N GLU A 8 -19.26 -3.40 -3.57
CA GLU A 8 -19.38 -4.08 -4.87
C GLU A 8 -18.05 -4.08 -5.62
N ARG A 9 -17.31 -2.96 -5.53
CA ARG A 9 -15.97 -2.83 -6.14
C ARG A 9 -14.97 -3.74 -5.41
N LEU A 10 -15.16 -3.88 -4.07
CA LEU A 10 -14.37 -4.78 -3.21
C LEU A 10 -14.53 -6.22 -3.72
N GLN A 11 -15.77 -6.58 -4.11
CA GLN A 11 -16.10 -7.91 -4.63
C GLN A 11 -15.55 -8.11 -6.05
N GLU A 12 -15.61 -7.06 -6.88
CA GLU A 12 -15.02 -7.05 -8.24
C GLU A 12 -13.49 -7.22 -8.19
N GLU A 13 -12.90 -6.85 -7.05
CA GLU A 13 -11.47 -7.07 -6.77
C GLU A 13 -11.23 -8.47 -6.16
N LYS A 14 -12.10 -8.90 -5.22
CA LYS A 14 -11.87 -10.13 -4.40
C LYS A 14 -11.92 -11.41 -5.26
N ARG A 15 -12.65 -11.34 -6.39
CA ARG A 15 -12.93 -12.49 -7.27
C ARG A 15 -11.66 -13.09 -7.91
N ILE A 16 -10.50 -12.39 -7.79
CA ILE A 16 -9.19 -12.90 -8.29
C ILE A 16 -8.78 -14.20 -7.55
N GLU A 17 -9.30 -14.37 -6.30
CA GLU A 17 -9.00 -15.50 -5.41
C GLU A 17 -9.41 -16.85 -6.03
N ALA A 18 -10.36 -16.80 -6.99
CA ALA A 18 -10.85 -17.99 -7.71
C ALA A 18 -9.69 -18.75 -8.41
N GLN A 19 -8.57 -18.05 -8.67
CA GLN A 19 -7.35 -18.65 -9.26
C GLN A 19 -6.10 -18.35 -8.39
N LYS A 20 -5.98 -17.10 -7.91
CA LYS A 20 -4.78 -16.58 -7.21
C LYS A 20 -4.61 -17.16 -5.79
N ARG A 21 -5.73 -17.53 -5.14
CA ARG A 21 -5.72 -18.10 -3.77
C ARG A 21 -5.23 -19.58 -3.77
N LYS A 22 -4.87 -20.09 -4.99
CA LYS A 22 -4.16 -21.37 -5.15
C LYS A 22 -2.95 -21.45 -4.22
N GLU A 23 -2.04 -20.47 -4.40
CA GLU A 23 -0.84 -20.33 -3.59
C GLU A 23 -1.17 -19.49 -2.36
N ARG A 24 -1.45 -20.19 -1.26
CA ARG A 24 -1.91 -19.62 0.01
C ARG A 24 -0.84 -19.85 1.09
N GLN A 25 0.44 -19.76 0.68
CA GLN A 25 1.60 -19.98 1.57
C GLN A 25 2.72 -18.98 1.26
N GLU A 26 3.80 -19.08 2.06
CA GLU A 26 5.06 -18.36 1.82
C GLU A 26 5.78 -18.99 0.60
N ALA A 27 5.82 -18.23 -0.50
CA ALA A 27 6.53 -18.60 -1.74
C ALA A 27 6.86 -17.31 -2.51
N HIS A 28 7.00 -17.39 -3.85
CA HIS A 28 7.35 -16.22 -4.72
C HIS A 28 6.31 -15.05 -4.69
N LEU A 29 5.27 -15.16 -3.84
CA LEU A 29 4.23 -14.13 -3.67
C LEU A 29 4.73 -12.90 -2.85
N TYR A 30 6.04 -12.87 -2.53
CA TYR A 30 6.77 -11.81 -1.77
C TYR A 30 6.81 -10.39 -2.42
N MET A 31 5.83 -10.04 -3.31
CA MET A 31 5.83 -8.79 -4.13
C MET A 31 6.45 -7.57 -3.40
N GLN A 32 7.44 -6.95 -4.03
CA GLN A 32 8.22 -5.86 -3.43
C GLN A 32 7.47 -4.56 -3.64
N VAL A 33 6.90 -4.02 -2.56
CA VAL A 33 6.12 -2.80 -2.63
C VAL A 33 7.06 -1.60 -2.33
N GLN A 34 7.14 -0.71 -3.32
CA GLN A 34 7.94 0.51 -3.28
C GLN A 34 7.18 1.60 -2.54
N ILE A 35 7.67 1.96 -1.34
CA ILE A 35 7.01 2.96 -0.49
C ILE A 35 7.94 4.17 -0.32
N VAL A 36 7.34 5.37 -0.36
CA VAL A 36 8.01 6.62 0.03
C VAL A 36 7.09 7.42 0.97
N ALA A 37 7.68 7.99 2.03
CA ALA A 37 7.00 8.89 2.96
C ALA A 37 7.96 10.04 3.29
N GLU A 38 7.85 11.12 2.51
CA GLU A 38 8.68 12.32 2.67
C GLU A 38 8.16 13.14 3.87
N ASP A 39 8.62 12.74 5.06
CA ASP A 39 8.31 13.38 6.35
C ASP A 39 9.10 14.71 6.53
N GLN A 40 9.88 15.10 5.50
CA GLN A 40 10.58 16.39 5.43
C GLN A 40 9.62 17.57 5.74
N PHE A 41 8.42 17.53 5.13
CA PHE A 41 7.41 18.60 5.23
C PHE A 41 6.47 18.41 6.45
N CYS A 42 6.77 17.43 7.33
CA CYS A 42 5.99 17.15 8.54
C CYS A 42 6.89 17.27 9.78
N GLY A 43 7.90 16.37 9.87
CA GLY A 43 8.91 16.43 10.93
C GLY A 43 10.06 17.37 10.60
N HIS A 44 11.07 17.38 11.48
CA HIS A 44 12.27 18.23 11.36
C HIS A 44 13.33 17.49 10.51
N GLN A 45 14.20 18.26 9.83
CA GLN A 45 15.35 17.72 9.08
C GLN A 45 16.32 17.00 10.03
N GLY A 46 16.66 15.73 9.70
CA GLY A 46 17.64 14.98 10.47
C GLY A 46 19.08 15.34 10.08
N ASN A 47 19.89 14.33 9.73
CA ASN A 47 21.29 14.50 9.30
C ASN A 47 21.46 13.92 7.89
N ASP A 48 22.05 14.72 6.98
CA ASP A 48 22.18 14.40 5.54
C ASP A 48 23.15 13.23 5.31
N MET A 49 22.63 12.01 5.44
CA MET A 49 23.39 10.75 5.28
C MET A 49 22.41 9.58 5.23
N TYR A 50 21.43 9.59 6.17
CA TYR A 50 20.32 8.62 6.20
C TYR A 50 19.09 9.33 6.78
N ASP A 51 18.55 10.27 6.00
CA ASP A 51 17.35 11.05 6.36
C ASP A 51 16.13 10.16 6.19
N GLU A 52 15.62 9.60 7.29
CA GLU A 52 14.42 8.74 7.30
C GLU A 52 13.14 9.57 7.02
N GLU A 53 13.33 10.90 7.02
CA GLU A 53 12.31 11.90 6.66
C GLU A 53 12.28 12.07 5.13
N LYS A 54 13.35 11.64 4.46
CA LYS A 54 13.60 11.95 3.04
C LYS A 54 14.14 10.70 2.28
N VAL A 55 14.05 9.50 2.91
CA VAL A 55 14.55 8.24 2.29
C VAL A 55 13.79 7.90 1.00
N LYS A 56 14.45 7.09 0.17
CA LYS A 56 13.99 6.73 -1.16
C LYS A 56 13.04 5.51 -1.06
N TYR A 57 12.71 4.92 -2.22
CA TYR A 57 11.79 3.78 -2.31
C TYR A 57 12.26 2.58 -1.47
N THR A 58 11.65 2.47 -0.27
CA THR A 58 11.89 1.37 0.65
C THR A 58 11.14 0.12 0.16
N VAL A 59 11.91 -0.97 0.01
CA VAL A 59 11.45 -2.24 -0.56
C VAL A 59 10.96 -3.17 0.56
N PHE A 60 9.63 -3.36 0.64
CA PHE A 60 9.02 -4.31 1.57
C PHE A 60 8.49 -5.51 0.78
N LYS A 61 9.18 -6.65 0.89
CA LYS A 61 8.73 -7.91 0.27
C LYS A 61 7.56 -8.47 1.10
N VAL A 62 6.35 -8.45 0.50
CA VAL A 62 5.12 -8.82 1.20
C VAL A 62 4.30 -9.79 0.35
N LEU A 63 3.56 -10.68 1.05
CA LEU A 63 2.76 -11.72 0.40
C LEU A 63 1.46 -11.09 -0.14
N LYS A 64 1.32 -11.12 -1.48
CA LYS A 64 0.15 -10.61 -2.21
C LYS A 64 -1.13 -11.39 -1.86
N ASN A 65 -0.95 -12.65 -1.43
CA ASN A 65 -2.06 -13.54 -0.98
C ASN A 65 -2.53 -13.18 0.45
N SER A 66 -1.74 -12.37 1.17
CA SER A 66 -2.05 -11.88 2.52
C SER A 66 -2.79 -10.53 2.43
N SER A 67 -3.46 -10.14 3.54
CA SER A 67 -4.30 -8.94 3.59
C SER A 67 -3.45 -7.67 3.72
N LEU A 68 -4.06 -6.53 3.33
CA LEU A 68 -3.43 -5.21 3.35
C LEU A 68 -3.22 -4.75 4.81
N ALA A 69 -4.07 -5.25 5.74
CA ALA A 69 -3.98 -4.97 7.19
C ALA A 69 -2.61 -5.40 7.78
N GLU A 70 -2.06 -6.50 7.22
CA GLU A 70 -0.74 -7.02 7.61
C GLU A 70 0.37 -6.05 7.17
N PHE A 71 0.18 -5.47 5.98
CA PHE A 71 1.08 -4.47 5.42
C PHE A 71 1.02 -3.13 6.23
N VAL A 72 -0.21 -2.74 6.63
CA VAL A 72 -0.46 -1.49 7.39
C VAL A 72 0.26 -1.51 8.75
N GLN A 73 0.06 -2.61 9.50
CA GLN A 73 0.67 -2.76 10.85
C GLN A 73 2.21 -2.77 10.77
N SER A 74 2.75 -3.41 9.71
CA SER A 74 4.20 -3.44 9.43
C SER A 74 4.75 -2.02 9.16
N LEU A 75 4.01 -1.28 8.32
CA LEU A 75 4.39 0.08 7.89
C LEU A 75 4.27 1.08 9.07
N SER A 76 3.35 0.77 10.00
CA SER A 76 3.09 1.59 11.19
C SER A 76 4.26 1.53 12.18
N GLN A 77 4.90 0.36 12.27
CA GLN A 77 6.06 0.15 13.15
C GLN A 77 7.35 0.74 12.57
N THR A 78 7.52 0.66 11.22
CA THR A 78 8.78 1.04 10.56
C THR A 78 8.92 2.58 10.38
N MET A 79 7.80 3.29 10.09
CA MET A 79 7.83 4.76 9.86
C MET A 79 7.18 5.54 11.03
N GLY A 80 6.46 4.81 11.91
CA GLY A 80 5.76 5.43 13.03
C GLY A 80 4.45 6.12 12.63
N PHE A 81 4.00 5.91 11.38
CA PHE A 81 2.71 6.43 10.88
C PHE A 81 1.59 5.62 11.53
N PRO A 82 0.53 6.30 12.10
CA PRO A 82 -0.57 5.58 12.76
C PRO A 82 -1.32 4.67 11.79
N GLN A 83 -1.45 3.38 12.16
CA GLN A 83 -2.13 2.35 11.35
C GLN A 83 -3.62 2.69 11.12
N ASP A 84 -4.15 3.56 11.98
CA ASP A 84 -5.51 4.13 11.86
C ASP A 84 -5.61 5.09 10.64
N GLN A 85 -4.48 5.74 10.30
CA GLN A 85 -4.42 6.77 9.23
C GLN A 85 -3.52 6.35 8.05
N ILE A 86 -2.97 5.12 8.03
CA ILE A 86 -2.16 4.65 6.88
C ILE A 86 -3.06 4.51 5.63
N ARG A 87 -3.04 5.56 4.79
CA ARG A 87 -3.78 5.62 3.53
C ARG A 87 -2.78 5.53 2.37
N LEU A 88 -3.03 4.56 1.49
CA LEU A 88 -2.14 4.24 0.38
C LEU A 88 -2.55 5.01 -0.89
N TRP A 89 -1.60 5.65 -1.56
CA TRP A 89 -1.83 6.37 -2.83
C TRP A 89 -0.97 5.73 -3.93
N PRO A 90 -1.59 5.01 -4.93
CA PRO A 90 -0.82 4.32 -5.99
C PRO A 90 -0.13 5.32 -6.95
N MET A 91 0.92 4.86 -7.67
CA MET A 91 1.56 5.65 -8.74
C MET A 91 0.54 5.93 -9.88
N GLN A 92 -0.24 6.98 -9.67
CA GLN A 92 -1.28 7.44 -10.59
C GLN A 92 -0.78 8.77 -11.16
N ALA A 93 -0.43 8.78 -12.45
CA ALA A 93 0.15 9.96 -13.13
C ALA A 93 -0.89 11.09 -13.27
N ARG A 94 -1.05 11.86 -12.19
CA ARG A 94 -1.92 13.05 -12.15
C ARG A 94 -1.07 14.28 -12.48
N SER A 95 -1.49 15.04 -13.49
CA SER A 95 -0.69 16.14 -14.06
C SER A 95 -1.63 17.21 -14.66
N ASN A 96 -1.04 18.14 -15.44
CA ASN A 96 -1.78 19.21 -16.15
C ASN A 96 -2.86 18.57 -17.05
N GLY A 97 -4.13 18.74 -16.66
CA GLY A 97 -5.26 18.08 -17.31
C GLY A 97 -6.04 17.25 -16.31
N THR A 98 -5.63 15.98 -16.13
CA THR A 98 -6.26 15.08 -15.15
C THR A 98 -5.51 15.16 -13.82
N LYS A 99 -5.78 16.24 -13.07
CA LYS A 99 -5.26 16.44 -11.72
C LYS A 99 -6.39 16.12 -10.73
N ARG A 100 -6.62 14.82 -10.55
CA ARG A 100 -7.61 14.30 -9.60
C ARG A 100 -7.10 12.94 -9.06
N PRO A 101 -6.12 12.97 -8.10
CA PRO A 101 -5.62 11.76 -7.43
C PRO A 101 -6.48 11.36 -6.22
N ALA A 102 -6.38 10.08 -5.81
CA ALA A 102 -7.11 9.54 -4.65
C ALA A 102 -6.32 8.40 -4.00
N MET A 103 -6.62 8.16 -2.71
CA MET A 103 -6.13 6.99 -1.97
C MET A 103 -6.98 5.77 -2.32
N LEU A 104 -6.58 4.58 -1.82
CA LEU A 104 -7.41 3.38 -1.89
C LEU A 104 -8.58 3.51 -0.92
N ASP A 105 -9.67 2.82 -1.26
CA ASP A 105 -10.90 2.79 -0.44
C ASP A 105 -10.55 2.16 0.90
N ASN A 106 -10.52 2.96 1.98
CA ASN A 106 -9.98 2.51 3.30
C ASN A 106 -10.86 1.40 3.94
N GLU A 107 -12.11 1.32 3.46
CA GLU A 107 -13.05 0.23 3.82
C GLU A 107 -12.75 -1.04 3.00
N ALA A 108 -12.25 -0.88 1.76
CA ALA A 108 -11.96 -2.01 0.87
C ALA A 108 -10.59 -2.62 1.18
N ASP A 109 -9.55 -1.77 1.15
CA ASP A 109 -8.14 -2.21 1.01
C ASP A 109 -7.70 -3.11 2.18
N GLY A 110 -7.89 -2.63 3.41
CA GLY A 110 -7.38 -3.29 4.62
C GLY A 110 -8.09 -4.61 4.93
N ASN A 111 -9.29 -4.79 4.36
CA ASN A 111 -10.20 -5.91 4.70
C ASN A 111 -10.03 -7.10 3.73
N LYS A 112 -9.18 -6.93 2.70
CA LYS A 112 -8.88 -8.00 1.72
C LYS A 112 -7.39 -7.98 1.33
N THR A 113 -7.02 -8.82 0.34
CA THR A 113 -5.62 -9.03 -0.05
C THR A 113 -5.08 -7.87 -0.90
N MET A 114 -3.75 -7.68 -0.88
CA MET A 114 -3.09 -6.56 -1.58
C MET A 114 -2.78 -6.87 -3.05
N ILE A 115 -3.06 -8.13 -3.49
CA ILE A 115 -2.94 -8.53 -4.91
C ILE A 115 -3.98 -7.79 -5.77
N GLU A 116 -5.13 -7.52 -5.15
CA GLU A 116 -6.28 -6.89 -5.80
C GLU A 116 -5.94 -5.44 -6.14
N LEU A 117 -5.30 -4.77 -5.17
CA LEU A 117 -4.91 -3.36 -5.24
C LEU A 117 -3.75 -3.14 -6.20
N SER A 118 -2.75 -4.05 -6.14
CA SER A 118 -1.58 -4.01 -7.04
C SER A 118 -1.99 -4.27 -8.49
N ASP A 119 -3.12 -5.02 -8.66
CA ASP A 119 -3.64 -5.43 -9.98
C ASP A 119 -2.61 -6.36 -10.64
N ASN A 120 -2.02 -7.23 -9.78
CA ASN A 120 -1.10 -8.32 -10.19
C ASN A 120 0.25 -7.78 -10.72
N GLU A 121 0.72 -6.64 -10.17
CA GLU A 121 2.04 -6.07 -10.57
C GLU A 121 3.00 -5.98 -9.36
N ASN A 122 4.31 -6.08 -9.68
CA ASN A 122 5.41 -5.93 -8.72
C ASN A 122 6.71 -5.60 -9.50
N PRO A 123 7.61 -4.66 -9.02
CA PRO A 123 7.47 -3.95 -7.73
C PRO A 123 6.43 -2.81 -7.78
N TRP A 124 5.50 -2.82 -6.79
CA TRP A 124 4.32 -1.92 -6.79
C TRP A 124 4.63 -0.60 -6.07
N THR A 125 4.70 0.49 -6.84
CA THR A 125 5.02 1.84 -6.35
C THR A 125 3.80 2.51 -5.69
N ILE A 126 4.05 3.13 -4.52
CA ILE A 126 3.00 3.78 -3.71
C ILE A 126 3.63 4.89 -2.83
N PHE A 127 2.80 5.89 -2.49
CA PHE A 127 3.11 6.96 -1.53
C PHE A 127 2.30 6.71 -0.25
N LEU A 128 2.94 6.95 0.92
CA LEU A 128 2.30 6.78 2.24
C LEU A 128 1.68 8.12 2.67
N GLU A 129 0.39 8.10 2.99
CA GLU A 129 -0.36 9.26 3.49
C GLU A 129 -0.80 9.01 4.94
N THR A 130 -0.98 10.11 5.68
CA THR A 130 -1.53 10.10 7.04
C THR A 130 -2.96 10.69 6.95
N PRO A 3 -22.85 3.16 0.00
CA PRO A 3 -23.24 1.87 0.62
C PRO A 3 -22.75 0.68 -0.23
N GLN A 4 -23.54 0.32 -1.26
CA GLN A 4 -23.38 -0.97 -1.99
C GLN A 4 -22.17 -1.01 -2.93
N GLN A 5 -21.50 0.15 -3.10
CA GLN A 5 -20.26 0.27 -3.90
C GLN A 5 -19.15 -0.64 -3.36
N LEU A 6 -18.91 -0.51 -2.05
CA LEU A 6 -17.73 -1.08 -1.37
C LEU A 6 -17.75 -2.61 -1.34
N VAL A 7 -18.96 -3.20 -1.30
CA VAL A 7 -19.14 -4.67 -1.38
C VAL A 7 -19.11 -5.14 -2.85
N GLU A 8 -19.61 -4.31 -3.79
CA GLU A 8 -19.70 -4.66 -5.22
C GLU A 8 -18.31 -4.80 -5.86
N ARG A 9 -17.50 -3.73 -5.73
CA ARG A 9 -16.09 -3.71 -6.19
C ARG A 9 -15.28 -4.84 -5.52
N LEU A 10 -15.60 -5.13 -4.25
CA LEU A 10 -14.85 -6.07 -3.42
C LEU A 10 -14.94 -7.47 -4.02
N GLN A 11 -16.15 -7.86 -4.46
CA GLN A 11 -16.42 -9.17 -5.10
C GLN A 11 -15.56 -9.37 -6.36
N GLU A 12 -15.48 -8.31 -7.18
CA GLU A 12 -14.76 -8.31 -8.46
C GLU A 12 -13.23 -8.42 -8.24
N GLU A 13 -12.76 -7.99 -7.07
CA GLU A 13 -11.34 -8.09 -6.71
C GLU A 13 -11.05 -9.45 -6.06
N LYS A 14 -11.67 -9.70 -4.89
CA LYS A 14 -11.41 -10.88 -4.02
C LYS A 14 -11.70 -12.23 -4.70
N ARG A 15 -12.41 -12.21 -5.84
CA ARG A 15 -12.64 -13.42 -6.67
C ARG A 15 -11.32 -14.14 -7.02
N ILE A 16 -10.17 -13.40 -7.08
CA ILE A 16 -8.84 -13.96 -7.45
C ILE A 16 -8.40 -15.05 -6.45
N GLU A 17 -8.86 -14.91 -5.17
CA GLU A 17 -8.50 -15.81 -4.04
C GLU A 17 -8.88 -17.28 -4.31
N ALA A 18 -9.91 -17.49 -5.14
CA ALA A 18 -10.37 -18.83 -5.54
C ALA A 18 -9.27 -19.60 -6.34
N GLN A 19 -8.30 -18.85 -6.92
CA GLN A 19 -7.14 -19.40 -7.66
C GLN A 19 -5.79 -18.91 -7.05
N LYS A 20 -5.84 -17.88 -6.19
CA LYS A 20 -4.64 -17.24 -5.58
C LYS A 20 -4.21 -17.97 -4.30
N ARG A 21 -5.22 -18.23 -3.45
CA ARG A 21 -5.03 -18.69 -2.06
C ARG A 21 -4.71 -20.21 -1.98
N LYS A 22 -4.42 -20.85 -3.12
CA LYS A 22 -3.77 -22.18 -3.15
C LYS A 22 -2.29 -22.02 -2.79
N GLU A 23 -2.01 -22.10 -1.48
CA GLU A 23 -0.66 -22.02 -0.91
C GLU A 23 -0.65 -22.79 0.44
N ARG A 24 0.29 -22.45 1.35
CA ARG A 24 0.43 -23.15 2.63
C ARG A 24 0.91 -22.16 3.72
N GLN A 25 2.20 -21.83 3.67
CA GLN A 25 2.81 -20.76 4.49
C GLN A 25 3.40 -19.71 3.51
N GLU A 26 4.42 -18.95 3.96
CA GLU A 26 5.14 -18.00 3.10
C GLU A 26 5.83 -18.72 1.93
N ALA A 27 5.75 -18.13 0.73
CA ALA A 27 6.25 -18.74 -0.53
C ALA A 27 6.63 -17.60 -1.52
N HIS A 28 6.63 -17.87 -2.85
CA HIS A 28 7.11 -16.90 -3.89
C HIS A 28 6.26 -15.60 -3.97
N LEU A 29 5.19 -15.51 -3.16
CA LEU A 29 4.22 -14.39 -3.20
C LEU A 29 4.79 -13.09 -2.56
N TYR A 30 6.09 -13.10 -2.20
CA TYR A 30 6.89 -12.00 -1.61
C TYR A 30 7.01 -10.68 -2.44
N MET A 31 6.01 -10.35 -3.32
CA MET A 31 6.02 -9.19 -4.26
C MET A 31 6.67 -7.94 -3.64
N GLN A 32 7.49 -7.25 -4.43
CA GLN A 32 8.20 -6.08 -3.97
C GLN A 32 7.26 -4.87 -4.10
N VAL A 33 7.32 -3.96 -3.13
CA VAL A 33 6.47 -2.76 -3.12
C VAL A 33 7.35 -1.55 -2.78
N GLN A 34 7.43 -0.61 -3.72
CA GLN A 34 8.23 0.61 -3.61
C GLN A 34 7.43 1.67 -2.87
N ILE A 35 7.85 1.96 -1.64
CA ILE A 35 7.19 2.92 -0.76
C ILE A 35 8.10 4.14 -0.59
N VAL A 36 7.49 5.33 -0.53
CA VAL A 36 8.18 6.57 -0.14
C VAL A 36 7.29 7.39 0.78
N ALA A 37 7.91 7.99 1.80
CA ALA A 37 7.31 9.01 2.68
C ALA A 37 8.05 10.34 2.43
N GLU A 38 7.46 11.46 2.87
CA GLU A 38 8.02 12.80 2.65
C GLU A 38 8.06 13.58 3.98
N ASP A 39 9.28 13.83 4.45
CA ASP A 39 9.58 14.64 5.64
C ASP A 39 8.95 16.06 5.60
N GLN A 40 8.99 16.70 4.42
CA GLN A 40 8.65 18.14 4.24
C GLN A 40 7.19 18.47 4.59
N PHE A 41 6.26 17.86 3.86
CA PHE A 41 4.80 18.14 4.01
C PHE A 41 4.28 17.62 5.37
N CYS A 42 4.88 16.50 5.83
CA CYS A 42 4.48 15.81 7.07
C CYS A 42 5.02 16.52 8.32
N GLY A 43 6.08 17.32 8.13
CA GLY A 43 6.69 18.08 9.22
C GLY A 43 7.80 18.99 8.71
N HIS A 44 9.06 18.56 8.88
CA HIS A 44 10.27 19.32 8.48
C HIS A 44 11.36 18.37 7.94
N GLN A 45 12.55 18.91 7.60
CA GLN A 45 13.70 18.09 7.16
C GLN A 45 14.05 17.04 8.24
N GLY A 46 14.28 15.78 7.79
CA GLY A 46 14.41 14.61 8.67
C GLY A 46 15.39 14.80 9.83
N ASN A 47 16.71 14.65 9.56
CA ASN A 47 17.77 14.81 10.57
C ASN A 47 18.97 15.51 9.90
N ASP A 48 19.60 14.77 8.97
CA ASP A 48 20.81 15.21 8.26
C ASP A 48 21.27 14.12 7.27
N MET A 49 21.28 12.85 7.74
CA MET A 49 21.80 11.70 6.97
C MET A 49 20.70 10.62 6.80
N TYR A 50 20.58 9.70 7.78
CA TYR A 50 19.60 8.59 7.70
C TYR A 50 18.25 9.11 8.23
N ASP A 51 17.39 9.56 7.30
CA ASP A 51 16.11 10.17 7.63
C ASP A 51 14.98 9.21 7.23
N GLU A 52 14.37 8.53 8.22
CA GLU A 52 13.31 7.52 7.99
C GLU A 52 12.01 8.17 7.48
N GLU A 53 11.91 9.50 7.64
CA GLU A 53 10.84 10.31 7.05
C GLU A 53 11.01 10.42 5.52
N LYS A 54 12.27 10.39 5.07
CA LYS A 54 12.63 10.68 3.67
C LYS A 54 13.70 9.68 3.17
N VAL A 55 13.63 8.43 3.64
CA VAL A 55 14.50 7.34 3.13
C VAL A 55 14.21 7.07 1.65
N LYS A 56 15.27 6.65 0.93
CA LYS A 56 15.20 6.34 -0.50
C LYS A 56 14.25 5.14 -0.73
N TYR A 57 13.76 4.98 -1.99
CA TYR A 57 12.65 4.04 -2.35
C TYR A 57 12.75 2.68 -1.62
N THR A 58 12.04 2.58 -0.48
CA THR A 58 12.09 1.42 0.40
C THR A 58 11.29 0.28 -0.23
N VAL A 59 11.98 -0.83 -0.51
CA VAL A 59 11.41 -1.95 -1.25
C VAL A 59 11.13 -3.11 -0.27
N PHE A 60 9.86 -3.21 0.13
CA PHE A 60 9.39 -4.28 1.03
C PHE A 60 8.90 -5.46 0.20
N LYS A 61 9.56 -6.61 0.38
CA LYS A 61 9.12 -7.88 -0.20
C LYS A 61 8.07 -8.45 0.74
N VAL A 62 6.81 -8.42 0.29
CA VAL A 62 5.63 -8.74 1.11
C VAL A 62 4.71 -9.70 0.35
N LEU A 63 4.00 -10.53 1.11
CA LEU A 63 3.09 -11.54 0.56
C LEU A 63 1.81 -10.87 0.02
N LYS A 64 1.60 -11.02 -1.31
CA LYS A 64 0.41 -10.50 -2.01
C LYS A 64 -0.86 -11.25 -1.57
N ASN A 65 -0.69 -12.53 -1.22
CA ASN A 65 -1.75 -13.40 -0.68
C ASN A 65 -2.06 -13.08 0.81
N SER A 66 -1.23 -12.23 1.42
CA SER A 66 -1.49 -11.66 2.76
C SER A 66 -2.40 -10.42 2.64
N SER A 67 -3.10 -10.11 3.75
CA SER A 67 -4.04 -8.98 3.82
C SER A 67 -3.31 -7.62 3.68
N LEU A 68 -4.05 -6.59 3.28
CA LEU A 68 -3.53 -5.22 3.13
C LEU A 68 -3.25 -4.64 4.54
N ALA A 69 -3.98 -5.15 5.55
CA ALA A 69 -3.72 -4.85 6.97
C ALA A 69 -2.26 -5.18 7.37
N GLU A 70 -1.68 -6.21 6.72
CA GLU A 70 -0.26 -6.61 6.93
C GLU A 70 0.68 -5.52 6.39
N PHE A 71 0.33 -5.01 5.21
CA PHE A 71 1.06 -3.92 4.55
C PHE A 71 1.06 -2.65 5.44
N VAL A 72 -0.13 -2.33 5.97
CA VAL A 72 -0.36 -1.14 6.82
C VAL A 72 0.45 -1.22 8.12
N GLN A 73 0.31 -2.34 8.86
CA GLN A 73 0.97 -2.51 10.19
C GLN A 73 2.50 -2.48 10.08
N SER A 74 3.05 -2.99 8.94
CA SER A 74 4.50 -2.95 8.66
C SER A 74 4.97 -1.49 8.53
N LEU A 75 4.31 -0.76 7.62
CA LEU A 75 4.63 0.66 7.31
C LEU A 75 4.37 1.58 8.52
N SER A 76 3.45 1.16 9.39
CA SER A 76 3.12 1.88 10.63
C SER A 76 4.27 1.80 11.63
N GLN A 77 4.83 0.60 11.80
CA GLN A 77 5.86 0.34 12.85
C GLN A 77 7.29 0.64 12.33
N THR A 78 7.47 0.72 10.99
CA THR A 78 8.80 0.98 10.41
C THR A 78 9.02 2.49 10.15
N MET A 79 7.91 3.27 10.01
CA MET A 79 7.97 4.72 9.68
C MET A 79 7.41 5.58 10.84
N GLY A 80 6.35 5.07 11.50
CA GLY A 80 5.70 5.80 12.60
C GLY A 80 4.35 6.41 12.22
N PHE A 81 3.88 6.09 11.00
CA PHE A 81 2.53 6.51 10.52
C PHE A 81 1.43 5.75 11.30
N PRO A 82 0.29 6.41 11.66
CA PRO A 82 -0.81 5.74 12.41
C PRO A 82 -1.54 4.72 11.52
N GLN A 83 -1.56 3.45 11.95
CA GLN A 83 -2.14 2.33 11.18
C GLN A 83 -3.68 2.43 11.08
N ASP A 84 -4.27 3.20 11.99
CA ASP A 84 -5.71 3.47 12.00
C ASP A 84 -6.10 4.50 10.92
N GLN A 85 -5.11 5.29 10.45
CA GLN A 85 -5.35 6.41 9.51
C GLN A 85 -4.48 6.32 8.23
N ILE A 86 -3.56 5.30 8.13
CA ILE A 86 -2.67 5.12 6.94
C ILE A 86 -3.49 5.13 5.64
N ARG A 87 -3.25 6.14 4.79
CA ARG A 87 -3.90 6.29 3.48
C ARG A 87 -2.89 5.92 2.38
N LEU A 88 -3.32 5.05 1.50
CA LEU A 88 -2.53 4.55 0.39
C LEU A 88 -2.83 5.39 -0.86
N TRP A 89 -1.79 5.97 -1.48
CA TRP A 89 -1.93 6.80 -2.71
C TRP A 89 -1.05 6.18 -3.81
N PRO A 90 -1.65 5.52 -4.86
CA PRO A 90 -0.87 4.81 -5.92
C PRO A 90 -0.01 5.77 -6.77
N MET A 91 0.95 5.23 -7.54
CA MET A 91 1.71 6.03 -8.50
C MET A 91 0.82 6.45 -9.70
N GLN A 92 0.05 7.53 -9.51
CA GLN A 92 -0.68 8.20 -10.60
C GLN A 92 0.22 9.29 -11.18
N ALA A 93 0.14 9.49 -12.50
CA ALA A 93 0.85 10.58 -13.17
C ALA A 93 0.21 11.92 -12.80
N ARG A 94 0.71 12.52 -11.70
CA ARG A 94 0.26 13.85 -11.23
C ARG A 94 0.82 14.94 -12.16
N SER A 95 0.22 15.06 -13.35
CA SER A 95 0.66 15.95 -14.42
C SER A 95 -0.56 16.52 -15.17
N ASN A 96 -0.33 17.48 -16.07
CA ASN A 96 -1.42 18.17 -16.81
C ASN A 96 -2.16 17.22 -17.76
N GLY A 97 -3.50 17.13 -17.59
CA GLY A 97 -4.36 16.24 -18.38
C GLY A 97 -4.60 14.87 -17.73
N THR A 98 -3.74 14.51 -16.77
CA THR A 98 -3.77 13.18 -16.12
C THR A 98 -3.74 13.33 -14.58
N LYS A 99 -3.98 14.56 -14.10
CA LYS A 99 -4.05 14.88 -12.67
C LYS A 99 -5.30 14.23 -12.04
N ARG A 100 -5.07 13.06 -11.42
CA ARG A 100 -6.12 12.31 -10.72
C ARG A 100 -5.50 11.62 -9.47
N PRO A 101 -5.23 12.40 -8.39
CA PRO A 101 -4.72 11.85 -7.12
C PRO A 101 -5.86 11.50 -6.15
N ALA A 102 -5.89 10.25 -5.70
CA ALA A 102 -6.90 9.75 -4.75
C ALA A 102 -6.31 8.60 -3.92
N MET A 103 -6.84 8.43 -2.71
CA MET A 103 -6.50 7.29 -1.84
C MET A 103 -7.39 6.09 -2.22
N LEU A 104 -6.96 4.88 -1.84
CA LEU A 104 -7.79 3.67 -2.02
C LEU A 104 -8.95 3.67 -1.00
N ASP A 105 -10.02 2.94 -1.34
CA ASP A 105 -11.19 2.74 -0.46
C ASP A 105 -10.75 1.96 0.79
N ASN A 106 -10.48 2.67 1.90
CA ASN A 106 -9.89 2.09 3.14
C ASN A 106 -10.80 0.98 3.72
N GLU A 107 -12.12 1.12 3.48
CA GLU A 107 -13.12 0.10 3.83
C GLU A 107 -12.85 -1.23 3.09
N ALA A 108 -12.50 -1.10 1.81
CA ALA A 108 -12.22 -2.25 0.94
C ALA A 108 -10.86 -2.87 1.27
N ASP A 109 -9.77 -2.06 1.19
CA ASP A 109 -8.39 -2.55 1.25
C ASP A 109 -8.07 -3.21 2.61
N GLY A 110 -8.46 -2.53 3.71
CA GLY A 110 -8.20 -3.01 5.08
C GLY A 110 -9.12 -4.17 5.54
N ASN A 111 -9.72 -4.89 4.56
CA ASN A 111 -10.56 -6.08 4.82
C ASN A 111 -9.96 -7.32 4.09
N LYS A 112 -9.33 -7.08 2.93
CA LYS A 112 -8.89 -8.17 2.01
C LYS A 112 -7.39 -8.06 1.66
N THR A 113 -6.93 -8.93 0.74
CA THR A 113 -5.49 -9.07 0.39
C THR A 113 -4.97 -7.91 -0.47
N MET A 114 -3.64 -7.72 -0.45
CA MET A 114 -2.98 -6.60 -1.14
C MET A 114 -2.74 -6.89 -2.64
N ILE A 115 -2.97 -8.16 -3.06
CA ILE A 115 -2.92 -8.55 -4.49
C ILE A 115 -4.02 -7.83 -5.29
N GLU A 116 -5.10 -7.54 -4.59
CA GLU A 116 -6.30 -6.93 -5.19
C GLU A 116 -6.08 -5.44 -5.48
N LEU A 117 -5.21 -4.80 -4.67
CA LEU A 117 -4.86 -3.38 -4.81
C LEU A 117 -3.74 -3.20 -5.86
N SER A 118 -2.74 -4.10 -5.82
CA SER A 118 -1.64 -4.11 -6.81
C SER A 118 -2.17 -4.52 -8.19
N ASP A 119 -3.22 -5.36 -8.19
CA ASP A 119 -3.87 -5.90 -9.40
C ASP A 119 -2.83 -6.76 -10.20
N ASN A 120 -2.03 -7.52 -9.42
CA ASN A 120 -1.03 -8.50 -9.92
C ASN A 120 0.22 -7.84 -10.57
N GLU A 121 0.56 -6.60 -10.15
CA GLU A 121 1.82 -5.95 -10.61
C GLU A 121 2.82 -5.83 -9.44
N ASN A 122 4.13 -5.95 -9.78
CA ASN A 122 5.24 -5.83 -8.84
C ASN A 122 6.57 -5.53 -9.60
N PRO A 123 7.47 -4.61 -9.11
CA PRO A 123 7.27 -3.79 -7.88
C PRO A 123 6.18 -2.70 -8.06
N TRP A 124 5.19 -2.71 -7.14
CA TRP A 124 4.08 -1.76 -7.14
C TRP A 124 4.50 -0.54 -6.31
N THR A 125 4.35 0.67 -6.88
CA THR A 125 4.78 1.91 -6.22
C THR A 125 3.58 2.63 -5.59
N ILE A 126 3.79 3.12 -4.36
CA ILE A 126 2.76 3.81 -3.59
C ILE A 126 3.43 4.84 -2.66
N PHE A 127 2.73 5.94 -2.41
CA PHE A 127 3.13 6.98 -1.46
C PHE A 127 2.33 6.76 -0.17
N LEU A 128 3.02 6.88 0.98
CA LEU A 128 2.41 6.70 2.30
C LEU A 128 1.93 8.07 2.83
N GLU A 129 0.60 8.18 3.03
CA GLU A 129 -0.05 9.37 3.61
C GLU A 129 -0.39 9.11 5.09
N THR A 130 -0.26 10.17 5.91
CA THR A 130 -0.46 10.11 7.35
C THR A 130 -1.98 10.09 7.71
N PRO A 3 -23.44 2.96 -0.80
CA PRO A 3 -22.50 2.35 0.18
C PRO A 3 -21.86 1.07 -0.38
N GLN A 4 -22.72 0.16 -0.91
CA GLN A 4 -22.32 -1.21 -1.30
C GLN A 4 -21.49 -1.25 -2.60
N GLN A 5 -21.24 -0.07 -3.18
CA GLN A 5 -20.33 0.10 -4.33
C GLN A 5 -18.88 -0.33 -3.98
N LEU A 6 -18.51 -0.14 -2.69
CA LEU A 6 -17.16 -0.43 -2.18
C LEU A 6 -16.91 -1.95 -2.07
N VAL A 7 -17.96 -2.71 -1.67
CA VAL A 7 -17.90 -4.18 -1.60
C VAL A 7 -18.16 -4.81 -2.99
N GLU A 8 -18.87 -4.07 -3.87
CA GLU A 8 -19.15 -4.53 -5.25
C GLU A 8 -17.86 -4.63 -6.06
N ARG A 9 -17.07 -3.53 -6.03
CA ARG A 9 -15.73 -3.49 -6.66
C ARG A 9 -14.78 -4.48 -5.97
N LEU A 10 -14.96 -4.65 -4.64
CA LEU A 10 -14.15 -5.57 -3.80
C LEU A 10 -14.31 -7.01 -4.29
N GLN A 11 -15.56 -7.39 -4.68
CA GLN A 11 -15.88 -8.74 -5.21
C GLN A 11 -15.22 -8.93 -6.59
N GLU A 12 -15.31 -7.89 -7.42
CA GLU A 12 -14.74 -7.86 -8.77
C GLU A 12 -13.19 -7.92 -8.73
N GLU A 13 -12.61 -7.52 -7.59
CA GLU A 13 -11.17 -7.62 -7.32
C GLU A 13 -10.82 -9.03 -6.78
N LYS A 14 -11.51 -9.43 -5.69
CA LYS A 14 -11.15 -10.59 -4.83
C LYS A 14 -11.27 -11.93 -5.57
N ARG A 15 -11.99 -11.94 -6.71
CA ARG A 15 -12.09 -13.11 -7.61
C ARG A 15 -10.72 -13.81 -7.92
N ILE A 16 -9.60 -13.04 -7.86
CA ILE A 16 -8.23 -13.58 -8.13
C ILE A 16 -7.79 -14.61 -7.06
N GLU A 17 -8.41 -14.54 -5.85
CA GLU A 17 -8.14 -15.44 -4.72
C GLU A 17 -8.45 -16.92 -5.04
N ALA A 18 -9.20 -17.16 -6.15
CA ALA A 18 -9.50 -18.52 -6.66
C ALA A 18 -8.21 -19.33 -6.96
N GLN A 19 -7.09 -18.62 -7.21
CA GLN A 19 -5.76 -19.25 -7.35
C GLN A 19 -4.70 -18.55 -6.47
N LYS A 20 -4.89 -17.24 -6.21
CA LYS A 20 -3.91 -16.44 -5.43
C LYS A 20 -3.92 -16.85 -3.95
N ARG A 21 -5.12 -17.12 -3.41
CA ARG A 21 -5.31 -17.55 -2.00
C ARG A 21 -5.19 -19.09 -1.88
N LYS A 22 -5.14 -19.78 -3.05
CA LYS A 22 -4.82 -21.22 -3.11
C LYS A 22 -3.36 -21.41 -2.64
N GLU A 23 -2.46 -20.67 -3.27
CA GLU A 23 -1.06 -20.60 -2.83
C GLU A 23 -0.94 -19.46 -1.80
N ARG A 24 -1.38 -19.73 -0.56
CA ARG A 24 -1.34 -18.77 0.55
C ARG A 24 -0.36 -19.26 1.62
N GLN A 25 0.87 -18.75 1.55
CA GLN A 25 1.95 -19.03 2.52
C GLN A 25 3.13 -18.07 2.27
N GLU A 26 4.03 -17.93 3.27
CA GLU A 26 5.28 -17.16 3.11
C GLU A 26 6.21 -17.85 2.11
N ALA A 27 6.24 -17.31 0.88
CA ALA A 27 6.96 -17.86 -0.25
C ALA A 27 7.27 -16.73 -1.24
N HIS A 28 7.49 -17.06 -2.53
CA HIS A 28 7.80 -16.09 -3.61
C HIS A 28 6.69 -15.01 -3.84
N LEU A 29 5.62 -15.03 -3.02
CA LEU A 29 4.57 -13.99 -2.99
C LEU A 29 5.04 -12.70 -2.24
N TYR A 30 6.34 -12.66 -1.88
CA TYR A 30 7.07 -11.53 -1.23
C TYR A 30 7.08 -10.17 -2.01
N MET A 31 6.07 -9.88 -2.87
CA MET A 31 6.03 -8.68 -3.77
C MET A 31 6.66 -7.44 -3.11
N GLN A 32 7.61 -6.84 -3.82
CA GLN A 32 8.32 -5.66 -3.32
C GLN A 32 7.51 -4.44 -3.64
N VAL A 33 7.26 -3.64 -2.63
CA VAL A 33 6.47 -2.43 -2.75
C VAL A 33 7.36 -1.22 -2.48
N GLN A 34 7.46 -0.36 -3.50
CA GLN A 34 8.28 0.85 -3.50
C GLN A 34 7.51 1.97 -2.81
N ILE A 35 7.88 2.24 -1.57
CA ILE A 35 7.23 3.23 -0.71
C ILE A 35 8.09 4.50 -0.65
N VAL A 36 7.43 5.67 -0.66
CA VAL A 36 8.07 6.96 -0.34
C VAL A 36 7.16 7.76 0.58
N ALA A 37 7.78 8.43 1.57
CA ALA A 37 7.09 9.32 2.53
C ALA A 37 8.07 10.40 3.01
N GLU A 38 7.54 11.46 3.66
CA GLU A 38 8.35 12.58 4.17
C GLU A 38 7.86 13.02 5.56
N ASP A 39 8.57 12.53 6.59
CA ASP A 39 8.41 13.02 7.97
C ASP A 39 9.39 14.19 8.25
N GLN A 40 10.28 14.49 7.28
CA GLN A 40 11.27 15.57 7.41
C GLN A 40 10.57 16.94 7.56
N PHE A 41 9.67 17.26 6.61
CA PHE A 41 8.90 18.52 6.60
C PHE A 41 7.62 18.42 7.47
N CYS A 42 7.52 17.36 8.30
CA CYS A 42 6.33 17.11 9.13
C CYS A 42 6.74 16.94 10.62
N GLY A 43 7.32 15.76 10.96
CA GLY A 43 7.63 15.39 12.33
C GLY A 43 8.96 15.95 12.84
N HIS A 44 10.09 15.39 12.37
CA HIS A 44 11.42 15.63 12.99
C HIS A 44 11.97 17.05 12.68
N GLN A 45 12.11 17.37 11.38
CA GLN A 45 12.64 18.67 10.85
C GLN A 45 14.19 18.77 10.97
N GLY A 46 14.78 18.30 12.09
CA GLY A 46 16.25 18.32 12.27
C GLY A 46 16.94 17.12 11.59
N ASN A 47 16.82 17.08 10.26
CA ASN A 47 17.23 15.92 9.43
C ASN A 47 18.49 16.25 8.60
N ASP A 48 19.41 15.27 8.49
CA ASP A 48 20.70 15.41 7.77
C ASP A 48 21.39 14.04 7.53
N MET A 49 21.35 13.15 8.54
CA MET A 49 22.19 11.93 8.58
C MET A 49 21.39 10.62 8.34
N TYR A 50 21.30 10.19 7.06
CA TYR A 50 20.55 8.99 6.60
C TYR A 50 19.14 8.98 7.22
N ASP A 51 18.31 9.89 6.73
CA ASP A 51 17.00 10.15 7.30
C ASP A 51 15.99 9.16 6.79
N GLU A 52 15.62 8.21 7.65
CA GLU A 52 14.58 7.20 7.37
C GLU A 52 13.16 7.85 7.38
N GLU A 53 13.14 9.16 7.67
CA GLU A 53 11.98 10.05 7.53
C GLU A 53 11.82 10.45 6.05
N LYS A 54 12.97 10.57 5.35
CA LYS A 54 13.04 11.07 3.97
C LYS A 54 13.98 10.17 3.11
N VAL A 55 14.04 8.86 3.43
CA VAL A 55 14.70 7.89 2.53
C VAL A 55 13.86 7.72 1.25
N LYS A 56 14.52 7.29 0.18
CA LYS A 56 13.92 7.19 -1.15
C LYS A 56 13.03 5.93 -1.24
N TYR A 57 12.81 5.41 -2.47
CA TYR A 57 11.97 4.24 -2.70
C TYR A 57 12.43 3.02 -1.89
N THR A 58 11.82 2.88 -0.70
CA THR A 58 12.11 1.81 0.23
C THR A 58 11.32 0.54 -0.18
N VAL A 59 12.06 -0.55 -0.28
CA VAL A 59 11.59 -1.83 -0.84
C VAL A 59 11.24 -2.80 0.30
N PHE A 60 9.92 -3.01 0.52
CA PHE A 60 9.41 -3.97 1.51
C PHE A 60 8.84 -5.18 0.80
N LYS A 61 9.39 -6.36 1.08
CA LYS A 61 8.85 -7.62 0.59
C LYS A 61 7.64 -7.99 1.45
N VAL A 62 6.46 -8.08 0.83
CA VAL A 62 5.21 -8.39 1.53
C VAL A 62 4.40 -9.39 0.71
N LEU A 63 3.56 -10.17 1.40
CA LEU A 63 2.74 -11.20 0.78
C LEU A 63 1.49 -10.57 0.11
N LYS A 64 1.51 -10.57 -1.25
CA LYS A 64 0.38 -10.12 -2.10
C LYS A 64 -0.93 -10.87 -1.76
N ASN A 65 -0.76 -12.14 -1.43
CA ASN A 65 -1.84 -13.09 -1.11
C ASN A 65 -2.32 -12.98 0.36
N SER A 66 -1.65 -12.11 1.15
CA SER A 66 -2.06 -11.80 2.54
C SER A 66 -2.82 -10.46 2.54
N SER A 67 -3.51 -10.19 3.66
CA SER A 67 -4.38 -9.01 3.82
C SER A 67 -3.58 -7.69 3.79
N LEU A 68 -4.26 -6.62 3.37
CA LEU A 68 -3.71 -5.27 3.24
C LEU A 68 -3.42 -4.69 4.64
N ALA A 69 -4.24 -5.09 5.63
CA ALA A 69 -4.07 -4.71 7.05
C ALA A 69 -2.70 -5.17 7.60
N GLU A 70 -2.15 -6.25 7.01
CA GLU A 70 -0.83 -6.78 7.37
C GLU A 70 0.27 -5.89 6.80
N PHE A 71 0.06 -5.38 5.58
CA PHE A 71 0.96 -4.41 4.94
C PHE A 71 0.98 -3.07 5.74
N VAL A 72 -0.21 -2.63 6.18
CA VAL A 72 -0.39 -1.38 6.92
C VAL A 72 0.28 -1.43 8.30
N GLN A 73 0.07 -2.54 9.05
CA GLN A 73 0.66 -2.69 10.39
C GLN A 73 2.21 -2.71 10.29
N SER A 74 2.74 -3.34 9.22
CA SER A 74 4.20 -3.38 8.95
C SER A 74 4.75 -1.96 8.69
N LEU A 75 4.03 -1.21 7.84
CA LEU A 75 4.41 0.16 7.43
C LEU A 75 4.26 1.15 8.61
N SER A 76 3.37 0.78 9.54
CA SER A 76 3.10 1.55 10.77
C SER A 76 4.28 1.45 11.74
N GLN A 77 4.92 0.26 11.81
CA GLN A 77 6.05 0.02 12.71
C GLN A 77 7.33 0.70 12.17
N THR A 78 7.56 0.54 10.85
CA THR A 78 8.80 0.99 10.20
C THR A 78 8.91 2.54 10.18
N MET A 79 7.80 3.28 9.95
CA MET A 79 7.83 4.77 9.90
C MET A 79 7.30 5.40 11.20
N GLY A 80 6.58 4.61 12.01
CA GLY A 80 5.97 5.13 13.24
C GLY A 80 4.68 5.92 12.98
N PHE A 81 4.15 5.80 11.76
CA PHE A 81 2.90 6.46 11.34
C PHE A 81 1.70 5.60 11.79
N PRO A 82 0.59 6.22 12.32
CA PRO A 82 -0.58 5.47 12.85
C PRO A 82 -1.24 4.58 11.77
N GLN A 83 -1.36 3.27 12.07
CA GLN A 83 -1.90 2.24 11.15
C GLN A 83 -3.36 2.55 10.74
N ASP A 84 -4.16 3.05 11.69
CA ASP A 84 -5.56 3.44 11.44
C ASP A 84 -5.64 4.62 10.44
N GLN A 85 -4.59 5.48 10.43
CA GLN A 85 -4.55 6.70 9.62
C GLN A 85 -3.56 6.56 8.42
N ILE A 86 -3.10 5.34 8.11
CA ILE A 86 -2.26 5.08 6.94
C ILE A 86 -3.09 5.22 5.63
N ARG A 87 -2.66 6.15 4.76
CA ARG A 87 -3.26 6.37 3.42
C ARG A 87 -2.31 5.82 2.36
N LEU A 88 -2.89 5.14 1.37
CA LEU A 88 -2.16 4.48 0.28
C LEU A 88 -2.55 5.15 -1.04
N TRP A 89 -1.56 5.63 -1.80
CA TRP A 89 -1.80 6.37 -3.06
C TRP A 89 -1.04 5.67 -4.18
N PRO A 90 -1.70 4.99 -5.16
CA PRO A 90 -0.98 4.25 -6.23
C PRO A 90 -0.28 5.21 -7.20
N MET A 91 0.71 4.71 -7.97
CA MET A 91 1.38 5.47 -9.04
C MET A 91 0.44 5.67 -10.27
N GLN A 92 -0.69 6.32 -10.02
CA GLN A 92 -1.76 6.50 -11.01
C GLN A 92 -1.37 7.63 -11.98
N ALA A 93 -1.21 7.29 -13.27
CA ALA A 93 -0.74 8.23 -14.31
C ALA A 93 -1.80 9.31 -14.63
N ARG A 94 -1.84 10.36 -13.76
CA ARG A 94 -2.76 11.50 -13.92
C ARG A 94 -1.93 12.79 -13.97
N SER A 95 -1.55 13.17 -15.19
CA SER A 95 -0.82 14.41 -15.49
C SER A 95 -1.79 15.63 -15.48
N ASN A 96 -1.33 16.78 -16.02
CA ASN A 96 -2.12 18.04 -16.05
C ASN A 96 -3.52 17.82 -16.69
N GLY A 97 -4.55 17.93 -15.83
CA GLY A 97 -5.95 17.75 -16.22
C GLY A 97 -6.84 17.72 -14.99
N THR A 98 -7.95 18.47 -15.01
CA THR A 98 -8.83 18.65 -13.84
C THR A 98 -9.53 17.32 -13.46
N LYS A 99 -9.00 16.68 -12.41
CA LYS A 99 -9.49 15.39 -11.90
C LYS A 99 -9.12 15.25 -10.42
N ARG A 100 -9.90 14.46 -9.67
CA ARG A 100 -9.57 14.06 -8.29
C ARG A 100 -9.09 12.59 -8.25
N PRO A 101 -7.74 12.34 -8.23
CA PRO A 101 -7.22 10.99 -7.94
C PRO A 101 -7.36 10.68 -6.44
N ALA A 102 -7.81 9.45 -6.13
CA ALA A 102 -8.13 9.04 -4.75
C ALA A 102 -7.11 8.04 -4.23
N MET A 103 -7.08 7.88 -2.88
CA MET A 103 -6.34 6.82 -2.21
C MET A 103 -7.14 5.50 -2.34
N LEU A 104 -6.56 4.40 -1.86
CA LEU A 104 -7.29 3.13 -1.76
C LEU A 104 -8.30 3.23 -0.60
N ASP A 105 -9.56 2.86 -0.90
CA ASP A 105 -10.69 2.99 0.03
C ASP A 105 -10.45 2.12 1.27
N ASN A 106 -10.53 2.71 2.47
CA ASN A 106 -10.15 2.01 3.71
C ASN A 106 -11.18 0.94 4.13
N GLU A 107 -12.42 1.03 3.61
CA GLU A 107 -13.44 -0.02 3.82
C GLU A 107 -13.20 -1.18 2.84
N ALA A 108 -12.60 -0.88 1.69
CA ALA A 108 -12.27 -1.89 0.66
C ALA A 108 -10.97 -2.62 1.02
N ASP A 109 -9.88 -1.84 1.17
CA ASP A 109 -8.51 -2.35 1.13
C ASP A 109 -8.17 -3.20 2.38
N GLY A 110 -8.49 -2.67 3.56
CA GLY A 110 -8.12 -3.27 4.85
C GLY A 110 -8.99 -4.45 5.26
N ASN A 111 -9.81 -4.94 4.32
CA ASN A 111 -10.72 -6.09 4.54
C ASN A 111 -10.31 -7.28 3.66
N LYS A 112 -9.41 -7.05 2.67
CA LYS A 112 -9.00 -8.08 1.69
C LYS A 112 -7.50 -7.97 1.38
N THR A 113 -7.03 -8.77 0.40
CA THR A 113 -5.60 -8.88 0.05
C THR A 113 -5.10 -7.66 -0.76
N MET A 114 -3.79 -7.40 -0.72
CA MET A 114 -3.17 -6.22 -1.36
C MET A 114 -2.91 -6.45 -2.87
N ILE A 115 -3.06 -7.71 -3.32
CA ILE A 115 -2.90 -8.09 -4.74
C ILE A 115 -3.99 -7.46 -5.62
N GLU A 116 -5.13 -7.22 -4.99
CA GLU A 116 -6.34 -6.69 -5.63
C GLU A 116 -6.15 -5.22 -6.03
N LEU A 117 -5.36 -4.51 -5.21
CA LEU A 117 -5.07 -3.08 -5.39
C LEU A 117 -3.96 -2.90 -6.44
N SER A 118 -2.95 -3.78 -6.38
CA SER A 118 -1.81 -3.78 -7.33
C SER A 118 -2.27 -4.18 -8.74
N ASP A 119 -3.28 -5.08 -8.78
CA ASP A 119 -3.78 -5.69 -10.04
C ASP A 119 -2.66 -6.58 -10.66
N ASN A 120 -2.00 -7.36 -9.75
CA ASN A 120 -0.98 -8.38 -10.08
C ASN A 120 0.32 -7.79 -10.70
N GLU A 121 0.62 -6.51 -10.39
CA GLU A 121 1.92 -5.90 -10.75
C GLU A 121 2.85 -5.86 -9.51
N ASN A 122 4.13 -6.20 -9.73
CA ASN A 122 5.19 -6.10 -8.71
C ASN A 122 6.59 -6.10 -9.38
N PRO A 123 7.59 -5.24 -8.94
CA PRO A 123 7.48 -4.32 -7.78
C PRO A 123 6.47 -3.14 -8.00
N TRP A 124 5.55 -2.99 -7.03
CA TRP A 124 4.43 -2.04 -7.11
C TRP A 124 4.80 -0.72 -6.39
N THR A 125 4.58 0.40 -7.05
CA THR A 125 4.94 1.73 -6.55
C THR A 125 3.71 2.40 -5.90
N ILE A 126 3.85 2.82 -4.63
CA ILE A 126 2.77 3.46 -3.88
C ILE A 126 3.36 4.52 -2.93
N PHE A 127 2.69 5.67 -2.83
CA PHE A 127 3.03 6.75 -1.90
C PHE A 127 2.36 6.48 -0.56
N LEU A 128 3.09 6.72 0.53
CA LEU A 128 2.59 6.54 1.89
C LEU A 128 2.29 7.93 2.48
N GLU A 129 1.12 8.03 3.10
CA GLU A 129 0.58 9.27 3.66
C GLU A 129 0.07 9.01 5.09
N THR A 130 0.02 10.08 5.90
CA THR A 130 -0.52 10.04 7.27
C THR A 130 -1.96 10.66 7.26
N PRO A 3 -23.68 4.03 0.44
CA PRO A 3 -23.30 3.10 1.53
C PRO A 3 -22.84 1.73 0.96
N GLN A 4 -23.54 1.27 -0.10
CA GLN A 4 -23.42 -0.14 -0.58
C GLN A 4 -22.28 -0.36 -1.58
N GLN A 5 -21.62 0.73 -2.04
CA GLN A 5 -20.50 0.63 -3.01
C GLN A 5 -19.33 -0.18 -2.41
N LEU A 6 -19.24 -0.18 -1.08
CA LEU A 6 -18.20 -0.88 -0.32
C LEU A 6 -18.23 -2.39 -0.56
N VAL A 7 -19.43 -3.02 -0.55
CA VAL A 7 -19.57 -4.45 -0.83
C VAL A 7 -19.43 -4.71 -2.34
N GLU A 8 -20.06 -3.84 -3.17
CA GLU A 8 -20.13 -4.01 -4.64
C GLU A 8 -18.73 -4.00 -5.29
N ARG A 9 -17.84 -3.14 -4.78
CA ARG A 9 -16.45 -3.06 -5.24
C ARG A 9 -15.65 -4.28 -4.73
N LEU A 10 -15.94 -4.67 -3.47
CA LEU A 10 -15.17 -5.69 -2.75
C LEU A 10 -15.36 -7.06 -3.44
N GLN A 11 -16.60 -7.37 -3.85
CA GLN A 11 -16.93 -8.65 -4.51
C GLN A 11 -16.21 -8.76 -5.87
N GLU A 12 -16.32 -7.66 -6.65
CA GLU A 12 -15.70 -7.50 -7.98
C GLU A 12 -14.18 -7.71 -7.91
N GLU A 13 -13.55 -7.16 -6.86
CA GLU A 13 -12.10 -7.25 -6.63
C GLU A 13 -11.70 -8.62 -6.06
N LYS A 14 -12.50 -9.17 -5.12
CA LYS A 14 -12.11 -10.36 -4.32
C LYS A 14 -12.23 -11.65 -5.12
N ARG A 15 -12.98 -11.61 -6.24
CA ARG A 15 -13.30 -12.81 -7.07
C ARG A 15 -12.07 -13.75 -7.34
N ILE A 16 -10.85 -13.16 -7.44
CA ILE A 16 -9.59 -13.90 -7.76
C ILE A 16 -9.13 -14.83 -6.61
N GLU A 17 -9.82 -14.77 -5.46
CA GLU A 17 -9.48 -15.52 -4.26
C GLU A 17 -9.58 -17.04 -4.48
N ALA A 18 -10.51 -17.44 -5.38
CA ALA A 18 -10.71 -18.84 -5.80
C ALA A 18 -9.50 -19.41 -6.56
N GLN A 19 -8.55 -18.53 -6.88
CA GLN A 19 -7.28 -18.87 -7.53
C GLN A 19 -6.10 -18.66 -6.56
N LYS A 20 -5.93 -17.41 -6.06
CA LYS A 20 -4.75 -16.99 -5.26
C LYS A 20 -4.88 -17.31 -3.76
N ARG A 21 -6.03 -16.94 -3.15
CA ARG A 21 -6.20 -16.96 -1.67
C ARG A 21 -6.15 -18.40 -1.10
N LYS A 22 -6.19 -19.39 -2.02
CA LYS A 22 -6.03 -20.83 -1.69
C LYS A 22 -4.69 -21.06 -0.93
N GLU A 23 -3.68 -20.30 -1.37
CA GLU A 23 -2.38 -20.19 -0.72
C GLU A 23 -2.21 -18.71 -0.31
N ARG A 24 -2.24 -18.44 1.00
CA ARG A 24 -2.19 -17.08 1.57
C ARG A 24 -0.99 -16.94 2.55
N GLN A 25 -0.03 -17.86 2.40
CA GLN A 25 1.04 -18.12 3.39
C GLN A 25 2.31 -17.30 3.10
N GLU A 26 3.33 -17.46 3.96
CA GLU A 26 4.66 -16.88 3.72
C GLU A 26 5.42 -17.77 2.73
N ALA A 27 5.51 -17.28 1.50
CA ALA A 27 6.09 -18.02 0.36
C ALA A 27 6.81 -17.01 -0.56
N HIS A 28 7.01 -17.34 -1.85
CA HIS A 28 7.74 -16.45 -2.79
C HIS A 28 6.91 -15.20 -3.21
N LEU A 29 5.71 -15.03 -2.60
CA LEU A 29 4.76 -13.95 -2.92
C LEU A 29 5.11 -12.63 -2.19
N TYR A 30 6.38 -12.53 -1.75
CA TYR A 30 7.03 -11.35 -1.10
C TYR A 30 7.17 -10.08 -1.99
N MET A 31 6.24 -9.87 -2.97
CA MET A 31 6.28 -8.74 -3.96
C MET A 31 6.76 -7.42 -3.33
N GLN A 32 7.63 -6.74 -4.04
CA GLN A 32 8.27 -5.54 -3.57
C GLN A 32 7.35 -4.35 -3.84
N VAL A 33 7.27 -3.44 -2.87
CA VAL A 33 6.38 -2.28 -2.92
C VAL A 33 7.20 -1.01 -2.65
N GLN A 34 7.09 -0.04 -3.56
CA GLN A 34 7.77 1.25 -3.49
C GLN A 34 6.96 2.21 -2.63
N ILE A 35 7.50 2.57 -1.46
CA ILE A 35 6.85 3.49 -0.52
C ILE A 35 7.73 4.75 -0.37
N VAL A 36 7.11 5.93 -0.25
CA VAL A 36 7.84 7.19 0.03
C VAL A 36 7.23 7.90 1.24
N ALA A 37 8.09 8.05 2.29
CA ALA A 37 7.79 8.84 3.49
C ALA A 37 9.07 9.07 4.31
N GLU A 38 9.02 10.08 5.18
CA GLU A 38 10.10 10.44 6.13
C GLU A 38 9.63 10.09 7.56
N ASP A 39 10.44 9.31 8.28
CA ASP A 39 10.16 8.91 9.68
C ASP A 39 10.25 10.12 10.65
N GLN A 40 11.11 11.10 10.28
CA GLN A 40 11.40 12.28 11.11
C GLN A 40 10.15 13.20 11.25
N PHE A 41 9.53 13.57 10.11
CA PHE A 41 8.29 14.39 10.10
C PHE A 41 7.20 13.71 9.23
N CYS A 42 7.39 13.77 7.90
CA CYS A 42 6.37 13.36 6.91
C CYS A 42 6.99 13.29 5.50
N GLY A 43 6.27 12.64 4.55
CA GLY A 43 6.77 12.32 3.19
C GLY A 43 7.53 13.45 2.49
N HIS A 44 8.85 13.50 2.74
CA HIS A 44 9.75 14.54 2.22
C HIS A 44 10.93 13.85 1.50
N GLN A 45 11.18 14.26 0.25
CA GLN A 45 12.31 13.78 -0.56
C GLN A 45 13.56 14.64 -0.29
N GLY A 46 14.68 14.33 -0.97
CA GLY A 46 15.91 15.09 -0.83
C GLY A 46 16.63 14.80 0.50
N ASN A 47 17.61 13.89 0.46
CA ASN A 47 18.45 13.53 1.63
C ASN A 47 19.92 13.70 1.23
N ASP A 48 20.80 13.98 2.22
CA ASP A 48 22.25 14.22 1.97
C ASP A 48 23.03 12.92 2.18
N MET A 49 22.94 12.38 3.41
CA MET A 49 23.58 11.10 3.79
C MET A 49 22.61 9.93 3.51
N TYR A 50 23.10 8.68 3.61
CA TYR A 50 22.27 7.47 3.46
C TYR A 50 21.46 7.25 4.77
N ASP A 51 20.52 8.16 5.04
CA ASP A 51 19.58 8.04 6.16
C ASP A 51 18.41 7.19 5.67
N GLU A 52 18.38 5.91 6.06
CA GLU A 52 17.38 4.94 5.55
C GLU A 52 15.92 5.35 5.89
N GLU A 53 15.78 6.18 6.92
CA GLU A 53 14.46 6.70 7.37
C GLU A 53 14.05 7.96 6.59
N LYS A 54 14.92 8.42 5.68
CA LYS A 54 14.76 9.70 4.96
C LYS A 54 15.12 9.55 3.45
N VAL A 55 15.65 8.38 3.04
CA VAL A 55 15.94 8.09 1.62
C VAL A 55 14.64 8.04 0.78
N LYS A 56 14.79 7.83 -0.54
CA LYS A 56 13.67 7.81 -1.49
C LYS A 56 12.88 6.48 -1.37
N TYR A 57 12.27 6.01 -2.49
CA TYR A 57 11.43 4.80 -2.55
C TYR A 57 12.01 3.60 -1.78
N THR A 58 11.53 3.47 -0.54
CA THR A 58 11.87 2.36 0.34
C THR A 58 11.11 1.10 -0.11
N VAL A 59 11.87 0.02 -0.34
CA VAL A 59 11.37 -1.20 -0.95
C VAL A 59 11.09 -2.25 0.13
N PHE A 60 9.81 -2.49 0.41
CA PHE A 60 9.38 -3.54 1.37
C PHE A 60 8.88 -4.75 0.58
N LYS A 61 9.41 -5.92 0.93
CA LYS A 61 8.97 -7.20 0.36
C LYS A 61 7.78 -7.70 1.20
N VAL A 62 6.58 -7.69 0.59
CA VAL A 62 5.30 -7.99 1.27
C VAL A 62 4.49 -9.03 0.47
N LEU A 63 3.64 -9.78 1.18
CA LEU A 63 2.85 -10.88 0.61
C LEU A 63 1.58 -10.36 -0.10
N LYS A 64 1.56 -10.47 -1.46
CA LYS A 64 0.38 -10.13 -2.31
C LYS A 64 -0.84 -11.02 -1.96
N ASN A 65 -0.55 -12.25 -1.56
CA ASN A 65 -1.56 -13.27 -1.24
C ASN A 65 -2.11 -13.10 0.20
N SER A 66 -1.48 -12.23 1.00
CA SER A 66 -1.94 -11.87 2.35
C SER A 66 -2.78 -10.58 2.29
N SER A 67 -3.51 -10.30 3.40
CA SER A 67 -4.39 -9.13 3.50
C SER A 67 -3.56 -7.82 3.56
N LEU A 68 -4.18 -6.73 3.06
CA LEU A 68 -3.59 -5.38 3.07
C LEU A 68 -3.44 -4.87 4.52
N ALA A 69 -4.26 -5.43 5.44
CA ALA A 69 -4.17 -5.14 6.90
C ALA A 69 -2.74 -5.35 7.44
N GLU A 70 -2.03 -6.32 6.84
CA GLU A 70 -0.65 -6.67 7.22
C GLU A 70 0.33 -5.62 6.68
N PHE A 71 0.05 -5.12 5.47
CA PHE A 71 0.81 -4.01 4.85
C PHE A 71 0.72 -2.73 5.72
N VAL A 72 -0.52 -2.41 6.16
CA VAL A 72 -0.80 -1.20 6.97
C VAL A 72 -0.08 -1.23 8.32
N GLN A 73 -0.27 -2.32 9.08
CA GLN A 73 0.28 -2.46 10.45
C GLN A 73 1.82 -2.45 10.43
N SER A 74 2.44 -3.11 9.42
CA SER A 74 3.90 -3.13 9.24
C SER A 74 4.45 -1.72 8.94
N LEU A 75 3.74 -1.02 8.04
CA LEU A 75 4.11 0.33 7.60
C LEU A 75 3.94 1.36 8.74
N SER A 76 2.96 1.09 9.62
CA SER A 76 2.62 1.94 10.76
C SER A 76 3.73 1.92 11.81
N GLN A 77 4.25 0.72 12.07
CA GLN A 77 5.27 0.49 13.08
C GLN A 77 6.66 0.95 12.59
N THR A 78 6.91 0.84 11.26
CA THR A 78 8.25 1.12 10.70
C THR A 78 8.49 2.64 10.49
N MET A 79 7.42 3.40 10.15
CA MET A 79 7.54 4.86 9.84
C MET A 79 6.91 5.74 10.93
N GLY A 80 6.10 5.14 11.81
CA GLY A 80 5.41 5.89 12.86
C GLY A 80 4.14 6.57 12.39
N PHE A 81 3.69 6.25 11.17
CA PHE A 81 2.44 6.79 10.60
C PHE A 81 1.25 6.00 11.17
N PRO A 82 0.18 6.68 11.70
CA PRO A 82 -0.99 5.99 12.31
C PRO A 82 -1.69 5.08 11.29
N GLN A 83 -1.87 3.80 11.68
CA GLN A 83 -2.47 2.77 10.81
C GLN A 83 -3.91 3.13 10.39
N ASP A 84 -4.58 3.94 11.23
CA ASP A 84 -5.95 4.43 10.97
C ASP A 84 -5.96 5.43 9.80
N GLN A 85 -4.84 6.18 9.66
CA GLN A 85 -4.69 7.25 8.65
C GLN A 85 -3.71 6.86 7.53
N ILE A 86 -3.19 5.60 7.53
CA ILE A 86 -2.36 5.12 6.39
C ILE A 86 -3.23 5.06 5.14
N ARG A 87 -3.21 6.18 4.39
CA ARG A 87 -3.94 6.35 3.14
C ARG A 87 -3.01 6.01 1.98
N LEU A 88 -3.41 4.99 1.24
CA LEU A 88 -2.64 4.44 0.14
C LEU A 88 -3.01 5.18 -1.15
N TRP A 89 -2.02 5.81 -1.79
CA TRP A 89 -2.22 6.52 -3.07
C TRP A 89 -1.33 5.88 -4.14
N PRO A 90 -1.90 5.12 -5.11
CA PRO A 90 -1.08 4.43 -6.16
C PRO A 90 -0.57 5.43 -7.20
N MET A 91 0.42 5.01 -8.00
CA MET A 91 0.89 5.78 -9.18
C MET A 91 -0.16 5.72 -10.33
N GLN A 92 -1.36 6.21 -10.02
CA GLN A 92 -2.54 6.05 -10.88
C GLN A 92 -2.45 6.97 -12.11
N ALA A 93 -2.80 6.43 -13.28
CA ALA A 93 -2.74 7.15 -14.55
C ALA A 93 -3.86 8.22 -14.62
N ARG A 94 -3.55 9.39 -14.04
CA ARG A 94 -4.47 10.55 -13.97
C ARG A 94 -3.80 11.82 -14.52
N SER A 95 -2.47 11.80 -14.70
CA SER A 95 -1.67 12.98 -15.10
C SER A 95 -1.88 13.34 -16.59
N ASN A 96 -3.06 13.92 -16.89
CA ASN A 96 -3.44 14.44 -18.22
C ASN A 96 -4.37 15.64 -18.01
N GLY A 97 -3.87 16.87 -18.32
CA GLY A 97 -4.65 18.09 -18.18
C GLY A 97 -4.91 18.47 -16.72
N THR A 98 -5.94 17.84 -16.14
CA THR A 98 -6.30 17.99 -14.73
C THR A 98 -6.54 16.59 -14.15
N LYS A 99 -5.75 16.21 -13.16
CA LYS A 99 -5.85 14.88 -12.53
C LYS A 99 -6.95 14.86 -11.45
N ARG A 100 -7.54 13.69 -11.25
CA ARG A 100 -8.46 13.42 -10.15
C ARG A 100 -8.18 11.99 -9.65
N PRO A 101 -7.12 11.80 -8.80
CA PRO A 101 -6.79 10.48 -8.22
C PRO A 101 -7.65 10.18 -6.98
N ALA A 102 -7.64 8.91 -6.56
CA ALA A 102 -8.39 8.42 -5.39
C ALA A 102 -7.52 7.43 -4.61
N MET A 103 -7.68 7.44 -3.28
CA MET A 103 -6.97 6.52 -2.38
C MET A 103 -7.67 5.15 -2.38
N LEU A 104 -6.97 4.10 -1.91
CA LEU A 104 -7.59 2.81 -1.66
C LEU A 104 -8.40 2.92 -0.36
N ASP A 105 -9.69 2.52 -0.44
CA ASP A 105 -10.67 2.70 0.64
C ASP A 105 -10.24 1.91 1.89
N ASN A 106 -10.22 2.56 3.07
CA ASN A 106 -9.62 1.98 4.28
C ASN A 106 -10.47 0.80 4.85
N GLU A 107 -11.76 0.76 4.48
CA GLU A 107 -12.63 -0.38 4.83
C GLU A 107 -12.39 -1.54 3.85
N ALA A 108 -12.19 -1.20 2.58
CA ALA A 108 -12.03 -2.19 1.50
C ALA A 108 -10.69 -2.90 1.56
N ASP A 109 -9.62 -2.10 1.68
CA ASP A 109 -8.25 -2.55 1.39
C ASP A 109 -7.79 -3.65 2.37
N GLY A 110 -7.85 -3.36 3.66
CA GLY A 110 -7.33 -4.26 4.71
C GLY A 110 -8.21 -5.47 4.97
N ASN A 111 -9.40 -5.44 4.37
CA ASN A 111 -10.44 -6.47 4.56
C ASN A 111 -10.08 -7.73 3.75
N LYS A 112 -9.43 -7.49 2.60
CA LYS A 112 -9.07 -8.53 1.62
C LYS A 112 -7.56 -8.45 1.27
N THR A 113 -7.13 -9.26 0.29
CA THR A 113 -5.71 -9.37 -0.10
C THR A 113 -5.23 -8.13 -0.88
N MET A 114 -3.92 -7.83 -0.81
CA MET A 114 -3.34 -6.64 -1.44
C MET A 114 -3.08 -6.85 -2.94
N ILE A 115 -3.34 -8.07 -3.44
CA ILE A 115 -3.20 -8.41 -4.88
C ILE A 115 -4.23 -7.65 -5.73
N GLU A 116 -5.39 -7.43 -5.11
CA GLU A 116 -6.58 -6.83 -5.75
C GLU A 116 -6.34 -5.33 -6.05
N LEU A 117 -5.48 -4.73 -5.21
CA LEU A 117 -5.09 -3.32 -5.29
C LEU A 117 -3.84 -3.15 -6.17
N SER A 118 -2.86 -4.05 -5.99
CA SER A 118 -1.57 -4.00 -6.70
C SER A 118 -1.73 -4.29 -8.19
N ASP A 119 -2.79 -5.05 -8.53
CA ASP A 119 -3.12 -5.43 -9.92
C ASP A 119 -2.00 -6.34 -10.49
N ASN A 120 -1.38 -7.13 -9.58
CA ASN A 120 -0.28 -8.09 -9.89
C ASN A 120 1.03 -7.37 -10.25
N GLU A 121 1.20 -6.13 -9.74
CA GLU A 121 2.44 -5.34 -9.96
C GLU A 121 3.58 -5.77 -9.02
N ASN A 122 4.81 -5.66 -9.56
CA ASN A 122 6.05 -5.88 -8.82
C ASN A 122 7.21 -5.17 -9.57
N PRO A 123 7.73 -3.99 -9.06
CA PRO A 123 7.26 -3.35 -7.82
C PRO A 123 6.06 -2.41 -8.03
N TRP A 124 5.18 -2.39 -7.02
CA TRP A 124 3.98 -1.55 -7.01
C TRP A 124 4.32 -0.23 -6.30
N THR A 125 4.29 0.87 -7.05
CA THR A 125 4.62 2.20 -6.54
C THR A 125 3.39 2.83 -5.85
N ILE A 126 3.61 3.34 -4.63
CA ILE A 126 2.55 3.95 -3.83
C ILE A 126 3.14 5.09 -2.97
N PHE A 127 2.26 5.99 -2.53
CA PHE A 127 2.58 7.10 -1.64
C PHE A 127 1.89 6.84 -0.28
N LEU A 128 2.63 7.06 0.81
CA LEU A 128 2.10 6.93 2.17
C LEU A 128 1.58 8.32 2.61
N GLU A 129 0.26 8.42 2.80
CA GLU A 129 -0.40 9.65 3.29
C GLU A 129 -0.88 9.46 4.75
N THR A 130 -1.00 10.58 5.48
CA THR A 130 -1.45 10.60 6.87
C THR A 130 -2.85 11.29 6.92
N PRO A 3 -23.63 2.51 1.09
CA PRO A 3 -23.04 1.75 2.23
C PRO A 3 -22.44 0.43 1.73
N GLN A 4 -23.32 -0.45 1.18
CA GLN A 4 -22.98 -1.84 0.80
C GLN A 4 -22.04 -1.87 -0.42
N GLN A 5 -21.99 -0.76 -1.19
CA GLN A 5 -21.13 -0.64 -2.38
C GLN A 5 -19.63 -0.88 -2.06
N LEU A 6 -19.25 -0.59 -0.79
CA LEU A 6 -17.89 -0.80 -0.28
C LEU A 6 -17.54 -2.31 -0.27
N VAL A 7 -18.41 -3.12 0.36
CA VAL A 7 -18.21 -4.59 0.43
C VAL A 7 -18.53 -5.24 -0.93
N GLU A 8 -19.38 -4.60 -1.74
CA GLU A 8 -19.80 -5.13 -3.04
C GLU A 8 -18.63 -5.09 -4.05
N ARG A 9 -18.01 -3.90 -4.18
CA ARG A 9 -16.86 -3.70 -5.07
C ARG A 9 -15.63 -4.44 -4.53
N LEU A 10 -15.60 -4.60 -3.18
CA LEU A 10 -14.59 -5.42 -2.48
C LEU A 10 -14.68 -6.84 -3.05
N GLN A 11 -15.90 -7.42 -3.03
CA GLN A 11 -16.20 -8.79 -3.51
C GLN A 11 -15.94 -8.92 -5.02
N GLU A 12 -16.25 -7.85 -5.76
CA GLU A 12 -16.06 -7.76 -7.23
C GLU A 12 -14.59 -8.06 -7.62
N GLU A 13 -13.67 -7.51 -6.82
CA GLU A 13 -12.21 -7.74 -7.00
C GLU A 13 -11.78 -9.05 -6.31
N LYS A 14 -12.40 -9.33 -5.15
CA LYS A 14 -12.10 -10.46 -4.23
C LYS A 14 -12.31 -11.85 -4.87
N ARG A 15 -13.08 -11.89 -5.99
CA ARG A 15 -13.34 -13.13 -6.77
C ARG A 15 -12.05 -13.97 -7.08
N ILE A 16 -10.88 -13.31 -7.13
CA ILE A 16 -9.60 -13.97 -7.49
C ILE A 16 -9.07 -14.91 -6.38
N GLU A 17 -9.70 -14.84 -5.17
CA GLU A 17 -9.33 -15.69 -4.01
C GLU A 17 -9.45 -17.19 -4.32
N ALA A 18 -10.29 -17.56 -5.28
CA ALA A 18 -10.44 -18.97 -5.70
C ALA A 18 -9.07 -19.59 -6.12
N GLN A 19 -8.19 -18.72 -6.65
CA GLN A 19 -6.77 -19.07 -6.93
C GLN A 19 -5.85 -18.67 -5.74
N LYS A 20 -6.11 -17.48 -5.18
CA LYS A 20 -5.15 -16.76 -4.29
C LYS A 20 -5.15 -17.28 -2.83
N ARG A 21 -6.21 -18.02 -2.44
CA ARG A 21 -6.32 -18.63 -1.09
C ARG A 21 -5.39 -19.83 -0.91
N LYS A 22 -4.73 -20.25 -2.01
CA LYS A 22 -3.65 -21.24 -1.98
C LYS A 22 -2.36 -20.56 -1.46
N GLU A 23 -2.41 -20.17 -0.18
CA GLU A 23 -1.32 -19.43 0.48
C GLU A 23 -0.28 -20.46 0.94
N ARG A 24 0.98 -20.05 0.98
CA ARG A 24 2.11 -20.92 1.33
C ARG A 24 3.15 -20.07 2.07
N GLN A 25 4.00 -20.70 2.90
CA GLN A 25 5.00 -19.97 3.72
C GLN A 25 5.97 -19.13 2.86
N GLU A 26 6.63 -18.15 3.50
CA GLU A 26 7.41 -17.05 2.83
C GLU A 26 8.27 -17.55 1.63
N ALA A 27 7.89 -17.08 0.43
CA ALA A 27 8.43 -17.54 -0.85
C ALA A 27 8.30 -16.43 -1.92
N HIS A 28 8.19 -16.83 -3.22
CA HIS A 28 7.96 -15.91 -4.37
C HIS A 28 6.70 -15.01 -4.24
N LEU A 29 5.84 -15.27 -3.23
CA LEU A 29 4.68 -14.39 -2.91
C LEU A 29 5.13 -13.11 -2.16
N TYR A 30 6.44 -12.98 -1.90
CA TYR A 30 7.10 -11.85 -1.17
C TYR A 30 7.09 -10.49 -1.90
N MET A 31 6.04 -10.22 -2.72
CA MET A 31 5.83 -8.95 -3.50
C MET A 31 6.54 -7.73 -2.91
N GLN A 32 7.39 -7.11 -3.73
CA GLN A 32 8.10 -5.90 -3.37
C GLN A 32 7.20 -4.70 -3.67
N VAL A 33 7.15 -3.77 -2.73
CA VAL A 33 6.29 -2.59 -2.83
C VAL A 33 7.15 -1.33 -2.59
N GLN A 34 7.07 -0.40 -3.53
CA GLN A 34 7.79 0.87 -3.49
C GLN A 34 7.01 1.87 -2.64
N ILE A 35 7.54 2.17 -1.45
CA ILE A 35 6.94 3.14 -0.54
C ILE A 35 7.86 4.34 -0.41
N VAL A 36 7.26 5.54 -0.35
CA VAL A 36 7.93 6.76 0.07
C VAL A 36 7.04 7.50 1.06
N ALA A 37 7.63 7.90 2.18
CA ALA A 37 7.01 8.74 3.19
C ALA A 37 8.06 9.75 3.66
N GLU A 38 7.89 11.01 3.22
CA GLU A 38 8.84 12.09 3.49
C GLU A 38 8.81 12.46 4.99
N ASP A 39 9.67 11.78 5.75
CA ASP A 39 9.73 11.85 7.22
C ASP A 39 10.65 13.01 7.69
N GLN A 40 11.20 13.79 6.75
CA GLN A 40 12.08 14.96 7.06
C GLN A 40 11.30 16.06 7.82
N PHE A 41 9.96 15.99 7.77
CA PHE A 41 9.06 16.87 8.54
C PHE A 41 9.15 16.57 10.05
N CYS A 42 9.38 15.29 10.38
CA CYS A 42 9.64 14.85 11.77
C CYS A 42 11.13 15.02 12.09
N GLY A 43 11.98 14.27 11.36
CA GLY A 43 13.45 14.43 11.44
C GLY A 43 13.90 15.70 10.71
N HIS A 44 13.71 16.86 11.35
CA HIS A 44 13.94 18.19 10.76
C HIS A 44 15.45 18.51 10.70
N GLN A 45 16.11 17.95 9.67
CA GLN A 45 17.55 18.14 9.41
C GLN A 45 17.88 17.70 7.96
N GLY A 46 19.15 17.86 7.57
CA GLY A 46 19.63 17.42 6.27
C GLY A 46 21.14 17.21 6.30
N ASN A 47 21.56 16.07 6.87
CA ASN A 47 23.00 15.72 7.00
C ASN A 47 23.63 15.41 5.63
N ASP A 48 22.78 15.00 4.65
CA ASP A 48 23.22 14.58 3.29
C ASP A 48 24.03 13.24 3.39
N MET A 49 23.98 12.61 4.57
CA MET A 49 24.71 11.38 4.90
C MET A 49 23.71 10.35 5.40
N TYR A 50 23.05 9.67 4.45
CA TYR A 50 22.02 8.65 4.71
C TYR A 50 20.86 9.24 5.55
N ASP A 51 20.12 10.18 4.93
CA ASP A 51 18.89 10.73 5.51
C ASP A 51 17.78 9.70 5.33
N GLU A 52 17.58 8.86 6.37
CA GLU A 52 16.55 7.80 6.39
C GLU A 52 15.12 8.39 6.33
N GLU A 53 15.04 9.71 6.53
CA GLU A 53 13.82 10.49 6.47
C GLU A 53 13.42 10.73 5.00
N LYS A 54 14.45 10.90 4.15
CA LYS A 54 14.28 11.24 2.74
C LYS A 54 15.19 10.35 1.86
N VAL A 55 15.26 9.06 2.23
CA VAL A 55 15.81 8.02 1.34
C VAL A 55 14.86 7.78 0.15
N LYS A 56 15.38 7.06 -0.85
CA LYS A 56 14.61 6.68 -2.04
C LYS A 56 13.63 5.54 -1.71
N TYR A 57 12.99 4.99 -2.74
CA TYR A 57 11.91 4.01 -2.61
C TYR A 57 12.28 2.81 -1.73
N THR A 58 11.71 2.77 -0.51
CA THR A 58 11.90 1.68 0.42
C THR A 58 11.08 0.46 -0.05
N VAL A 59 11.79 -0.67 -0.18
CA VAL A 59 11.26 -1.88 -0.81
C VAL A 59 10.88 -2.89 0.28
N PHE A 60 9.57 -2.97 0.58
CA PHE A 60 9.03 -3.94 1.54
C PHE A 60 8.54 -5.17 0.78
N LYS A 61 9.15 -6.31 1.06
CA LYS A 61 8.83 -7.59 0.42
C LYS A 61 7.88 -8.36 1.34
N VAL A 62 6.60 -8.42 0.95
CA VAL A 62 5.51 -8.99 1.76
C VAL A 62 4.60 -9.85 0.87
N LEU A 63 3.77 -10.69 1.49
CA LEU A 63 2.85 -11.58 0.78
C LEU A 63 1.77 -10.75 0.04
N LYS A 64 1.78 -10.86 -1.30
CA LYS A 64 0.79 -10.24 -2.20
C LYS A 64 -0.62 -10.79 -1.91
N ASN A 65 -0.65 -12.06 -1.50
CA ASN A 65 -1.86 -12.80 -1.15
C ASN A 65 -2.19 -12.69 0.37
N SER A 66 -1.56 -11.70 1.05
CA SER A 66 -1.89 -11.31 2.44
C SER A 66 -2.86 -10.11 2.42
N SER A 67 -3.57 -9.91 3.54
CA SER A 67 -4.51 -8.78 3.71
C SER A 67 -3.75 -7.44 3.71
N LEU A 68 -4.41 -6.39 3.19
CA LEU A 68 -3.87 -5.03 3.15
C LEU A 68 -3.74 -4.50 4.61
N ALA A 69 -4.59 -5.01 5.52
CA ALA A 69 -4.50 -4.74 6.98
C ALA A 69 -3.12 -5.11 7.56
N GLU A 70 -2.55 -6.23 7.07
CA GLU A 70 -1.24 -6.73 7.50
C GLU A 70 -0.12 -5.83 6.93
N PHE A 71 -0.33 -5.33 5.71
CA PHE A 71 0.58 -4.38 5.06
C PHE A 71 0.64 -3.04 5.84
N VAL A 72 -0.54 -2.52 6.22
CA VAL A 72 -0.69 -1.23 6.93
C VAL A 72 0.00 -1.28 8.30
N GLN A 73 -0.27 -2.35 9.08
CA GLN A 73 0.27 -2.48 10.44
C GLN A 73 1.80 -2.66 10.43
N SER A 74 2.32 -3.35 9.39
CA SER A 74 3.77 -3.49 9.17
C SER A 74 4.41 -2.12 8.86
N LEU A 75 3.71 -1.35 8.01
CA LEU A 75 4.14 0.00 7.59
C LEU A 75 4.05 0.99 8.79
N SER A 76 3.11 0.70 9.69
CA SER A 76 2.85 1.51 10.88
C SER A 76 3.95 1.34 11.93
N GLN A 77 4.52 0.12 12.02
CA GLN A 77 5.58 -0.18 12.98
C GLN A 77 6.97 0.22 12.45
N THR A 78 7.17 0.11 11.12
CA THR A 78 8.49 0.38 10.50
C THR A 78 8.77 1.90 10.38
N MET A 79 7.73 2.71 10.14
CA MET A 79 7.87 4.18 9.98
C MET A 79 7.36 4.93 11.23
N GLY A 80 6.42 4.30 11.95
CA GLY A 80 5.81 4.92 13.13
C GLY A 80 4.54 5.72 12.81
N PHE A 81 4.09 5.66 11.54
CA PHE A 81 2.83 6.31 11.10
C PHE A 81 1.63 5.55 11.69
N PRO A 82 0.64 6.26 12.34
CA PRO A 82 -0.55 5.59 12.93
C PRO A 82 -1.35 4.81 11.86
N GLN A 83 -1.57 3.51 12.13
CA GLN A 83 -2.18 2.57 11.17
C GLN A 83 -3.61 2.97 10.77
N ASP A 84 -4.35 3.61 11.71
CA ASP A 84 -5.70 4.12 11.43
C ASP A 84 -5.65 5.27 10.41
N GLN A 85 -4.55 6.04 10.45
CA GLN A 85 -4.35 7.21 9.57
C GLN A 85 -3.55 6.86 8.31
N ILE A 86 -3.07 5.60 8.16
CA ILE A 86 -2.40 5.17 6.93
C ILE A 86 -3.43 5.09 5.78
N ARG A 87 -3.47 6.16 4.96
CA ARG A 87 -4.10 6.11 3.63
C ARG A 87 -3.00 5.85 2.61
N LEU A 88 -3.39 5.42 1.43
CA LEU A 88 -2.45 5.04 0.36
C LEU A 88 -2.90 5.66 -0.96
N TRP A 89 -1.93 6.02 -1.83
CA TRP A 89 -2.19 6.67 -3.13
C TRP A 89 -1.37 5.94 -4.21
N PRO A 90 -2.02 5.19 -5.16
CA PRO A 90 -1.28 4.44 -6.21
C PRO A 90 -0.73 5.39 -7.28
N MET A 91 0.57 5.20 -7.66
CA MET A 91 1.30 6.10 -8.59
C MET A 91 0.47 6.46 -9.84
N GLN A 92 0.20 7.77 -10.02
CA GLN A 92 -0.60 8.27 -11.15
C GLN A 92 0.16 9.38 -11.89
N ALA A 93 0.00 9.40 -13.22
CA ALA A 93 0.55 10.47 -14.10
C ALA A 93 -0.56 11.49 -14.45
N ARG A 94 -1.58 11.57 -13.58
CA ARG A 94 -2.77 12.42 -13.76
C ARG A 94 -2.52 13.84 -13.19
N SER A 95 -3.14 14.83 -13.82
CA SER A 95 -3.12 16.24 -13.35
C SER A 95 -4.16 16.44 -12.22
N ASN A 96 -4.31 17.71 -11.77
CA ASN A 96 -5.22 18.06 -10.66
C ASN A 96 -6.68 17.66 -10.99
N GLY A 97 -7.17 16.61 -10.31
CA GLY A 97 -8.55 16.13 -10.43
C GLY A 97 -8.93 15.59 -11.81
N THR A 98 -7.94 15.05 -12.56
CA THR A 98 -8.17 14.48 -13.91
C THR A 98 -9.27 13.38 -13.89
N LYS A 99 -9.06 12.38 -13.04
CA LYS A 99 -10.02 11.29 -12.82
C LYS A 99 -10.71 11.44 -11.46
N ARG A 100 -10.49 12.61 -10.81
CA ARG A 100 -10.88 12.88 -9.41
C ARG A 100 -10.36 11.74 -8.48
N PRO A 101 -9.01 11.49 -8.44
CA PRO A 101 -8.46 10.31 -7.74
C PRO A 101 -8.48 10.45 -6.21
N ALA A 102 -9.12 9.49 -5.55
CA ALA A 102 -9.14 9.37 -4.09
C ALA A 102 -8.07 8.37 -3.63
N MET A 103 -7.86 8.30 -2.32
CA MET A 103 -7.06 7.24 -1.69
C MET A 103 -7.81 5.91 -1.78
N LEU A 104 -7.12 4.81 -1.43
CA LEU A 104 -7.76 3.51 -1.34
C LEU A 104 -8.80 3.49 -0.18
N ASP A 105 -10.00 2.94 -0.46
CA ASP A 105 -11.06 2.77 0.57
C ASP A 105 -10.55 1.84 1.66
N ASN A 106 -10.44 2.31 2.91
CA ASN A 106 -9.91 1.49 4.01
C ASN A 106 -10.82 0.26 4.27
N GLU A 107 -12.11 0.39 3.92
CA GLU A 107 -13.08 -0.70 4.01
C GLU A 107 -12.75 -1.83 3.02
N ALA A 108 -12.74 -1.51 1.71
CA ALA A 108 -12.42 -2.50 0.66
C ALA A 108 -10.94 -2.88 0.77
N ASP A 109 -10.12 -1.86 0.55
CA ASP A 109 -8.67 -1.96 0.39
C ASP A 109 -7.95 -1.87 1.75
N GLY A 110 -8.59 -2.44 2.77
CA GLY A 110 -7.93 -2.73 4.05
C GLY A 110 -8.30 -4.12 4.53
N ASN A 111 -9.43 -4.65 4.04
CA ASN A 111 -9.99 -5.94 4.50
C ASN A 111 -9.52 -7.09 3.61
N LYS A 112 -9.38 -6.85 2.28
CA LYS A 112 -9.02 -7.91 1.32
C LYS A 112 -7.50 -7.89 1.02
N THR A 113 -7.07 -8.82 0.14
CA THR A 113 -5.66 -9.02 -0.21
C THR A 113 -5.11 -7.87 -1.07
N MET A 114 -3.80 -7.61 -0.93
CA MET A 114 -3.12 -6.52 -1.64
C MET A 114 -2.79 -6.90 -3.10
N ILE A 115 -3.12 -8.15 -3.50
CA ILE A 115 -2.93 -8.66 -4.88
C ILE A 115 -3.89 -7.96 -5.85
N GLU A 116 -5.09 -7.66 -5.33
CA GLU A 116 -6.20 -7.07 -6.09
C GLU A 116 -5.81 -5.65 -6.53
N LEU A 117 -5.11 -4.98 -5.60
CA LEU A 117 -4.65 -3.60 -5.75
C LEU A 117 -3.38 -3.53 -6.62
N SER A 118 -2.44 -4.47 -6.38
CA SER A 118 -1.16 -4.51 -7.10
C SER A 118 -1.32 -4.99 -8.54
N ASP A 119 -2.45 -5.69 -8.81
CA ASP A 119 -2.80 -6.24 -10.14
C ASP A 119 -1.77 -7.34 -10.54
N ASN A 120 -1.32 -8.11 -9.53
CA ASN A 120 -0.30 -9.18 -9.67
C ASN A 120 1.07 -8.59 -10.13
N GLU A 121 1.34 -7.34 -9.74
CA GLU A 121 2.55 -6.61 -10.18
C GLU A 121 3.41 -6.18 -8.97
N ASN A 122 4.73 -6.22 -9.17
CA ASN A 122 5.76 -5.80 -8.19
C ASN A 122 7.08 -5.50 -8.94
N PRO A 123 7.83 -4.38 -8.62
CA PRO A 123 7.56 -3.46 -7.50
C PRO A 123 6.38 -2.49 -7.79
N TRP A 124 5.41 -2.46 -6.87
CA TRP A 124 4.21 -1.63 -6.99
C TRP A 124 4.39 -0.35 -6.16
N THR A 125 4.27 0.81 -6.79
CA THR A 125 4.52 2.11 -6.14
C THR A 125 3.23 2.67 -5.51
N ILE A 126 3.36 3.15 -4.26
CA ILE A 126 2.25 3.75 -3.51
C ILE A 126 2.82 4.77 -2.50
N PHE A 127 2.05 5.84 -2.24
CA PHE A 127 2.44 6.94 -1.34
C PHE A 127 1.74 6.75 0.01
N LEU A 128 2.50 6.89 1.11
CA LEU A 128 1.98 6.77 2.48
C LEU A 128 1.44 8.15 2.93
N GLU A 129 0.16 8.17 3.33
CA GLU A 129 -0.54 9.36 3.83
C GLU A 129 -0.82 9.21 5.34
N THR A 130 -0.85 10.34 6.07
CA THR A 130 -1.15 10.37 7.51
C THR A 130 -2.43 11.23 7.74
N PRO A 3 -24.17 1.82 2.41
CA PRO A 3 -23.11 0.85 2.77
C PRO A 3 -22.75 -0.07 1.58
N GLN A 4 -23.73 -0.31 0.67
CA GLN A 4 -23.62 -1.34 -0.38
C GLN A 4 -22.56 -0.99 -1.43
N GLN A 5 -22.18 0.30 -1.53
CA GLN A 5 -21.21 0.80 -2.53
C GLN A 5 -19.81 0.17 -2.33
N LEU A 6 -19.36 0.09 -1.06
CA LEU A 6 -17.99 -0.35 -0.73
C LEU A 6 -17.87 -1.89 -0.68
N VAL A 7 -18.98 -2.60 -0.46
CA VAL A 7 -18.99 -4.09 -0.54
C VAL A 7 -19.14 -4.55 -1.99
N GLU A 8 -19.83 -3.74 -2.83
CA GLU A 8 -20.02 -4.04 -4.26
C GLU A 8 -18.67 -4.05 -4.98
N ARG A 9 -17.95 -2.90 -4.90
CA ARG A 9 -16.59 -2.75 -5.47
C ARG A 9 -15.63 -3.81 -4.90
N LEU A 10 -15.84 -4.14 -3.61
CA LEU A 10 -15.01 -5.10 -2.89
C LEU A 10 -15.14 -6.49 -3.52
N GLN A 11 -16.39 -6.85 -3.89
CA GLN A 11 -16.70 -8.12 -4.57
C GLN A 11 -16.06 -8.18 -5.96
N GLU A 12 -16.10 -7.03 -6.68
CA GLU A 12 -15.54 -6.90 -8.05
C GLU A 12 -14.03 -7.18 -8.07
N GLU A 13 -13.36 -6.89 -6.94
CA GLU A 13 -11.93 -7.15 -6.76
C GLU A 13 -11.70 -8.59 -6.22
N LYS A 14 -12.26 -8.87 -5.02
CA LYS A 14 -11.98 -10.08 -4.20
C LYS A 14 -12.39 -11.39 -4.88
N ARG A 15 -13.20 -11.30 -5.96
CA ARG A 15 -13.61 -12.48 -6.74
C ARG A 15 -12.41 -13.31 -7.27
N ILE A 16 -11.18 -12.70 -7.31
CA ILE A 16 -9.95 -13.44 -7.71
C ILE A 16 -9.58 -14.51 -6.66
N GLU A 17 -9.95 -14.25 -5.38
CA GLU A 17 -9.68 -15.15 -4.23
C GLU A 17 -10.38 -16.52 -4.39
N ALA A 18 -11.34 -16.60 -5.33
CA ALA A 18 -12.00 -17.89 -5.70
C ALA A 18 -10.99 -18.91 -6.28
N GLN A 19 -9.76 -18.43 -6.61
CA GLN A 19 -8.66 -19.27 -7.12
C GLN A 19 -7.28 -18.79 -6.58
N LYS A 20 -7.21 -17.54 -6.07
CA LYS A 20 -5.95 -16.93 -5.55
C LYS A 20 -5.72 -17.33 -4.08
N ARG A 21 -6.82 -17.47 -3.31
CA ARG A 21 -6.77 -17.83 -1.88
C ARG A 21 -6.40 -19.33 -1.68
N LYS A 22 -6.19 -20.02 -2.82
CA LYS A 22 -5.49 -21.33 -2.91
C LYS A 22 -4.15 -21.28 -2.13
N GLU A 23 -3.47 -20.13 -2.26
CA GLU A 23 -2.18 -19.87 -1.61
C GLU A 23 -2.40 -18.98 -0.36
N ARG A 24 -2.05 -19.52 0.81
CA ARG A 24 -1.96 -18.76 2.08
C ARG A 24 -0.60 -19.01 2.74
N GLN A 25 0.26 -19.77 2.03
CA GLN A 25 1.61 -20.14 2.49
C GLN A 25 2.60 -19.03 2.15
N GLU A 26 3.65 -18.88 2.98
CA GLU A 26 4.76 -17.97 2.67
C GLU A 26 5.67 -18.62 1.60
N ALA A 27 5.53 -18.10 0.38
CA ALA A 27 6.23 -18.61 -0.82
C ALA A 27 6.55 -17.41 -1.73
N HIS A 28 6.67 -17.63 -3.06
CA HIS A 28 7.03 -16.58 -4.05
C HIS A 28 6.04 -15.39 -4.13
N LEU A 29 4.99 -15.40 -3.27
CA LEU A 29 3.98 -14.34 -3.19
C LEU A 29 4.53 -13.05 -2.53
N TYR A 30 5.83 -13.05 -2.13
CA TYR A 30 6.61 -11.93 -1.53
C TYR A 30 6.73 -10.62 -2.38
N MET A 31 5.78 -10.36 -3.32
CA MET A 31 5.82 -9.22 -4.29
C MET A 31 6.29 -7.92 -3.62
N GLN A 32 7.17 -7.18 -4.31
CA GLN A 32 7.81 -6.01 -3.73
C GLN A 32 6.89 -4.80 -3.90
N VAL A 33 6.99 -3.86 -2.97
CA VAL A 33 6.19 -2.65 -2.96
C VAL A 33 7.12 -1.45 -2.66
N GLN A 34 7.07 -0.47 -3.55
CA GLN A 34 7.85 0.77 -3.45
C GLN A 34 7.05 1.79 -2.63
N ILE A 35 7.65 2.24 -1.51
CA ILE A 35 6.99 3.18 -0.56
C ILE A 35 7.86 4.44 -0.41
N VAL A 36 7.22 5.61 -0.33
CA VAL A 36 7.90 6.86 0.10
C VAL A 36 7.00 7.62 1.08
N ALA A 37 7.60 8.05 2.19
CA ALA A 37 6.95 8.92 3.19
C ALA A 37 7.95 9.98 3.62
N GLU A 38 8.02 11.08 2.87
CA GLU A 38 8.96 12.17 3.13
C GLU A 38 8.34 13.13 4.15
N ASP A 39 8.59 12.81 5.44
CA ASP A 39 8.11 13.58 6.62
C ASP A 39 8.58 15.04 6.61
N GLN A 40 9.70 15.32 5.91
CA GLN A 40 10.35 16.65 5.87
C GLN A 40 9.37 17.83 5.59
N PHE A 41 8.33 17.55 4.77
CA PHE A 41 7.21 18.50 4.54
C PHE A 41 6.51 18.93 5.86
N CYS A 42 6.18 17.94 6.70
CA CYS A 42 5.52 18.15 8.00
C CYS A 42 6.57 18.35 9.11
N GLY A 43 7.30 17.26 9.44
CA GLY A 43 8.37 17.32 10.45
C GLY A 43 9.70 17.79 9.87
N HIS A 44 10.82 17.27 10.40
CA HIS A 44 12.18 17.74 10.05
C HIS A 44 13.23 16.64 10.30
N GLN A 45 13.58 15.90 9.23
CA GLN A 45 14.67 14.91 9.28
C GLN A 45 15.10 14.57 7.85
N GLY A 46 15.98 15.43 7.31
CA GLY A 46 16.58 15.26 6.00
C GLY A 46 18.02 15.70 6.02
N ASN A 47 18.77 15.05 6.93
CA ASN A 47 20.14 15.45 7.29
C ASN A 47 21.12 15.13 6.14
N ASP A 48 21.44 13.84 5.99
CA ASP A 48 22.50 13.33 5.10
C ASP A 48 22.61 11.82 5.27
N MET A 49 22.45 11.36 6.52
CA MET A 49 22.38 9.93 6.87
C MET A 49 21.09 9.29 6.30
N TYR A 50 21.00 7.95 6.30
CA TYR A 50 19.81 7.20 5.90
C TYR A 50 18.61 7.59 6.83
N ASP A 51 17.92 8.68 6.47
CA ASP A 51 16.72 9.15 7.15
C ASP A 51 15.51 8.50 6.47
N GLU A 52 14.94 7.46 7.09
CA GLU A 52 13.93 6.58 6.43
C GLU A 52 12.62 7.33 6.04
N GLU A 53 12.43 8.52 6.63
CA GLU A 53 11.31 9.44 6.32
C GLU A 53 11.77 10.58 5.39
N LYS A 54 12.85 10.34 4.66
CA LYS A 54 13.39 11.27 3.68
C LYS A 54 13.89 10.51 2.44
N VAL A 55 14.42 9.28 2.66
CA VAL A 55 15.12 8.49 1.63
C VAL A 55 14.24 8.18 0.40
N LYS A 56 14.89 7.59 -0.61
CA LYS A 56 14.25 7.10 -1.85
C LYS A 56 13.21 5.99 -1.55
N TYR A 57 12.63 5.45 -2.63
CA TYR A 57 11.64 4.37 -2.57
C TYR A 57 12.15 3.13 -1.79
N THR A 58 11.64 2.98 -0.55
CA THR A 58 11.90 1.83 0.31
C THR A 58 11.08 0.62 -0.17
N VAL A 59 11.78 -0.48 -0.43
CA VAL A 59 11.21 -1.68 -1.05
C VAL A 59 10.97 -2.77 0.02
N PHE A 60 9.67 -3.05 0.29
CA PHE A 60 9.25 -4.11 1.21
C PHE A 60 8.70 -5.28 0.39
N LYS A 61 9.15 -6.50 0.70
CA LYS A 61 8.69 -7.73 0.04
C LYS A 61 7.54 -8.31 0.86
N VAL A 62 6.33 -8.23 0.32
CA VAL A 62 5.08 -8.54 1.04
C VAL A 62 4.28 -9.59 0.27
N LEU A 63 3.63 -10.47 1.03
CA LEU A 63 2.76 -11.51 0.49
C LEU A 63 1.48 -10.87 -0.10
N LYS A 64 1.22 -11.14 -1.39
CA LYS A 64 0.04 -10.62 -2.12
C LYS A 64 -1.26 -11.23 -1.58
N ASN A 65 -1.12 -12.48 -1.11
CA ASN A 65 -2.21 -13.27 -0.49
C ASN A 65 -2.44 -12.85 0.98
N SER A 66 -1.56 -11.98 1.51
CA SER A 66 -1.73 -11.33 2.82
C SER A 66 -2.69 -10.14 2.65
N SER A 67 -3.51 -9.88 3.70
CA SER A 67 -4.40 -8.71 3.73
C SER A 67 -3.59 -7.41 3.86
N LEU A 68 -4.18 -6.32 3.35
CA LEU A 68 -3.53 -4.99 3.29
C LEU A 68 -3.31 -4.47 4.73
N ALA A 69 -4.15 -4.92 5.69
CA ALA A 69 -4.01 -4.60 7.13
C ALA A 69 -2.66 -5.07 7.71
N GLU A 70 -2.16 -6.22 7.19
CA GLU A 70 -0.86 -6.79 7.60
C GLU A 70 0.29 -5.93 7.05
N PHE A 71 0.11 -5.44 5.81
CA PHE A 71 1.03 -4.48 5.19
C PHE A 71 1.06 -3.13 5.98
N VAL A 72 -0.13 -2.67 6.40
CA VAL A 72 -0.32 -1.41 7.12
C VAL A 72 0.34 -1.46 8.50
N GLN A 73 0.10 -2.55 9.26
CA GLN A 73 0.64 -2.69 10.63
C GLN A 73 2.18 -2.81 10.61
N SER A 74 2.72 -3.46 9.55
CA SER A 74 4.17 -3.54 9.32
C SER A 74 4.76 -2.13 9.07
N LEU A 75 4.06 -1.36 8.21
CA LEU A 75 4.44 0.01 7.83
C LEU A 75 4.25 0.99 9.03
N SER A 76 3.31 0.63 9.92
CA SER A 76 2.96 1.40 11.12
C SER A 76 4.09 1.35 12.16
N GLN A 77 4.73 0.18 12.27
CA GLN A 77 5.80 -0.03 13.26
C GLN A 77 7.15 0.52 12.74
N THR A 78 7.36 0.42 11.41
CA THR A 78 8.65 0.81 10.81
C THR A 78 8.77 2.34 10.58
N MET A 79 7.62 3.04 10.39
CA MET A 79 7.62 4.51 10.14
C MET A 79 6.92 5.29 11.28
N GLY A 80 6.14 4.59 12.11
CA GLY A 80 5.44 5.22 13.24
C GLY A 80 4.10 5.86 12.87
N PHE A 81 3.66 5.66 11.62
CA PHE A 81 2.38 6.20 11.09
C PHE A 81 1.19 5.40 11.67
N PRO A 82 0.01 6.06 11.94
CA PRO A 82 -1.15 5.38 12.58
C PRO A 82 -1.78 4.34 11.62
N GLN A 83 -1.84 3.08 12.08
CA GLN A 83 -2.36 1.94 11.27
C GLN A 83 -3.88 2.03 11.05
N ASP A 84 -4.54 2.93 11.78
CA ASP A 84 -5.96 3.25 11.59
C ASP A 84 -6.15 4.20 10.41
N GLN A 85 -5.11 5.03 10.12
CA GLN A 85 -5.21 6.13 9.14
C GLN A 85 -4.09 6.05 8.06
N ILE A 86 -3.31 4.93 8.00
CA ILE A 86 -2.36 4.72 6.88
C ILE A 86 -3.15 4.62 5.57
N ARG A 87 -3.14 5.75 4.84
CA ARG A 87 -3.75 5.86 3.51
C ARG A 87 -2.62 5.79 2.49
N LEU A 88 -2.98 5.52 1.24
CA LEU A 88 -2.02 5.21 0.18
C LEU A 88 -2.47 5.85 -1.14
N TRP A 89 -1.51 6.20 -2.00
CA TRP A 89 -1.78 6.85 -3.31
C TRP A 89 -1.02 6.07 -4.39
N PRO A 90 -1.71 5.38 -5.36
CA PRO A 90 -1.00 4.59 -6.39
C PRO A 90 -0.26 5.49 -7.40
N MET A 91 0.76 4.93 -8.08
CA MET A 91 1.47 5.61 -9.18
C MET A 91 0.52 5.86 -10.38
N GLN A 92 -0.30 6.89 -10.22
CA GLN A 92 -1.33 7.27 -11.19
C GLN A 92 -0.87 8.57 -11.86
N ALA A 93 -0.76 8.55 -13.20
CA ALA A 93 -0.35 9.71 -14.01
C ALA A 93 -1.46 10.78 -13.95
N ARG A 94 -1.47 11.54 -12.84
CA ARG A 94 -2.52 12.49 -12.50
C ARG A 94 -1.89 13.73 -11.87
N SER A 95 -2.36 14.93 -12.28
CA SER A 95 -1.93 16.20 -11.71
C SER A 95 -2.50 16.33 -10.28
N ASN A 96 -1.67 15.98 -9.28
CA ASN A 96 -2.08 15.96 -7.85
C ASN A 96 -2.20 17.40 -7.30
N GLY A 97 -3.16 17.61 -6.38
CA GLY A 97 -3.38 18.91 -5.74
C GLY A 97 -4.81 19.41 -5.92
N THR A 98 -4.99 20.45 -6.77
CA THR A 98 -6.29 21.12 -7.03
C THR A 98 -7.32 20.14 -7.67
N LYS A 99 -6.82 19.20 -8.49
CA LYS A 99 -7.64 18.18 -9.18
C LYS A 99 -8.41 17.31 -8.17
N ARG A 100 -7.76 17.03 -7.04
CA ARG A 100 -8.24 16.11 -5.99
C ARG A 100 -8.36 14.67 -6.54
N PRO A 101 -7.24 13.89 -6.59
CA PRO A 101 -7.30 12.44 -6.86
C PRO A 101 -7.74 11.71 -5.58
N ALA A 102 -7.96 10.39 -5.68
CA ALA A 102 -8.42 9.59 -4.53
C ALA A 102 -7.34 8.63 -4.04
N MET A 103 -7.28 8.46 -2.73
CA MET A 103 -6.45 7.44 -2.07
C MET A 103 -7.19 6.08 -2.12
N LEU A 104 -6.52 5.02 -1.64
CA LEU A 104 -7.17 3.71 -1.48
C LEU A 104 -8.08 3.74 -0.24
N ASP A 105 -9.24 3.07 -0.34
CA ASP A 105 -10.28 3.07 0.70
C ASP A 105 -9.78 2.33 1.95
N ASN A 106 -9.99 2.91 3.14
CA ASN A 106 -9.47 2.35 4.41
C ASN A 106 -10.21 1.05 4.80
N GLU A 107 -11.49 0.93 4.38
CA GLU A 107 -12.31 -0.27 4.61
C GLU A 107 -11.98 -1.37 3.59
N ALA A 108 -12.22 -1.07 2.30
CA ALA A 108 -12.01 -2.02 1.20
C ALA A 108 -10.55 -2.42 1.11
N ASP A 109 -9.74 -1.40 0.87
CA ASP A 109 -8.31 -1.55 0.57
C ASP A 109 -7.49 -1.49 1.86
N GLY A 110 -8.08 -2.05 2.93
CA GLY A 110 -7.40 -2.33 4.19
C GLY A 110 -7.72 -3.73 4.69
N ASN A 111 -8.90 -4.25 4.32
CA ASN A 111 -9.43 -5.52 4.88
C ASN A 111 -9.05 -6.74 4.03
N LYS A 112 -9.03 -6.58 2.70
CA LYS A 112 -8.82 -7.71 1.75
C LYS A 112 -7.33 -7.83 1.38
N THR A 113 -7.01 -8.77 0.46
CA THR A 113 -5.62 -9.04 0.05
C THR A 113 -5.07 -7.90 -0.83
N MET A 114 -3.76 -7.68 -0.75
CA MET A 114 -3.11 -6.57 -1.46
C MET A 114 -2.85 -6.91 -2.93
N ILE A 115 -3.23 -8.13 -3.37
CA ILE A 115 -3.12 -8.54 -4.78
C ILE A 115 -4.15 -7.80 -5.64
N GLU A 116 -5.29 -7.50 -5.03
CA GLU A 116 -6.43 -6.85 -5.70
C GLU A 116 -6.06 -5.39 -6.05
N LEU A 117 -5.10 -4.87 -5.28
CA LEU A 117 -4.53 -3.54 -5.42
C LEU A 117 -3.31 -3.52 -6.35
N SER A 118 -2.38 -4.45 -6.14
CA SER A 118 -1.10 -4.49 -6.86
C SER A 118 -1.31 -4.89 -8.32
N ASP A 119 -2.29 -5.80 -8.56
CA ASP A 119 -2.60 -6.37 -9.90
C ASP A 119 -1.43 -7.28 -10.37
N ASN A 120 -0.76 -7.92 -9.36
CA ASN A 120 0.46 -8.77 -9.54
C ASN A 120 1.71 -7.94 -9.89
N GLU A 121 1.59 -6.60 -9.79
CA GLU A 121 2.67 -5.68 -10.14
C GLU A 121 3.71 -5.60 -9.01
N ASN A 122 5.00 -5.69 -9.38
CA ASN A 122 6.12 -5.67 -8.43
C ASN A 122 7.40 -5.10 -9.12
N PRO A 123 8.11 -4.09 -8.51
CA PRO A 123 7.69 -3.40 -7.27
C PRO A 123 6.53 -2.39 -7.53
N TRP A 124 5.42 -2.56 -6.79
CA TRP A 124 4.22 -1.73 -6.93
C TRP A 124 4.48 -0.36 -6.27
N THR A 125 4.60 0.68 -7.11
CA THR A 125 4.97 2.03 -6.69
C THR A 125 3.77 2.76 -6.04
N ILE A 126 3.92 3.17 -4.77
CA ILE A 126 2.85 3.84 -4.04
C ILE A 126 3.44 4.92 -3.10
N PHE A 127 2.60 5.90 -2.73
CA PHE A 127 2.96 6.97 -1.77
C PHE A 127 2.24 6.68 -0.45
N LEU A 128 2.92 6.92 0.68
CA LEU A 128 2.32 6.79 2.02
C LEU A 128 1.69 8.16 2.40
N GLU A 129 0.47 8.09 2.92
CA GLU A 129 -0.29 9.24 3.42
C GLU A 129 -0.58 9.04 4.92
N THR A 130 -0.47 10.13 5.70
CA THR A 130 -0.83 10.12 7.12
C THR A 130 -2.29 10.63 7.26
N PRO A 3 -21.73 5.42 0.03
CA PRO A 3 -21.38 4.39 1.04
C PRO A 3 -21.17 2.99 0.41
N GLN A 4 -22.02 2.64 -0.59
CA GLN A 4 -22.05 1.28 -1.18
C GLN A 4 -20.76 0.95 -1.95
N GLN A 5 -20.11 1.99 -2.50
CA GLN A 5 -18.90 1.88 -3.34
C GLN A 5 -17.72 1.21 -2.60
N LEU A 6 -17.70 1.35 -1.26
CA LEU A 6 -16.65 0.78 -0.39
C LEU A 6 -16.61 -0.76 -0.51
N VAL A 7 -17.79 -1.39 -0.34
CA VAL A 7 -17.91 -2.85 -0.47
C VAL A 7 -18.02 -3.26 -1.94
N GLU A 8 -18.54 -2.36 -2.80
CA GLU A 8 -18.79 -2.64 -4.23
C GLU A 8 -17.48 -2.88 -4.99
N ARG A 9 -16.49 -1.99 -4.75
CA ARG A 9 -15.15 -2.13 -5.33
C ARG A 9 -14.46 -3.38 -4.73
N LEU A 10 -14.72 -3.61 -3.42
CA LEU A 10 -14.16 -4.75 -2.67
C LEU A 10 -14.63 -6.07 -3.32
N GLN A 11 -15.91 -6.12 -3.75
CA GLN A 11 -16.53 -7.31 -4.39
C GLN A 11 -15.95 -7.52 -5.80
N GLU A 12 -15.92 -6.41 -6.57
CA GLU A 12 -15.38 -6.35 -7.94
C GLU A 12 -13.91 -6.80 -7.99
N GLU A 13 -13.18 -6.56 -6.90
CA GLU A 13 -11.78 -6.95 -6.78
C GLU A 13 -11.65 -8.39 -6.23
N LYS A 14 -12.47 -8.75 -5.20
CA LYS A 14 -12.29 -10.01 -4.41
C LYS A 14 -12.62 -11.27 -5.22
N ARG A 15 -13.38 -11.12 -6.31
CA ARG A 15 -13.73 -12.26 -7.20
C ARG A 15 -12.49 -13.00 -7.80
N ILE A 16 -11.25 -12.43 -7.64
CA ILE A 16 -9.98 -13.11 -8.06
C ILE A 16 -9.65 -14.34 -7.16
N GLU A 17 -10.47 -14.59 -6.10
CA GLU A 17 -10.28 -15.71 -5.15
C GLU A 17 -10.19 -17.09 -5.81
N ALA A 18 -10.59 -17.21 -7.09
CA ALA A 18 -10.35 -18.44 -7.88
C ALA A 18 -8.83 -18.76 -7.93
N GLN A 19 -8.02 -17.71 -8.16
CA GLN A 19 -6.55 -17.80 -8.17
C GLN A 19 -5.97 -17.66 -6.75
N LYS A 20 -6.48 -16.67 -6.00
CA LYS A 20 -6.01 -16.33 -4.64
C LYS A 20 -6.11 -17.52 -3.65
N ARG A 21 -7.15 -18.38 -3.77
CA ARG A 21 -7.33 -19.54 -2.86
C ARG A 21 -6.33 -20.68 -3.17
N LYS A 22 -5.62 -20.60 -4.31
CA LYS A 22 -4.50 -21.50 -4.62
C LYS A 22 -3.18 -20.80 -4.26
N GLU A 23 -3.07 -20.38 -2.99
CA GLU A 23 -1.92 -19.63 -2.48
C GLU A 23 -1.08 -20.50 -1.54
N ARG A 24 -0.10 -19.87 -0.89
CA ARG A 24 0.60 -20.43 0.26
C ARG A 24 0.98 -19.25 1.17
N GLN A 25 0.73 -19.41 2.50
CA GLN A 25 0.90 -18.33 3.51
C GLN A 25 2.29 -17.65 3.41
N GLU A 26 3.32 -18.48 3.26
CA GLU A 26 4.69 -18.01 2.99
C GLU A 26 5.22 -18.74 1.72
N ALA A 27 5.32 -17.98 0.61
CA ALA A 27 5.82 -18.49 -0.68
C ALA A 27 6.42 -17.31 -1.48
N HIS A 28 6.66 -17.48 -2.79
CA HIS A 28 7.32 -16.44 -3.64
C HIS A 28 6.39 -15.24 -3.95
N LEU A 29 5.24 -15.13 -3.24
CA LEU A 29 4.28 -14.01 -3.39
C LEU A 29 4.74 -12.76 -2.57
N TYR A 30 6.01 -12.77 -2.14
CA TYR A 30 6.74 -11.69 -1.40
C TYR A 30 6.88 -10.32 -2.13
N MET A 31 5.95 -9.95 -3.03
CA MET A 31 6.01 -8.72 -3.89
C MET A 31 6.62 -7.49 -3.18
N GLN A 32 7.53 -6.82 -3.87
CA GLN A 32 8.23 -5.66 -3.34
C GLN A 32 7.35 -4.45 -3.60
N VAL A 33 6.90 -3.78 -2.55
CA VAL A 33 6.10 -2.57 -2.68
C VAL A 33 6.99 -1.35 -2.42
N GLN A 34 7.03 -0.47 -3.42
CA GLN A 34 7.79 0.77 -3.41
C GLN A 34 7.00 1.83 -2.65
N ILE A 35 7.56 2.30 -1.52
CA ILE A 35 6.92 3.30 -0.66
C ILE A 35 7.84 4.52 -0.52
N VAL A 36 7.26 5.73 -0.51
CA VAL A 36 7.96 6.97 -0.15
C VAL A 36 7.11 7.80 0.82
N ALA A 37 7.67 8.03 2.01
CA ALA A 37 7.17 9.03 2.97
C ALA A 37 7.95 10.33 2.75
N GLU A 38 7.48 11.43 3.37
CA GLU A 38 8.17 12.73 3.32
C GLU A 38 7.88 13.53 4.60
N ASP A 39 8.95 14.16 5.14
CA ASP A 39 8.90 15.07 6.33
C ASP A 39 7.78 16.14 6.23
N GLN A 40 7.43 16.50 4.97
CA GLN A 40 6.32 17.42 4.65
C GLN A 40 5.01 16.96 5.32
N PHE A 41 4.74 15.66 5.24
CA PHE A 41 3.60 15.00 5.88
C PHE A 41 3.93 14.68 7.36
N CYS A 42 5.00 13.89 7.57
CA CYS A 42 5.47 13.49 8.91
C CYS A 42 7.00 13.56 8.96
N GLY A 43 7.53 14.53 9.71
CA GLY A 43 8.96 14.62 10.00
C GLY A 43 9.27 13.85 11.26
N HIS A 44 9.05 14.51 12.43
CA HIS A 44 9.15 13.92 13.79
C HIS A 44 10.44 13.12 14.05
N GLN A 45 11.50 13.35 13.25
CA GLN A 45 12.72 12.52 13.30
C GLN A 45 13.85 13.24 14.05
N GLY A 46 14.02 14.56 13.80
CA GLY A 46 14.99 15.38 14.53
C GLY A 46 16.43 15.21 13.99
N ASN A 47 16.96 13.99 14.06
CA ASN A 47 18.28 13.63 13.50
C ASN A 47 18.23 13.73 11.96
N ASP A 48 19.03 14.66 11.39
CA ASP A 48 19.16 14.82 9.94
C ASP A 48 20.32 13.94 9.43
N MET A 49 20.02 12.62 9.29
CA MET A 49 20.99 11.57 8.91
C MET A 49 20.25 10.23 8.67
N TYR A 50 20.32 9.72 7.41
CA TYR A 50 19.54 8.55 6.91
C TYR A 50 18.07 8.71 7.36
N ASP A 51 17.44 9.73 6.81
CA ASP A 51 16.10 10.16 7.20
C ASP A 51 15.08 9.18 6.66
N GLU A 52 14.51 8.36 7.55
CA GLU A 52 13.56 7.29 7.17
C GLU A 52 12.20 7.86 6.73
N GLU A 53 11.97 9.13 7.07
CA GLU A 53 10.81 9.89 6.59
C GLU A 53 11.12 10.54 5.24
N LYS A 54 12.36 10.46 4.77
CA LYS A 54 12.83 11.12 3.52
C LYS A 54 13.69 10.19 2.67
N VAL A 55 13.71 8.90 3.01
CA VAL A 55 14.38 7.87 2.19
C VAL A 55 13.65 7.74 0.84
N LYS A 56 14.39 7.23 -0.15
CA LYS A 56 13.88 7.02 -1.51
C LYS A 56 12.97 5.77 -1.52
N TYR A 57 12.58 5.31 -2.72
CA TYR A 57 11.63 4.18 -2.86
C TYR A 57 12.12 2.91 -2.14
N THR A 58 11.58 2.74 -0.91
CA THR A 58 11.89 1.63 -0.02
C THR A 58 11.16 0.36 -0.48
N VAL A 59 11.83 -0.78 -0.27
CA VAL A 59 11.41 -2.09 -0.79
C VAL A 59 10.87 -2.95 0.36
N PHE A 60 9.53 -3.04 0.48
CA PHE A 60 8.89 -3.92 1.48
C PHE A 60 8.35 -5.16 0.79
N LYS A 61 9.15 -6.23 0.83
CA LYS A 61 8.78 -7.52 0.24
C LYS A 61 7.73 -8.21 1.14
N VAL A 62 6.47 -8.20 0.66
CA VAL A 62 5.28 -8.63 1.41
C VAL A 62 4.41 -9.54 0.55
N LEU A 63 3.63 -10.42 1.20
CA LEU A 63 2.76 -11.37 0.51
C LEU A 63 1.55 -10.65 -0.12
N LYS A 64 1.43 -10.73 -1.47
CA LYS A 64 0.29 -10.15 -2.24
C LYS A 64 -1.03 -10.86 -1.92
N ASN A 65 -0.90 -12.15 -1.61
CA ASN A 65 -2.01 -13.02 -1.16
C ASN A 65 -2.39 -12.76 0.32
N SER A 66 -1.60 -11.94 1.02
CA SER A 66 -1.91 -11.48 2.38
C SER A 66 -2.78 -10.20 2.31
N SER A 67 -3.47 -9.89 3.42
CA SER A 67 -4.34 -8.71 3.52
C SER A 67 -3.50 -7.42 3.55
N LEU A 68 -4.12 -6.30 3.12
CA LEU A 68 -3.47 -4.97 3.10
C LEU A 68 -3.18 -4.52 4.55
N ALA A 69 -4.07 -4.94 5.50
CA ALA A 69 -3.93 -4.66 6.95
C ALA A 69 -2.61 -5.19 7.53
N GLU A 70 -2.12 -6.31 6.98
CA GLU A 70 -0.82 -6.89 7.34
C GLU A 70 0.33 -5.96 6.90
N PHE A 71 0.19 -5.37 5.71
CA PHE A 71 1.17 -4.40 5.21
C PHE A 71 1.08 -3.06 6.00
N VAL A 72 -0.15 -2.67 6.40
CA VAL A 72 -0.42 -1.43 7.14
C VAL A 72 0.31 -1.44 8.50
N GLN A 73 0.14 -2.54 9.25
CA GLN A 73 0.76 -2.70 10.59
C GLN A 73 2.30 -2.78 10.47
N SER A 74 2.79 -3.39 9.36
CA SER A 74 4.23 -3.43 9.03
C SER A 74 4.77 -1.99 8.84
N LEU A 75 4.04 -1.21 8.03
CA LEU A 75 4.41 0.15 7.64
C LEU A 75 4.33 1.11 8.86
N SER A 76 3.40 0.79 9.76
CA SER A 76 3.15 1.55 10.99
C SER A 76 4.34 1.45 11.95
N GLN A 77 4.91 0.25 12.06
CA GLN A 77 6.00 -0.02 13.00
C GLN A 77 7.39 0.31 12.39
N THR A 78 7.47 0.48 11.06
CA THR A 78 8.74 0.80 10.38
C THR A 78 8.92 2.33 10.17
N MET A 79 7.82 3.11 10.17
CA MET A 79 7.90 4.60 9.93
C MET A 79 7.26 5.40 11.08
N GLY A 80 6.31 4.77 11.80
CA GLY A 80 5.64 5.43 12.93
C GLY A 80 4.31 6.08 12.55
N PHE A 81 3.88 5.88 11.29
CA PHE A 81 2.55 6.34 10.81
C PHE A 81 1.46 5.51 11.49
N PRO A 82 0.36 6.14 12.03
CA PRO A 82 -0.72 5.38 12.70
C PRO A 82 -1.40 4.40 11.73
N GLN A 83 -1.42 3.10 12.10
CA GLN A 83 -1.98 2.03 11.24
C GLN A 83 -3.48 2.23 10.98
N ASP A 84 -4.15 2.85 11.94
CA ASP A 84 -5.57 3.24 11.83
C ASP A 84 -5.83 4.19 10.62
N GLN A 85 -4.79 4.97 10.26
CA GLN A 85 -4.91 6.09 9.31
C GLN A 85 -3.86 6.01 8.15
N ILE A 86 -3.15 4.86 7.97
CA ILE A 86 -2.20 4.69 6.85
C ILE A 86 -2.97 4.64 5.51
N ARG A 87 -2.77 5.69 4.67
CA ARG A 87 -3.41 5.83 3.35
C ARG A 87 -2.37 5.60 2.26
N LEU A 88 -2.62 4.62 1.41
CA LEU A 88 -1.76 4.30 0.27
C LEU A 88 -2.31 5.01 -0.96
N TRP A 89 -1.42 5.60 -1.76
CA TRP A 89 -1.76 6.24 -3.05
C TRP A 89 -0.99 5.48 -4.14
N PRO A 90 -1.65 4.85 -5.15
CA PRO A 90 -0.92 4.18 -6.24
C PRO A 90 -0.20 5.21 -7.13
N MET A 91 0.75 4.73 -7.94
CA MET A 91 1.55 5.59 -8.83
C MET A 91 0.65 6.44 -9.72
N GLN A 92 1.08 7.68 -9.98
CA GLN A 92 0.29 8.64 -10.73
C GLN A 92 1.21 9.48 -11.61
N ALA A 93 1.00 9.42 -12.93
CA ALA A 93 1.64 10.32 -13.89
C ALA A 93 0.95 11.69 -13.77
N ARG A 94 1.49 12.53 -12.88
CA ARG A 94 0.93 13.85 -12.53
C ARG A 94 0.90 14.82 -13.75
N SER A 95 1.72 14.52 -14.78
CA SER A 95 1.66 15.22 -16.07
C SER A 95 1.16 14.26 -17.17
N ASN A 96 -0.15 13.92 -17.10
CA ASN A 96 -0.83 13.03 -18.06
C ASN A 96 -2.27 13.53 -18.31
N GLY A 97 -2.79 13.27 -19.53
CA GLY A 97 -4.12 13.72 -19.94
C GLY A 97 -5.26 13.11 -19.13
N THR A 98 -5.35 11.77 -19.17
CA THR A 98 -6.41 11.02 -18.46
C THR A 98 -5.84 10.39 -17.18
N LYS A 99 -6.03 11.07 -16.04
CA LYS A 99 -5.58 10.56 -14.72
C LYS A 99 -6.32 11.29 -13.58
N ARG A 100 -6.24 10.70 -12.37
CA ARG A 100 -6.85 11.26 -11.15
C ARG A 100 -6.11 10.68 -9.90
N PRO A 101 -5.26 11.50 -9.19
CA PRO A 101 -4.58 11.03 -7.96
C PRO A 101 -5.56 10.88 -6.79
N ALA A 102 -5.62 9.67 -6.23
CA ALA A 102 -6.50 9.32 -5.12
C ALA A 102 -5.87 8.20 -4.28
N MET A 103 -6.37 8.04 -3.05
CA MET A 103 -5.94 6.97 -2.14
C MET A 103 -6.76 5.70 -2.41
N LEU A 104 -6.37 4.59 -1.77
CA LEU A 104 -7.20 3.38 -1.71
C LEU A 104 -8.24 3.54 -0.59
N ASP A 105 -9.44 3.00 -0.85
CA ASP A 105 -10.52 2.97 0.15
C ASP A 105 -10.09 2.07 1.32
N ASN A 106 -9.68 2.69 2.44
CA ASN A 106 -9.10 1.99 3.61
C ASN A 106 -10.13 1.05 4.28
N GLU A 107 -11.41 1.38 4.06
CA GLU A 107 -12.56 0.56 4.48
C GLU A 107 -12.60 -0.77 3.69
N ALA A 108 -12.12 -0.74 2.45
CA ALA A 108 -12.06 -1.92 1.57
C ALA A 108 -10.75 -2.70 1.77
N ASP A 109 -9.61 -2.00 1.62
CA ASP A 109 -8.29 -2.63 1.46
C ASP A 109 -7.85 -3.43 2.71
N GLY A 110 -8.04 -2.83 3.89
CA GLY A 110 -7.67 -3.46 5.16
C GLY A 110 -8.49 -4.70 5.53
N ASN A 111 -9.51 -5.00 4.72
CA ASN A 111 -10.46 -6.09 4.98
C ASN A 111 -10.35 -7.20 3.91
N LYS A 112 -9.46 -6.98 2.91
CA LYS A 112 -9.15 -8.00 1.88
C LYS A 112 -7.67 -7.95 1.50
N THR A 113 -7.29 -8.73 0.46
CA THR A 113 -5.88 -8.92 0.06
C THR A 113 -5.37 -7.77 -0.81
N MET A 114 -4.03 -7.59 -0.81
CA MET A 114 -3.38 -6.50 -1.57
C MET A 114 -3.13 -6.88 -3.03
N ILE A 115 -3.44 -8.15 -3.40
CA ILE A 115 -3.39 -8.62 -4.81
C ILE A 115 -4.44 -7.88 -5.65
N GLU A 116 -5.53 -7.53 -4.98
CA GLU A 116 -6.72 -6.92 -5.59
C GLU A 116 -6.41 -5.48 -6.04
N LEU A 117 -5.56 -4.82 -5.25
CA LEU A 117 -5.19 -3.41 -5.44
C LEU A 117 -3.99 -3.30 -6.42
N SER A 118 -2.97 -4.14 -6.17
CA SER A 118 -1.74 -4.16 -6.99
C SER A 118 -2.04 -4.67 -8.40
N ASP A 119 -3.00 -5.61 -8.49
CA ASP A 119 -3.36 -6.33 -9.72
C ASP A 119 -2.11 -7.11 -10.22
N ASN A 120 -1.54 -7.89 -9.28
CA ASN A 120 -0.39 -8.82 -9.51
C ASN A 120 0.96 -8.10 -9.72
N GLU A 121 0.98 -6.75 -9.76
CA GLU A 121 2.20 -6.01 -10.17
C GLU A 121 3.23 -5.90 -9.02
N ASN A 122 4.51 -5.88 -9.43
CA ASN A 122 5.67 -5.69 -8.54
C ASN A 122 6.89 -5.24 -9.37
N PRO A 123 7.75 -4.28 -8.88
CA PRO A 123 7.55 -3.54 -7.61
C PRO A 123 6.45 -2.45 -7.71
N TRP A 124 5.48 -2.51 -6.77
CA TRP A 124 4.27 -1.67 -6.79
C TRP A 124 4.58 -0.27 -6.24
N THR A 125 4.58 0.74 -7.14
CA THR A 125 4.93 2.12 -6.80
C THR A 125 3.76 2.82 -6.08
N ILE A 126 4.01 3.28 -4.84
CA ILE A 126 2.99 3.88 -3.96
C ILE A 126 3.62 5.04 -3.13
N PHE A 127 2.77 6.02 -2.77
CA PHE A 127 3.11 7.14 -1.88
C PHE A 127 2.41 6.92 -0.53
N LEU A 128 3.10 7.20 0.59
CA LEU A 128 2.55 7.07 1.94
C LEU A 128 1.90 8.41 2.36
N GLU A 129 0.64 8.33 2.83
CA GLU A 129 -0.12 9.49 3.33
C GLU A 129 -0.61 9.20 4.77
N THR A 130 -0.70 10.26 5.58
CA THR A 130 -1.12 10.16 6.99
C THR A 130 -2.56 10.70 7.13
N PRO A 3 -21.73 4.47 0.67
CA PRO A 3 -21.02 3.43 1.47
C PRO A 3 -20.91 2.08 0.72
N GLN A 4 -21.86 1.81 -0.20
CA GLN A 4 -21.98 0.50 -0.91
C GLN A 4 -20.86 0.34 -1.97
N GLN A 5 -20.40 1.47 -2.53
CA GLN A 5 -19.36 1.48 -3.59
C GLN A 5 -18.01 0.94 -3.09
N LEU A 6 -17.77 1.12 -1.78
CA LEU A 6 -16.54 0.67 -1.10
C LEU A 6 -16.49 -0.87 -1.07
N VAL A 7 -17.61 -1.49 -0.66
CA VAL A 7 -17.71 -2.95 -0.48
C VAL A 7 -17.94 -3.66 -1.83
N GLU A 8 -18.51 -2.91 -2.81
CA GLU A 8 -18.74 -3.42 -4.17
C GLU A 8 -17.39 -3.67 -4.85
N ARG A 9 -16.55 -2.61 -4.98
CA ARG A 9 -15.21 -2.69 -5.65
C ARG A 9 -14.31 -3.69 -4.91
N LEU A 10 -14.54 -3.78 -3.58
CA LEU A 10 -13.86 -4.71 -2.68
C LEU A 10 -13.97 -6.12 -3.26
N GLN A 11 -15.23 -6.57 -3.45
CA GLN A 11 -15.58 -7.93 -3.89
C GLN A 11 -15.38 -8.13 -5.42
N GLU A 12 -15.52 -7.03 -6.19
CA GLU A 12 -15.33 -7.03 -7.67
C GLU A 12 -13.88 -7.42 -8.02
N GLU A 13 -12.94 -7.03 -7.16
CA GLU A 13 -11.53 -7.43 -7.26
C GLU A 13 -11.31 -8.76 -6.49
N LYS A 14 -11.86 -8.81 -5.25
CA LYS A 14 -11.64 -9.89 -4.22
C LYS A 14 -11.71 -11.31 -4.78
N ARG A 15 -12.67 -11.52 -5.68
CA ARG A 15 -12.98 -12.83 -6.27
C ARG A 15 -11.76 -13.62 -6.86
N ILE A 16 -10.63 -12.90 -7.17
CA ILE A 16 -9.41 -13.55 -7.74
C ILE A 16 -8.72 -14.48 -6.71
N GLU A 17 -9.12 -14.37 -5.43
CA GLU A 17 -8.63 -15.18 -4.30
C GLU A 17 -8.75 -16.70 -4.56
N ALA A 18 -9.75 -17.07 -5.38
CA ALA A 18 -9.99 -18.47 -5.80
C ALA A 18 -8.78 -19.07 -6.54
N GLN A 19 -8.03 -18.20 -7.23
CA GLN A 19 -6.86 -18.58 -8.05
C GLN A 19 -5.53 -18.10 -7.38
N LYS A 20 -5.60 -16.96 -6.68
CA LYS A 20 -4.43 -16.26 -6.12
C LYS A 20 -4.09 -16.75 -4.70
N ARG A 21 -5.11 -16.66 -3.82
CA ARG A 21 -4.98 -16.86 -2.36
C ARG A 21 -5.10 -18.35 -1.96
N LYS A 22 -5.02 -19.26 -2.97
CA LYS A 22 -5.12 -20.74 -2.77
C LYS A 22 -4.28 -21.25 -1.59
N GLU A 23 -3.09 -20.66 -1.41
CA GLU A 23 -2.18 -20.99 -0.29
C GLU A 23 -2.18 -19.83 0.72
N ARG A 24 -1.56 -20.05 1.90
CA ARG A 24 -1.66 -19.14 3.06
C ARG A 24 -0.43 -19.27 3.99
N GLN A 25 0.77 -19.15 3.40
CA GLN A 25 2.05 -19.33 4.13
C GLN A 25 3.15 -18.45 3.50
N GLU A 26 4.22 -18.20 4.28
CA GLU A 26 5.40 -17.43 3.83
C GLU A 26 6.11 -18.21 2.70
N ALA A 27 6.05 -17.64 1.49
CA ALA A 27 6.43 -18.36 0.25
C ALA A 27 6.94 -17.37 -0.83
N HIS A 28 6.83 -17.74 -2.12
CA HIS A 28 7.26 -16.88 -3.26
C HIS A 28 6.25 -15.72 -3.53
N LEU A 29 5.23 -15.60 -2.65
CA LEU A 29 4.22 -14.54 -2.69
C LEU A 29 4.75 -13.25 -1.99
N TYR A 30 6.08 -13.18 -1.78
CA TYR A 30 6.83 -12.05 -1.15
C TYR A 30 6.82 -10.71 -1.92
N MET A 31 5.75 -10.43 -2.71
CA MET A 31 5.57 -9.19 -3.53
C MET A 31 6.29 -7.96 -2.95
N GLN A 32 7.21 -7.41 -3.75
CA GLN A 32 7.94 -6.22 -3.36
C GLN A 32 7.10 -5.00 -3.72
N VAL A 33 7.15 -3.99 -2.84
CA VAL A 33 6.34 -2.78 -2.95
C VAL A 33 7.23 -1.56 -2.66
N GLN A 34 7.24 -0.63 -3.61
CA GLN A 34 8.00 0.62 -3.53
C GLN A 34 7.20 1.64 -2.72
N ILE A 35 7.76 2.04 -1.57
CA ILE A 35 7.09 2.99 -0.66
C ILE A 35 7.98 4.23 -0.50
N VAL A 36 7.37 5.40 -0.59
CA VAL A 36 7.98 6.67 -0.17
C VAL A 36 6.98 7.43 0.70
N ALA A 37 7.48 8.00 1.80
CA ALA A 37 6.70 8.83 2.73
C ALA A 37 7.47 10.12 2.99
N GLU A 38 7.04 11.24 2.36
CA GLU A 38 7.69 12.54 2.53
C GLU A 38 7.30 13.11 3.90
N ASP A 39 8.08 12.73 4.92
CA ASP A 39 7.97 13.24 6.29
C ASP A 39 8.87 14.50 6.47
N GLN A 40 9.55 14.89 5.37
CA GLN A 40 10.55 15.98 5.36
C GLN A 40 9.96 17.36 5.72
N PHE A 41 8.91 17.75 4.96
CA PHE A 41 8.23 19.06 5.15
C PHE A 41 7.49 19.11 6.51
N CYS A 42 7.19 17.92 7.05
CA CYS A 42 6.54 17.74 8.35
C CYS A 42 7.53 17.96 9.51
N GLY A 43 8.83 17.66 9.26
CA GLY A 43 9.89 17.76 10.29
C GLY A 43 11.02 18.71 9.90
N HIS A 44 12.27 18.25 10.07
CA HIS A 44 13.50 19.06 9.84
C HIS A 44 14.61 18.12 9.38
N GLN A 45 15.23 18.45 8.23
CA GLN A 45 16.30 17.63 7.60
C GLN A 45 17.43 17.25 8.58
N GLY A 46 17.88 15.98 8.49
CA GLY A 46 18.96 15.47 9.33
C GLY A 46 20.29 16.15 9.02
N ASN A 47 20.75 16.00 7.75
CA ASN A 47 21.94 16.68 7.22
C ASN A 47 21.65 17.19 5.79
N ASP A 48 21.98 16.36 4.77
CA ASP A 48 21.81 16.67 3.33
C ASP A 48 22.37 15.48 2.51
N MET A 49 22.25 14.26 3.06
CA MET A 49 22.93 13.08 2.51
C MET A 49 22.04 11.82 2.66
N TYR A 50 21.67 11.47 3.91
CA TYR A 50 20.75 10.34 4.19
C TYR A 50 19.69 10.81 5.18
N ASP A 51 18.69 11.51 4.64
CA ASP A 51 17.57 12.10 5.38
C ASP A 51 16.38 11.12 5.33
N GLU A 52 16.20 10.35 6.42
CA GLU A 52 15.22 9.23 6.47
C GLU A 52 13.75 9.71 6.31
N GLU A 53 13.55 11.02 6.47
CA GLU A 53 12.26 11.69 6.24
C GLU A 53 11.90 11.70 4.75
N LYS A 54 12.94 11.85 3.92
CA LYS A 54 12.77 11.99 2.45
C LYS A 54 13.82 11.12 1.71
N VAL A 55 14.05 9.90 2.20
CA VAL A 55 14.86 8.90 1.46
C VAL A 55 14.09 8.35 0.24
N LYS A 56 14.82 7.63 -0.62
CA LYS A 56 14.27 6.99 -1.84
C LYS A 56 13.29 5.82 -1.48
N TYR A 57 12.96 5.02 -2.50
CA TYR A 57 11.98 3.92 -2.38
C TYR A 57 12.47 2.81 -1.45
N THR A 58 11.76 2.68 -0.31
CA THR A 58 11.93 1.58 0.61
C THR A 58 11.08 0.40 0.12
N VAL A 59 11.72 -0.74 -0.14
CA VAL A 59 11.10 -1.88 -0.80
C VAL A 59 10.81 -2.99 0.23
N PHE A 60 9.51 -3.19 0.53
CA PHE A 60 9.05 -4.25 1.46
C PHE A 60 8.56 -5.46 0.68
N LYS A 61 8.92 -6.66 1.17
CA LYS A 61 8.56 -7.94 0.50
C LYS A 61 7.61 -8.70 1.42
N VAL A 62 6.33 -8.75 1.00
CA VAL A 62 5.22 -9.25 1.82
C VAL A 62 4.28 -10.13 0.97
N LEU A 63 3.47 -10.95 1.68
CA LEU A 63 2.53 -11.89 1.05
C LEU A 63 1.41 -11.09 0.34
N LYS A 64 1.40 -11.16 -1.01
CA LYS A 64 0.41 -10.51 -1.88
C LYS A 64 -1.01 -11.08 -1.68
N ASN A 65 -1.05 -12.35 -1.27
CA ASN A 65 -2.27 -13.12 -0.98
C ASN A 65 -2.75 -12.90 0.47
N SER A 66 -2.02 -12.07 1.23
CA SER A 66 -2.44 -11.62 2.57
C SER A 66 -3.15 -10.26 2.42
N SER A 67 -4.00 -9.91 3.41
CA SER A 67 -4.81 -8.68 3.39
C SER A 67 -3.93 -7.42 3.53
N LEU A 68 -4.44 -6.28 3.03
CA LEU A 68 -3.72 -4.97 3.08
C LEU A 68 -3.55 -4.53 4.55
N ALA A 69 -4.49 -4.94 5.44
CA ALA A 69 -4.43 -4.68 6.92
C ALA A 69 -3.11 -5.19 7.53
N GLU A 70 -2.65 -6.34 7.03
CA GLU A 70 -1.38 -6.95 7.46
C GLU A 70 -0.19 -6.10 7.01
N PHE A 71 -0.30 -5.55 5.78
CA PHE A 71 0.71 -4.63 5.24
C PHE A 71 0.72 -3.28 6.00
N VAL A 72 -0.48 -2.82 6.42
CA VAL A 72 -0.66 -1.53 7.14
C VAL A 72 0.07 -1.58 8.50
N GLN A 73 -0.18 -2.64 9.27
CA GLN A 73 0.37 -2.80 10.64
C GLN A 73 1.91 -2.98 10.59
N SER A 74 2.40 -3.67 9.53
CA SER A 74 3.86 -3.82 9.29
C SER A 74 4.50 -2.45 9.00
N LEU A 75 3.84 -1.69 8.10
CA LEU A 75 4.30 -0.37 7.63
C LEU A 75 4.24 0.65 8.79
N SER A 76 3.28 0.43 9.69
CA SER A 76 3.03 1.27 10.85
C SER A 76 4.19 1.21 11.84
N GLN A 77 4.66 0.00 12.13
CA GLN A 77 5.70 -0.25 13.12
C GLN A 77 7.12 -0.02 12.54
N THR A 78 7.25 -0.02 11.20
CA THR A 78 8.56 0.15 10.54
C THR A 78 8.89 1.65 10.29
N MET A 79 7.85 2.51 10.14
CA MET A 79 8.04 3.98 9.90
C MET A 79 7.58 4.82 11.10
N GLY A 80 6.66 4.28 11.90
CA GLY A 80 6.05 5.02 13.00
C GLY A 80 4.81 5.81 12.58
N PHE A 81 4.28 5.51 11.38
CA PHE A 81 3.02 6.10 10.88
C PHE A 81 1.85 5.28 11.45
N PRO A 82 0.91 5.91 12.25
CA PRO A 82 -0.23 5.19 12.88
C PRO A 82 -1.06 4.43 11.83
N GLN A 83 -1.32 3.14 12.11
CA GLN A 83 -2.04 2.21 11.21
C GLN A 83 -3.47 2.69 10.88
N ASP A 84 -4.07 3.42 11.83
CA ASP A 84 -5.40 4.05 11.66
C ASP A 84 -5.37 5.15 10.55
N GLN A 85 -4.19 5.80 10.40
CA GLN A 85 -4.01 6.95 9.48
C GLN A 85 -3.06 6.63 8.31
N ILE A 86 -2.74 5.33 8.09
CA ILE A 86 -1.95 4.92 6.90
C ILE A 86 -2.83 5.04 5.64
N ARG A 87 -2.73 6.23 5.02
CA ARG A 87 -3.46 6.59 3.82
C ARG A 87 -2.54 6.35 2.61
N LEU A 88 -2.75 5.23 1.93
CA LEU A 88 -1.91 4.83 0.80
C LEU A 88 -2.49 5.41 -0.50
N TRP A 89 -1.61 5.98 -1.34
CA TRP A 89 -1.97 6.62 -2.62
C TRP A 89 -1.22 5.91 -3.75
N PRO A 90 -1.91 5.14 -4.65
CA PRO A 90 -1.25 4.42 -5.77
C PRO A 90 -0.54 5.39 -6.74
N MET A 91 0.53 4.93 -7.41
CA MET A 91 1.26 5.72 -8.43
C MET A 91 0.32 6.07 -9.62
N GLN A 92 -0.47 7.13 -9.41
CA GLN A 92 -1.36 7.68 -10.43
C GLN A 92 -0.51 8.63 -11.28
N ALA A 93 0.14 8.04 -12.30
CA ALA A 93 1.15 8.71 -13.13
C ALA A 93 0.49 9.68 -14.14
N ARG A 94 -0.05 10.76 -13.59
CA ARG A 94 -0.67 11.88 -14.33
C ARG A 94 0.16 13.13 -14.07
N SER A 95 0.19 14.08 -15.01
CA SER A 95 0.79 15.39 -14.77
C SER A 95 -0.13 16.19 -13.81
N ASN A 96 0.49 16.95 -12.89
CA ASN A 96 -0.25 17.71 -11.86
C ASN A 96 -1.15 18.78 -12.51
N GLY A 97 -2.43 18.83 -12.09
CA GLY A 97 -3.43 19.74 -12.64
C GLY A 97 -4.29 19.13 -13.76
N THR A 98 -4.12 17.82 -14.02
CA THR A 98 -4.86 17.11 -15.08
C THR A 98 -6.04 16.32 -14.49
N LYS A 99 -5.72 15.28 -13.69
CA LYS A 99 -6.71 14.36 -13.09
C LYS A 99 -6.51 14.29 -11.58
N ARG A 100 -7.61 14.37 -10.82
CA ARG A 100 -7.60 14.15 -9.37
C ARG A 100 -7.42 12.64 -9.07
N PRO A 101 -6.32 12.23 -8.36
CA PRO A 101 -6.17 10.85 -7.87
C PRO A 101 -6.95 10.63 -6.56
N ALA A 102 -7.01 9.37 -6.13
CA ALA A 102 -7.65 8.98 -4.86
C ALA A 102 -6.77 7.95 -4.14
N MET A 103 -6.99 7.83 -2.83
CA MET A 103 -6.34 6.83 -2.00
C MET A 103 -7.11 5.49 -2.10
N LEU A 104 -6.57 4.42 -1.52
CA LEU A 104 -7.28 3.13 -1.43
C LEU A 104 -8.44 3.24 -0.42
N ASP A 105 -9.61 2.67 -0.78
CA ASP A 105 -10.81 2.69 0.08
C ASP A 105 -10.52 1.94 1.37
N ASN A 106 -10.47 2.67 2.50
CA ASN A 106 -10.03 2.14 3.82
C ASN A 106 -10.88 0.95 4.31
N GLU A 107 -12.12 0.86 3.78
CA GLU A 107 -13.01 -0.29 4.03
C GLU A 107 -12.61 -1.48 3.14
N ALA A 108 -12.35 -1.18 1.85
CA ALA A 108 -12.06 -2.20 0.83
C ALA A 108 -10.71 -2.88 1.08
N ASP A 109 -9.64 -2.07 1.09
CA ASP A 109 -8.25 -2.54 1.04
C ASP A 109 -7.92 -3.43 2.25
N GLY A 110 -8.26 -2.94 3.45
CA GLY A 110 -7.92 -3.62 4.72
C GLY A 110 -8.64 -4.94 4.93
N ASN A 111 -9.69 -5.20 4.13
CA ASN A 111 -10.55 -6.40 4.29
C ASN A 111 -10.12 -7.51 3.32
N LYS A 112 -9.53 -7.12 2.16
CA LYS A 112 -9.10 -8.09 1.12
C LYS A 112 -7.59 -7.94 0.84
N THR A 113 -7.08 -8.68 -0.16
CA THR A 113 -5.63 -8.82 -0.40
C THR A 113 -5.05 -7.60 -1.16
N MET A 114 -3.72 -7.44 -1.09
CA MET A 114 -3.01 -6.28 -1.69
C MET A 114 -2.71 -6.49 -3.19
N ILE A 115 -2.87 -7.74 -3.66
CA ILE A 115 -2.61 -8.13 -5.06
C ILE A 115 -3.63 -7.49 -6.03
N GLU A 116 -4.80 -7.18 -5.47
CA GLU A 116 -5.96 -6.63 -6.19
C GLU A 116 -5.70 -5.17 -6.58
N LEU A 117 -5.06 -4.47 -5.64
CA LEU A 117 -4.78 -3.04 -5.71
C LEU A 117 -3.57 -2.78 -6.63
N SER A 118 -2.57 -3.68 -6.55
CA SER A 118 -1.38 -3.64 -7.40
C SER A 118 -1.72 -4.04 -8.86
N ASP A 119 -2.69 -4.97 -8.98
CA ASP A 119 -3.01 -5.67 -10.24
C ASP A 119 -1.77 -6.48 -10.67
N ASN A 120 -1.16 -7.16 -9.68
CA ASN A 120 -0.05 -8.14 -9.84
C ASN A 120 1.31 -7.49 -10.19
N GLU A 121 1.38 -6.14 -10.27
CA GLU A 121 2.65 -5.46 -10.59
C GLU A 121 3.56 -5.42 -9.35
N ASN A 122 4.87 -5.56 -9.60
CA ASN A 122 5.90 -5.58 -8.55
C ASN A 122 7.27 -5.16 -9.16
N PRO A 123 8.05 -4.20 -8.52
CA PRO A 123 7.68 -3.53 -7.25
C PRO A 123 6.59 -2.43 -7.45
N TRP A 124 5.52 -2.52 -6.64
CA TRP A 124 4.34 -1.63 -6.75
C TRP A 124 4.63 -0.28 -6.08
N THR A 125 4.64 0.79 -6.88
CA THR A 125 4.93 2.14 -6.38
C THR A 125 3.70 2.75 -5.70
N ILE A 126 3.88 3.27 -4.48
CA ILE A 126 2.81 3.88 -3.69
C ILE A 126 3.41 4.97 -2.80
N PHE A 127 2.56 5.90 -2.35
CA PHE A 127 2.93 6.96 -1.41
C PHE A 127 2.22 6.69 -0.07
N LEU A 128 2.98 6.76 1.03
CA LEU A 128 2.43 6.66 2.39
C LEU A 128 2.12 8.09 2.88
N GLU A 129 0.84 8.32 3.18
CA GLU A 129 0.33 9.59 3.74
C GLU A 129 -0.17 9.34 5.17
N THR A 130 -0.11 10.38 6.02
CA THR A 130 -0.65 10.33 7.39
C THR A 130 -1.95 11.20 7.44
#